data_9K6I
#
_entry.id   9K6I
#
loop_
_entity.id
_entity.type
_entity.pdbx_description
1 polymer 'LINE-1 retrotransposable element ORF2 protein'
2 polymer 'Genomic DNA (top strand)'
3 polymer 'Genomic DNA (bottom strand)'
4 polymer 'Complementary DNA'
5 polymer 'Template RNA'
6 non-polymer 'ZINC ION'
#
loop_
_entity_poly.entity_id
_entity_poly.type
_entity_poly.pdbx_seq_one_letter_code
_entity_poly.pdbx_strand_id
1 'polypeptide(L)'
;TGSTSHITILTLNINGLNSAIKRHRLASWIKSQDPSVCCIQETHLTCRDTHRLKIKGWRKIYQANGKQKKAGVAILVSDK
TDFKPTKIKRDKEGHYIMVKGSIQQEELTILNIYAPNTGAPRFIKQVLSDLQRDLDSHTLIMGDFNTPLSTLDRSTRQKV
NKDTQELNSALHQADLIDIYRTLHPKSTEYTFFSAPHHTYSKIDHIVGSKALLSKCKRTEIITNYLSDHSAIKLELRIKN
LTQSRSTTWKLNNLLLNDYWVHNEMKAEIKMFFETNENKDTTYQNLWDAFKAVCRGKFIALNAYKRKQERSKIDTLTSQL
KELEKQEQTHSKASRRQEITKIRAELKEIETQKTLQKINESRSWFFERINKIDRPLARLIKKKREKNQIDTIKNDKGDIT
TDPTEIQTTIREYYKHLYANKLENLEEMDTFLDTYTLPRLNQEEVESLNRPITGSEIVAIINSLPTKKSPGPDGFTAEFY
QRYKEELVPFLLKLFQSIEKEGILPNSFYEASIILIPKPGRDTTKKENFRPISLMNIDAKILNKILANRIQQHIKKLIHH
DQVGFIPGMQGWFNIRKSINVIQHINRAKDKNHMIISIDAEKAFDKIQQPFMLKTLNKLGIDGTYFKIIRAIYDKPTANI
ILNGQKLEAFPLKTGTRQGCPLSPLLFNIVLEVLARAIRQEKEIKGIQLGKEEVKLSLFADDMIVYLENPIVSAQNLLKL
ISNFSKVSGYKINVQKSQAFLYTNNRQTESQIMGELPFTIASKRIKYLGIQLTRDVKDLFKENYKPLLKEIKEETNKWKN
IPCSWVGRINIVKMAILPKVIYRFNAIPIKLPMTFFTELEKTTLKFIWNQKRARIAKSILSQKNKAGGITLPDFKLYYKA
TVTKTAWYWYQNRDIDQWNRTEPSEIMPHIYNYLIFDKPEKNKQWGKDSLFNKWCWENWLAICRKLKLDPFLTPYTKINS
RWIKDLNVKPKTIKTLEENLGITIQDIGVGKDFMSKTPKAMATKDKIDKWDLIKLKSFCTAKETTIRVNRQPTTWEKIFA
TYSSDKGLISRIYNELKQIYKKKTNNPIKKWAKDMNRHFSKEDIYAAKKHMKKCSSSLAIREMQIKTTMRYHLTPVRMAI
IKKSGNNRCWRGCGEIGTLLHCWWDCKLVQPLWKSVWRFLRDLELEIPFDPAIPLLGIYPNEYKSCCYKDTCTRMFIAAL
FTIAKTWNQPKCPTMIDWIKKMWHIYTMEYYAAIKNDEFISFVGTWMKLETIILSKLSQEQKTKHRIFSLIGGN
;
A
2 'polydeoxyribonucleotide' (DA)(DA)(DA)(DA)(DA)(DA)(DA)(DA)(DA)(DA)(DA)(DA)(DC)(DC)(DC)(DC)(DC)(DC)(DC)(DC) B
3 'polydeoxyribonucleotide' (DT)(DT)(DT)(DT)(DT)(DT)(DT)(DT)(DT)(DT)(DT)(DT) C
4 'polydeoxyribonucleotide' (DA)(DA)(DA)(DA)(DA)(DA)(DA)(DA)(DA)(DA) D
5 'polyribonucleotide' UUUUUUUUUUUU F
#
loop_
_chem_comp.id
_chem_comp.type
_chem_comp.name
_chem_comp.formula
DA DNA linking 2'-DEOXYADENOSINE-5'-MONOPHOSPHATE 'C10 H14 N5 O6 P'
DC DNA linking 2'-DEOXYCYTIDINE-5'-MONOPHOSPHATE 'C9 H14 N3 O7 P'
DT DNA linking THYMIDINE-5'-MONOPHOSPHATE 'C10 H15 N2 O8 P'
U RNA linking URIDINE-5'-MONOPHOSPHATE 'C9 H13 N2 O9 P'
ZN non-polymer 'ZINC ION' 'Zn 2'
#
# COMPACT_ATOMS: atom_id res chain seq x y z
N SER A 5 -31.16 -13.77 22.26
CA SER A 5 -30.25 -12.64 22.33
C SER A 5 -29.94 -12.27 23.77
N HIS A 6 -28.65 -12.17 24.09
CA HIS A 6 -28.21 -11.84 25.44
C HIS A 6 -27.07 -10.84 25.39
N ILE A 7 -26.93 -10.09 26.47
CA ILE A 7 -25.89 -9.07 26.61
C ILE A 7 -25.02 -9.45 27.81
N THR A 8 -23.71 -9.47 27.60
CA THR A 8 -22.75 -9.83 28.64
C THR A 8 -21.96 -8.59 29.04
N ILE A 9 -21.96 -8.30 30.34
CA ILE A 9 -21.23 -7.15 30.89
C ILE A 9 -20.23 -7.70 31.90
N LEU A 10 -18.96 -7.34 31.73
CA LEU A 10 -17.88 -7.87 32.55
C LEU A 10 -17.21 -6.76 33.33
N THR A 11 -16.99 -7.01 34.62
CA THR A 11 -16.32 -6.08 35.51
C THR A 11 -14.98 -6.68 35.91
N LEU A 12 -13.97 -5.83 36.10
CA LEU A 12 -12.64 -6.31 36.45
C LEU A 12 -11.79 -5.18 37.00
N ASN A 13 -11.21 -5.41 38.18
CA ASN A 13 -10.17 -4.55 38.73
C ASN A 13 -8.82 -5.10 38.32
N ILE A 14 -7.94 -4.23 37.85
CA ILE A 14 -6.73 -4.67 37.16
C ILE A 14 -5.43 -4.13 37.78
N ASN A 15 -5.48 -3.00 38.49
CA ASN A 15 -4.34 -2.47 39.22
C ASN A 15 -3.18 -2.11 38.28
N GLY A 16 -3.48 -1.24 37.32
CA GLY A 16 -2.45 -0.68 36.47
C GLY A 16 -2.48 -1.14 35.02
N LEU A 17 -2.36 -0.19 34.10
CA LEU A 17 -2.32 -0.45 32.66
C LEU A 17 -1.12 0.24 32.03
N ASN A 18 -0.03 0.37 32.78
CA ASN A 18 1.14 1.12 32.30
C ASN A 18 2.12 0.27 31.51
N SER A 19 2.27 -1.00 31.86
CA SER A 19 3.19 -1.88 31.14
C SER A 19 2.64 -2.17 29.75
N ALA A 20 3.48 -2.01 28.73
CA ALA A 20 3.06 -2.34 27.37
C ALA A 20 2.73 -3.82 27.24
N ILE A 21 3.33 -4.66 28.09
CA ILE A 21 2.99 -6.07 28.12
C ILE A 21 1.61 -6.27 28.74
N LYS A 22 1.31 -5.49 29.79
CA LYS A 22 0.06 -5.66 30.52
C LYS A 22 -1.15 -5.31 29.67
N ARG A 23 -1.07 -4.25 28.86
CA ARG A 23 -2.21 -3.86 28.06
C ARG A 23 -2.57 -4.94 27.04
N HIS A 24 -1.57 -5.59 26.45
CA HIS A 24 -1.84 -6.69 25.54
C HIS A 24 -2.44 -7.88 26.28
N ARG A 25 -2.15 -8.01 27.57
CA ARG A 25 -2.83 -9.00 28.39
C ARG A 25 -4.32 -8.70 28.46
N LEU A 26 -4.69 -7.42 28.55
CA LEU A 26 -6.09 -7.05 28.48
C LEU A 26 -6.70 -7.38 27.12
N ALA A 27 -5.98 -7.12 26.04
CA ALA A 27 -6.53 -7.39 24.72
C ALA A 27 -6.85 -8.86 24.55
N SER A 28 -5.91 -9.73 24.93
CA SER A 28 -6.13 -11.16 24.81
C SER A 28 -7.21 -11.65 25.77
N TRP A 29 -7.22 -11.11 27.00
CA TRP A 29 -8.20 -11.56 27.98
C TRP A 29 -9.62 -11.18 27.55
N ILE A 30 -9.80 -9.91 27.19
CA ILE A 30 -11.13 -9.42 26.83
C ILE A 30 -11.63 -10.10 25.56
N LYS A 31 -10.76 -10.25 24.56
CA LYS A 31 -11.16 -10.94 23.33
C LYS A 31 -11.45 -12.41 23.59
N SER A 32 -10.80 -13.00 24.59
CA SER A 32 -11.07 -14.40 24.91
C SER A 32 -12.51 -14.59 25.38
N GLN A 33 -12.99 -13.68 26.24
CA GLN A 33 -14.38 -13.76 26.69
C GLN A 33 -15.33 -13.30 25.61
N ASP A 34 -14.92 -12.33 24.81
CA ASP A 34 -15.77 -11.67 23.82
C ASP A 34 -17.11 -11.22 24.42
N PRO A 35 -17.09 -10.32 25.39
CA PRO A 35 -18.34 -9.83 25.98
C PRO A 35 -18.88 -8.64 25.20
N SER A 36 -20.13 -8.29 25.49
CA SER A 36 -20.73 -7.12 24.87
C SER A 36 -20.15 -5.83 25.46
N VAL A 37 -20.03 -5.77 26.79
CA VAL A 37 -19.48 -4.61 27.49
C VAL A 37 -18.42 -5.09 28.46
N CYS A 38 -17.27 -4.42 28.47
CA CYS A 38 -16.20 -4.71 29.42
C CYS A 38 -15.73 -3.40 30.03
N CYS A 39 -15.64 -3.37 31.36
CA CYS A 39 -15.26 -2.16 32.09
C CYS A 39 -14.03 -2.44 32.94
N ILE A 40 -13.20 -1.41 33.09
CA ILE A 40 -11.89 -1.52 33.73
C ILE A 40 -11.82 -0.54 34.89
N GLN A 41 -11.36 -1.02 36.04
CA GLN A 41 -11.18 -0.19 37.22
C GLN A 41 -9.70 -0.16 37.62
N GLU A 42 -9.31 0.97 38.22
CA GLU A 42 -7.94 1.19 38.71
C GLU A 42 -6.93 1.02 37.57
N THR A 43 -7.04 1.94 36.61
CA THR A 43 -6.14 1.96 35.46
C THR A 43 -4.77 2.54 35.78
N HIS A 44 -4.64 3.29 36.87
CA HIS A 44 -3.38 3.89 37.29
C HIS A 44 -2.82 4.78 36.18
N LEU A 45 -3.72 5.58 35.58
CA LEU A 45 -3.39 6.41 34.42
C LEU A 45 -3.80 7.85 34.68
N THR A 46 -3.26 8.75 33.87
CA THR A 46 -3.60 10.17 33.93
C THR A 46 -4.43 10.57 32.71
N CYS A 47 -4.74 11.87 32.63
CA CYS A 47 -5.55 12.37 31.53
C CYS A 47 -4.83 12.23 30.20
N ARG A 48 -3.52 12.50 30.17
CA ARG A 48 -2.76 12.46 28.94
C ARG A 48 -2.45 11.06 28.45
N ASP A 49 -2.74 10.03 29.25
CA ASP A 49 -2.47 8.65 28.88
C ASP A 49 -3.65 7.97 28.20
N THR A 50 -4.75 8.68 27.96
CA THR A 50 -5.92 8.07 27.34
C THR A 50 -5.67 7.65 25.90
N HIS A 51 -4.71 8.28 25.22
CA HIS A 51 -4.41 7.93 23.84
C HIS A 51 -3.73 6.57 23.70
N ARG A 52 -3.26 5.99 24.80
CA ARG A 52 -2.49 4.76 24.74
C ARG A 52 -3.35 3.49 24.84
N LEU A 53 -4.57 3.59 25.37
CA LEU A 53 -5.42 2.43 25.58
C LEU A 53 -6.25 2.20 24.32
N LYS A 54 -5.73 1.38 23.42
CA LYS A 54 -6.42 1.02 22.19
C LYS A 54 -6.44 -0.50 22.06
N ILE A 55 -7.62 -1.05 21.80
CA ILE A 55 -7.83 -2.49 21.68
C ILE A 55 -8.54 -2.78 20.37
N LYS A 56 -8.02 -3.74 19.62
CA LYS A 56 -8.65 -4.14 18.37
C LYS A 56 -10.00 -4.82 18.66
N GLY A 57 -11.00 -4.46 17.87
CA GLY A 57 -12.34 -4.98 18.05
C GLY A 57 -13.18 -4.24 19.07
N TRP A 58 -12.60 -3.28 19.78
CA TRP A 58 -13.32 -2.46 20.76
C TRP A 58 -12.99 -1.00 20.45
N ARG A 59 -13.75 -0.41 19.53
CA ARG A 59 -13.50 0.96 19.10
C ARG A 59 -14.14 2.00 20.00
N LYS A 60 -15.08 1.60 20.86
CA LYS A 60 -15.79 2.52 21.74
C LYS A 60 -15.14 2.44 23.12
N ILE A 61 -14.11 3.27 23.33
CA ILE A 61 -13.38 3.33 24.58
C ILE A 61 -13.60 4.70 25.20
N TYR A 62 -14.14 4.72 26.41
CA TYR A 62 -14.40 5.96 27.15
C TYR A 62 -13.61 5.91 28.45
N GLN A 63 -12.60 6.77 28.56
CA GLN A 63 -11.68 6.76 29.68
C GLN A 63 -11.81 8.05 30.49
N ALA A 64 -11.90 7.91 31.81
CA ALA A 64 -11.90 9.03 32.74
C ALA A 64 -10.72 8.86 33.68
N ASN A 65 -9.89 9.90 33.79
CA ASN A 65 -8.68 9.83 34.59
C ASN A 65 -8.42 11.18 35.24
N GLY A 66 -7.61 11.17 36.30
CA GLY A 66 -7.24 12.36 37.02
C GLY A 66 -5.85 12.85 36.65
N LYS A 67 -5.37 13.80 37.44
CA LYS A 67 -4.05 14.38 37.21
C LYS A 67 -2.91 13.53 37.74
N GLN A 68 -3.20 12.57 38.63
CA GLN A 68 -2.18 11.71 39.21
C GLN A 68 -2.60 10.25 39.06
N LYS A 69 -1.61 9.37 39.09
CA LYS A 69 -1.84 7.93 38.95
C LYS A 69 -2.22 7.31 40.29
N LYS A 70 -3.46 7.59 40.71
CA LYS A 70 -4.04 6.98 41.89
C LYS A 70 -5.36 6.27 41.63
N ALA A 71 -6.02 6.57 40.52
CA ALA A 71 -7.29 5.96 40.18
C ALA A 71 -7.37 5.90 38.65
N GLY A 72 -8.58 5.66 38.14
CA GLY A 72 -8.78 5.60 36.70
C GLY A 72 -9.73 4.49 36.29
N VAL A 73 -10.70 4.83 35.44
CA VAL A 73 -11.71 3.87 35.00
C VAL A 73 -11.91 4.02 33.49
N ALA A 74 -12.48 2.98 32.90
CA ALA A 74 -12.76 2.98 31.47
C ALA A 74 -13.95 2.06 31.19
N ILE A 75 -14.77 2.45 30.22
CA ILE A 75 -15.90 1.66 29.78
C ILE A 75 -15.73 1.39 28.29
N LEU A 76 -15.75 0.11 27.91
CA LEU A 76 -15.49 -0.31 26.55
C LEU A 76 -16.68 -1.08 26.00
N VAL A 77 -17.01 -0.82 24.73
CA VAL A 77 -18.11 -1.49 24.04
C VAL A 77 -17.54 -2.15 22.79
N SER A 78 -17.84 -3.44 22.62
CA SER A 78 -17.32 -4.19 21.48
C SER A 78 -17.98 -3.76 20.19
N ASP A 79 -17.28 -3.99 19.08
CA ASP A 79 -17.80 -3.63 17.77
C ASP A 79 -19.00 -4.48 17.37
N LYS A 80 -19.17 -5.66 17.98
CA LYS A 80 -20.31 -6.51 17.68
C LYS A 80 -21.58 -6.07 18.42
N THR A 81 -21.47 -5.09 19.31
CA THR A 81 -22.61 -4.59 20.07
C THR A 81 -23.21 -3.38 19.36
N ASP A 82 -24.53 -3.41 19.15
CA ASP A 82 -25.24 -2.31 18.50
C ASP A 82 -25.53 -1.24 19.56
N PHE A 83 -24.49 -0.48 19.90
CA PHE A 83 -24.55 0.50 20.96
C PHE A 83 -24.61 1.91 20.38
N LYS A 84 -25.59 2.69 20.83
CA LYS A 84 -25.75 4.08 20.42
C LYS A 84 -25.60 4.99 21.63
N PRO A 85 -24.43 5.61 21.83
CA PRO A 85 -24.24 6.47 22.99
C PRO A 85 -25.18 7.68 22.95
N THR A 86 -25.67 8.07 24.13
CA THR A 86 -26.51 9.24 24.28
C THR A 86 -25.97 10.25 25.27
N LYS A 87 -25.43 9.80 26.40
CA LYS A 87 -24.89 10.69 27.41
C LYS A 87 -23.54 10.16 27.88
N ILE A 88 -22.54 11.05 27.86
CA ILE A 88 -21.18 10.70 28.31
C ILE A 88 -20.70 11.81 29.23
N LYS A 89 -20.30 11.43 30.45
CA LYS A 89 -19.75 12.36 31.42
C LYS A 89 -18.61 11.68 32.16
N ARG A 90 -17.64 12.48 32.62
CA ARG A 90 -16.45 11.97 33.27
C ARG A 90 -16.19 12.71 34.56
N ASP A 91 -15.76 11.99 35.58
CA ASP A 91 -15.34 12.60 36.84
C ASP A 91 -13.99 13.27 36.67
N LYS A 92 -13.79 14.37 37.41
CA LYS A 92 -12.55 15.13 37.29
C LYS A 92 -11.34 14.30 37.72
N GLU A 93 -11.46 13.57 38.81
CA GLU A 93 -10.36 12.75 39.31
C GLU A 93 -10.29 11.38 38.66
N GLY A 94 -11.24 11.05 37.79
CA GLY A 94 -11.25 9.75 37.15
C GLY A 94 -11.64 8.60 38.03
N HIS A 95 -12.20 8.88 39.21
CA HIS A 95 -12.61 7.81 40.12
C HIS A 95 -13.76 7.00 39.54
N TYR A 96 -14.61 7.61 38.72
CA TYR A 96 -15.75 6.91 38.16
C TYR A 96 -16.11 7.53 36.82
N ILE A 97 -16.80 6.74 36.00
CA ILE A 97 -17.30 7.18 34.71
C ILE A 97 -18.60 6.46 34.42
N MET A 98 -19.54 7.17 33.82
CA MET A 98 -20.83 6.60 33.46
C MET A 98 -21.16 6.94 32.02
N VAL A 99 -21.63 5.95 31.28
CA VAL A 99 -22.04 6.12 29.89
C VAL A 99 -23.44 5.52 29.74
N LYS A 100 -24.36 6.30 29.17
CA LYS A 100 -25.73 5.87 28.95
C LYS A 100 -25.99 5.80 27.46
N GLY A 101 -26.65 4.72 27.03
CA GLY A 101 -26.93 4.54 25.62
C GLY A 101 -27.94 3.44 25.42
N SER A 102 -28.26 3.20 24.15
CA SER A 102 -29.25 2.20 23.77
C SER A 102 -28.57 1.05 23.04
N ILE A 103 -28.80 -0.17 23.51
CA ILE A 103 -28.30 -1.39 22.88
C ILE A 103 -29.50 -2.15 22.34
N GLN A 104 -29.53 -2.35 21.02
CA GLN A 104 -30.66 -2.99 20.34
C GLN A 104 -31.98 -2.31 20.70
N GLN A 105 -31.96 -0.97 20.67
CA GLN A 105 -33.14 -0.14 20.96
C GLN A 105 -33.66 -0.38 22.38
N GLU A 106 -32.76 -0.62 23.33
CA GLU A 106 -33.12 -0.74 24.73
C GLU A 106 -32.19 0.12 25.56
N GLU A 107 -32.76 0.95 26.42
CA GLU A 107 -31.98 1.86 27.25
C GLU A 107 -31.14 1.07 28.26
N LEU A 108 -29.91 1.50 28.46
CA LEU A 108 -29.02 0.87 29.43
C LEU A 108 -27.95 1.88 29.84
N THR A 109 -27.78 2.05 31.15
CA THR A 109 -26.79 2.97 31.70
C THR A 109 -25.78 2.17 32.51
N ILE A 110 -24.50 2.45 32.30
CA ILE A 110 -23.42 1.75 32.98
C ILE A 110 -22.65 2.75 33.83
N LEU A 111 -22.59 2.49 35.12
CA LEU A 111 -21.85 3.33 36.07
C LEU A 111 -20.69 2.51 36.62
N ASN A 112 -19.49 2.76 36.10
CA ASN A 112 -18.28 2.09 36.57
C ASN A 112 -17.60 2.98 37.60
N ILE A 113 -17.48 2.48 38.82
CA ILE A 113 -16.97 3.26 39.95
C ILE A 113 -15.81 2.49 40.58
N TYR A 114 -14.70 3.19 40.79
CA TYR A 114 -13.55 2.66 41.52
C TYR A 114 -13.47 3.42 42.85
N ALA A 115 -13.91 2.78 43.92
CA ALA A 115 -13.96 3.44 45.21
C ALA A 115 -12.56 3.61 45.79
N PRO A 116 -12.36 4.60 46.66
CA PRO A 116 -11.09 4.71 47.37
C PRO A 116 -10.96 3.61 48.44
N ASN A 117 -9.72 3.36 48.83
CA ASN A 117 -9.46 2.33 49.83
C ASN A 117 -10.04 2.69 51.19
N THR A 118 -10.04 3.97 51.54
CA THR A 118 -10.56 4.45 52.82
C THR A 118 -11.79 5.30 52.59
N GLY A 119 -12.82 5.06 53.39
CA GLY A 119 -14.07 5.79 53.25
C GLY A 119 -14.81 5.47 51.96
N ALA A 120 -14.74 4.23 51.50
CA ALA A 120 -15.42 3.85 50.27
C ALA A 120 -16.93 3.99 50.34
N PRO A 121 -17.64 3.54 51.39
CA PRO A 121 -19.10 3.70 51.39
C PRO A 121 -19.56 5.15 51.31
N ARG A 122 -18.86 6.06 51.99
CA ARG A 122 -19.24 7.47 51.93
C ARG A 122 -19.04 8.02 50.52
N PHE A 123 -17.94 7.66 49.87
CA PHE A 123 -17.70 8.11 48.50
C PHE A 123 -18.77 7.56 47.56
N ILE A 124 -19.14 6.29 47.72
CA ILE A 124 -20.15 5.70 46.87
C ILE A 124 -21.51 6.38 47.09
N LYS A 125 -21.83 6.69 48.35
CA LYS A 125 -23.08 7.39 48.63
C LYS A 125 -23.08 8.78 48.02
N GLN A 126 -21.95 9.49 48.09
CA GLN A 126 -21.86 10.81 47.46
C GLN A 126 -22.01 10.71 45.94
N VAL A 127 -21.39 9.69 45.34
CA VAL A 127 -21.51 9.50 43.90
C VAL A 127 -22.96 9.22 43.52
N LEU A 128 -23.64 8.38 44.31
CA LEU A 128 -25.05 8.08 44.04
C LEU A 128 -25.91 9.33 44.17
N SER A 129 -25.64 10.16 45.18
CA SER A 129 -26.39 11.40 45.35
C SER A 129 -26.16 12.34 44.17
N ASP A 130 -24.91 12.43 43.70
CA ASP A 130 -24.61 13.30 42.57
C ASP A 130 -25.23 12.77 41.28
N LEU A 131 -25.30 11.45 41.13
CA LEU A 131 -25.80 10.82 39.91
C LEU A 131 -27.28 10.47 40.00
N GLN A 132 -27.99 11.00 41.00
CA GLN A 132 -29.40 10.65 41.19
C GLN A 132 -30.24 11.04 39.98
N ARG A 133 -29.87 12.11 39.28
CA ARG A 133 -30.62 12.51 38.10
C ARG A 133 -30.48 11.48 36.97
N ASP A 134 -29.36 10.77 36.92
CA ASP A 134 -29.13 9.78 35.87
C ASP A 134 -29.59 8.39 36.25
N LEU A 135 -29.91 8.14 37.52
CA LEU A 135 -30.37 6.83 37.94
C LEU A 135 -31.76 6.56 37.37
N ASP A 136 -31.97 5.33 36.90
CA ASP A 136 -33.26 4.93 36.34
C ASP A 136 -33.40 3.42 36.51
N SER A 137 -34.48 2.87 35.95
CA SER A 137 -34.72 1.43 36.05
C SER A 137 -33.74 0.62 35.22
N HIS A 138 -33.12 1.23 34.21
CA HIS A 138 -32.14 0.56 33.35
C HIS A 138 -30.72 0.99 33.67
N THR A 139 -30.49 1.50 34.88
CA THR A 139 -29.18 2.00 35.28
C THR A 139 -28.49 1.01 36.20
N LEU A 140 -27.23 0.70 35.89
CA LEU A 140 -26.43 -0.25 36.65
C LEU A 140 -25.30 0.50 37.34
N ILE A 141 -25.19 0.32 38.65
CA ILE A 141 -24.09 0.87 39.45
C ILE A 141 -23.22 -0.30 39.87
N MET A 142 -21.94 -0.24 39.54
CA MET A 142 -21.07 -1.39 39.67
C MET A 142 -19.61 -0.95 39.67
N GLY A 143 -18.75 -1.84 40.13
CA GLY A 143 -17.32 -1.59 40.21
C GLY A 143 -16.77 -2.09 41.52
N ASP A 144 -15.54 -1.67 41.82
CA ASP A 144 -14.88 -2.03 43.06
C ASP A 144 -15.40 -1.12 44.18
N PHE A 145 -16.17 -1.70 45.09
CA PHE A 145 -16.68 -0.96 46.24
C PHE A 145 -15.78 -1.08 47.47
N ASN A 146 -14.77 -1.94 47.43
CA ASN A 146 -13.80 -2.11 48.51
C ASN A 146 -14.47 -2.46 49.84
N THR A 147 -15.63 -3.11 49.79
CA THR A 147 -16.31 -3.52 51.01
C THR A 147 -17.34 -4.59 50.68
N PRO A 148 -17.50 -5.61 51.51
CA PRO A 148 -18.59 -6.57 51.31
C PRO A 148 -19.93 -5.94 51.65
N LEU A 149 -20.98 -6.48 51.04
CA LEU A 149 -22.32 -5.97 51.26
C LEU A 149 -23.14 -6.82 52.22
N SER A 150 -22.84 -8.12 52.33
CA SER A 150 -23.57 -9.01 53.21
C SER A 150 -22.60 -9.92 53.94
N THR A 151 -23.14 -10.67 54.91
CA THR A 151 -22.30 -11.60 55.68
C THR A 151 -21.76 -12.71 54.79
N LEU A 152 -22.55 -13.17 53.82
CA LEU A 152 -22.11 -14.21 52.90
C LEU A 152 -21.00 -13.74 51.96
N ASP A 153 -20.73 -12.44 51.91
CA ASP A 153 -19.64 -11.91 51.09
C ASP A 153 -18.28 -11.98 51.78
N ARG A 154 -18.23 -12.50 53.00
CA ARG A 154 -16.99 -12.65 53.74
C ARG A 154 -16.75 -14.11 54.07
N SER A 155 -15.50 -14.56 53.90
CA SER A 155 -15.15 -15.92 54.24
C SER A 155 -15.20 -16.18 55.74
N THR A 156 -15.15 -15.13 56.55
CA THR A 156 -15.22 -15.25 58.00
C THR A 156 -16.65 -15.17 58.53
N ARG A 157 -17.63 -14.95 57.65
CA ARG A 157 -19.03 -14.82 58.04
C ARG A 157 -19.23 -13.75 59.12
N GLN A 158 -18.57 -12.61 58.92
CA GLN A 158 -18.65 -11.49 59.84
C GLN A 158 -19.55 -10.39 59.26
N LYS A 159 -20.25 -9.70 60.16
CA LYS A 159 -21.14 -8.64 59.74
C LYS A 159 -20.36 -7.42 59.26
N VAL A 160 -21.04 -6.56 58.51
CA VAL A 160 -20.42 -5.36 57.98
C VAL A 160 -20.38 -4.28 59.05
N ASN A 161 -19.57 -3.24 58.81
CA ASN A 161 -19.40 -2.16 59.76
C ASN A 161 -20.48 -1.09 59.55
N LYS A 162 -20.38 -0.01 60.32
CA LYS A 162 -21.40 1.04 60.28
C LYS A 162 -21.40 1.76 58.93
N ASP A 163 -20.22 1.98 58.35
CA ASP A 163 -20.14 2.66 57.06
C ASP A 163 -20.85 1.84 55.98
N THR A 164 -20.64 0.52 55.98
CA THR A 164 -21.33 -0.32 55.01
C THR A 164 -22.82 -0.38 55.28
N GLN A 165 -23.24 -0.28 56.55
CA GLN A 165 -24.67 -0.19 56.85
C GLN A 165 -25.27 1.09 56.27
N GLU A 166 -24.54 2.20 56.38
CA GLU A 166 -24.99 3.46 55.77
C GLU A 166 -25.06 3.31 54.25
N LEU A 167 -24.07 2.65 53.66
CA LEU A 167 -24.08 2.43 52.21
C LEU A 167 -25.28 1.58 51.79
N ASN A 168 -25.59 0.54 52.57
CA ASN A 168 -26.74 -0.29 52.27
C ASN A 168 -28.04 0.50 52.39
N SER A 169 -28.14 1.35 53.41
CA SER A 169 -29.31 2.21 53.53
C SER A 169 -29.45 3.15 52.34
N ALA A 170 -28.33 3.72 51.90
CA ALA A 170 -28.36 4.59 50.72
C ALA A 170 -28.77 3.83 49.47
N LEU A 171 -28.28 2.59 49.32
CA LEU A 171 -28.68 1.76 48.19
C LEU A 171 -30.17 1.46 48.22
N HIS A 172 -30.71 1.15 49.41
CA HIS A 172 -32.14 0.89 49.53
C HIS A 172 -32.95 2.15 49.20
N GLN A 173 -32.45 3.32 49.63
CA GLN A 173 -33.14 4.56 49.30
C GLN A 173 -33.15 4.81 47.80
N ALA A 174 -32.04 4.51 47.12
CA ALA A 174 -31.93 4.70 45.68
C ALA A 174 -32.61 3.60 44.88
N ASP A 175 -33.41 2.75 45.52
CA ASP A 175 -34.11 1.65 44.85
C ASP A 175 -33.12 0.73 44.11
N LEU A 176 -32.06 0.36 44.81
CA LEU A 176 -31.01 -0.47 44.26
C LEU A 176 -30.89 -1.76 45.08
N ILE A 177 -30.70 -2.88 44.38
CA ILE A 177 -30.56 -4.18 44.99
C ILE A 177 -29.37 -4.89 44.39
N ASP A 178 -28.83 -5.86 45.14
CA ASP A 178 -27.67 -6.63 44.69
C ASP A 178 -28.15 -7.69 43.70
N ILE A 179 -27.80 -7.51 42.42
CA ILE A 179 -28.21 -8.47 41.40
C ILE A 179 -27.55 -9.83 41.63
N TYR A 180 -26.26 -9.83 41.97
CA TYR A 180 -25.55 -11.09 42.19
C TYR A 180 -26.16 -11.85 43.37
N ARG A 181 -26.46 -11.14 44.46
CA ARG A 181 -27.05 -11.80 45.63
C ARG A 181 -28.45 -12.31 45.32
N THR A 182 -29.24 -11.52 44.57
CA THR A 182 -30.59 -11.95 44.25
C THR A 182 -30.59 -13.19 43.36
N LEU A 183 -29.71 -13.22 42.36
CA LEU A 183 -29.66 -14.37 41.46
C LEU A 183 -29.13 -15.61 42.16
N HIS A 184 -28.14 -15.44 43.04
CA HIS A 184 -27.52 -16.54 43.77
C HIS A 184 -27.53 -16.21 45.25
N PRO A 185 -28.65 -16.47 45.94
CA PRO A 185 -28.73 -16.11 47.37
C PRO A 185 -27.70 -16.80 48.25
N LYS A 186 -27.29 -18.03 47.91
CA LYS A 186 -26.39 -18.80 48.76
C LYS A 186 -24.99 -18.90 48.17
N SER A 187 -24.64 -18.01 47.25
CA SER A 187 -23.30 -18.03 46.67
C SER A 187 -22.28 -17.51 47.69
N THR A 188 -21.09 -18.13 47.68
CA THR A 188 -20.00 -17.73 48.57
C THR A 188 -18.74 -17.37 47.80
N GLU A 189 -18.86 -17.08 46.51
CA GLU A 189 -17.69 -16.75 45.69
C GLU A 189 -17.13 -15.39 46.10
N TYR A 190 -15.81 -15.28 46.08
CA TYR A 190 -15.11 -14.06 46.47
C TYR A 190 -14.15 -13.64 45.36
N THR A 191 -13.89 -12.34 45.29
CA THR A 191 -13.03 -11.78 44.26
C THR A 191 -11.75 -11.15 44.78
N PHE A 192 -11.66 -10.88 46.08
CA PHE A 192 -10.52 -10.17 46.66
C PHE A 192 -9.91 -10.98 47.78
N PHE A 193 -8.59 -10.93 47.89
CA PHE A 193 -7.86 -11.58 48.98
C PHE A 193 -7.13 -10.52 49.79
N SER A 194 -7.38 -10.50 51.10
CA SER A 194 -6.72 -9.56 52.01
C SER A 194 -5.49 -10.25 52.58
N ALA A 195 -4.32 -9.84 52.11
CA ALA A 195 -3.08 -10.44 52.58
C ALA A 195 -2.85 -10.26 54.09
N PRO A 196 -3.01 -9.07 54.68
CA PRO A 196 -2.77 -8.95 56.13
C PRO A 196 -3.69 -9.82 56.97
N HIS A 197 -4.92 -10.09 56.54
CA HIS A 197 -5.86 -10.88 57.32
C HIS A 197 -5.93 -12.34 56.91
N HIS A 198 -5.34 -12.71 55.76
CA HIS A 198 -5.43 -14.06 55.22
C HIS A 198 -6.88 -14.51 55.06
N THR A 199 -7.73 -13.58 54.61
CA THR A 199 -9.15 -13.83 54.40
C THR A 199 -9.54 -13.44 52.98
N TYR A 200 -10.68 -13.94 52.55
CA TYR A 200 -11.22 -13.66 51.22
C TYR A 200 -12.59 -13.00 51.35
N SER A 201 -12.81 -11.96 50.56
CA SER A 201 -14.07 -11.24 50.59
C SER A 201 -14.44 -10.80 49.18
N LYS A 202 -15.72 -10.59 48.97
CA LYS A 202 -16.26 -10.12 47.69
C LYS A 202 -16.53 -8.62 47.82
N ILE A 203 -15.63 -7.80 47.29
CA ILE A 203 -15.77 -6.35 47.36
C ILE A 203 -16.27 -5.75 46.06
N ASP A 204 -16.18 -6.47 44.94
CA ASP A 204 -16.74 -6.02 43.67
C ASP A 204 -18.20 -6.44 43.60
N HIS A 205 -19.08 -5.47 43.31
CA HIS A 205 -20.51 -5.71 43.33
C HIS A 205 -21.17 -5.08 42.11
N ILE A 206 -22.32 -5.63 41.74
CA ILE A 206 -23.16 -5.08 40.68
C ILE A 206 -24.56 -4.90 41.26
N VAL A 207 -25.04 -3.66 41.28
CA VAL A 207 -26.37 -3.36 41.81
C VAL A 207 -27.13 -2.53 40.80
N GLY A 208 -28.45 -2.54 40.95
CA GLY A 208 -29.32 -1.81 40.04
C GLY A 208 -30.76 -1.91 40.48
N SER A 209 -31.63 -1.27 39.71
CA SER A 209 -33.05 -1.27 40.02
C SER A 209 -33.64 -2.67 39.88
N LYS A 210 -34.69 -2.94 40.67
CA LYS A 210 -35.33 -4.25 40.64
C LYS A 210 -36.07 -4.52 39.34
N ALA A 211 -36.31 -3.48 38.52
CA ALA A 211 -36.98 -3.70 37.25
C ALA A 211 -36.13 -4.55 36.30
N LEU A 212 -34.80 -4.43 36.41
CA LEU A 212 -33.92 -5.23 35.58
C LEU A 212 -33.93 -6.70 35.96
N LEU A 213 -34.47 -7.05 37.13
CA LEU A 213 -34.53 -8.45 37.53
C LEU A 213 -35.40 -9.26 36.58
N SER A 214 -36.40 -8.62 35.95
CA SER A 214 -37.22 -9.32 34.98
C SER A 214 -36.44 -9.75 33.76
N LYS A 215 -35.29 -9.12 33.50
CA LYS A 215 -34.45 -9.47 32.36
C LYS A 215 -33.17 -10.19 32.77
N CYS A 216 -32.81 -10.19 34.06
CA CYS A 216 -31.60 -10.87 34.49
C CYS A 216 -31.72 -12.38 34.27
N LYS A 217 -30.67 -12.96 33.70
CA LYS A 217 -30.63 -14.39 33.43
C LYS A 217 -29.71 -15.14 34.39
N ARG A 218 -28.45 -14.74 34.46
CA ARG A 218 -27.48 -15.42 35.32
C ARG A 218 -26.28 -14.50 35.52
N THR A 219 -25.43 -14.89 36.48
CA THR A 219 -24.20 -14.17 36.74
C THR A 219 -23.21 -15.14 37.38
N GLU A 220 -21.93 -14.82 37.25
CA GLU A 220 -20.88 -15.66 37.81
C GLU A 220 -19.63 -14.82 38.01
N ILE A 221 -18.71 -15.35 38.82
CA ILE A 221 -17.42 -14.72 39.07
C ILE A 221 -16.35 -15.61 38.44
N ILE A 222 -15.59 -15.06 37.50
CA ILE A 222 -14.50 -15.76 36.86
C ILE A 222 -13.19 -15.18 37.39
N THR A 223 -12.44 -15.98 38.13
CA THR A 223 -11.18 -15.52 38.68
C THR A 223 -10.19 -15.22 37.56
N ASN A 224 -9.27 -14.30 37.84
CA ASN A 224 -8.34 -13.81 36.84
C ASN A 224 -6.92 -13.87 37.37
N TYR A 225 -5.98 -14.03 36.45
CA TYR A 225 -4.55 -13.96 36.72
C TYR A 225 -3.96 -12.58 36.44
N LEU A 226 -4.74 -11.68 35.85
CA LEU A 226 -4.24 -10.34 35.52
C LEU A 226 -3.86 -9.57 36.78
N SER A 227 -4.69 -9.67 37.82
CA SER A 227 -4.42 -9.01 39.09
C SER A 227 -4.97 -9.91 40.20
N ASP A 228 -5.03 -9.36 41.41
CA ASP A 228 -5.55 -10.09 42.56
C ASP A 228 -7.07 -10.06 42.65
N HIS A 229 -7.75 -9.33 41.76
CA HIS A 229 -9.20 -9.26 41.73
C HIS A 229 -9.74 -10.27 40.73
N SER A 230 -10.97 -10.73 40.98
CA SER A 230 -11.64 -11.66 40.09
C SER A 230 -12.73 -10.95 39.30
N ALA A 231 -12.80 -11.25 38.00
CA ALA A 231 -13.79 -10.64 37.14
C ALA A 231 -15.19 -11.17 37.45
N ILE A 232 -16.19 -10.37 37.11
CA ILE A 232 -17.60 -10.75 37.29
C ILE A 232 -18.30 -10.60 35.95
N LYS A 233 -18.99 -11.67 35.54
CA LYS A 233 -19.73 -11.69 34.29
C LYS A 233 -21.23 -11.69 34.60
N LEU A 234 -21.95 -10.76 33.97
CA LEU A 234 -23.40 -10.65 34.13
C LEU A 234 -24.05 -10.80 32.77
N GLU A 235 -24.96 -11.77 32.65
CA GLU A 235 -25.65 -12.06 31.40
C GLU A 235 -27.12 -11.68 31.56
N LEU A 236 -27.60 -10.81 30.68
CA LEU A 236 -28.97 -10.31 30.72
C LEU A 236 -29.69 -10.65 29.43
N ARG A 237 -30.99 -10.94 29.56
CA ARG A 237 -31.84 -11.20 28.40
C ARG A 237 -32.30 -9.89 27.79
N ILE A 238 -32.26 -9.82 26.46
CA ILE A 238 -32.63 -8.63 25.72
C ILE A 238 -33.55 -9.05 24.58
N LYS A 239 -34.31 -8.07 24.07
CA LYS A 239 -35.19 -8.33 22.94
C LYS A 239 -34.39 -8.77 21.73
N ASN A 240 -34.96 -9.65 20.92
CA ASN A 240 -34.26 -10.26 19.78
C ASN A 240 -34.20 -9.27 18.63
N LEU A 241 -33.28 -8.31 18.76
CA LEU A 241 -32.96 -7.37 17.70
C LEU A 241 -31.50 -7.53 17.27
N THR A 242 -30.99 -8.75 17.33
CA THR A 242 -29.59 -9.00 17.05
C THR A 242 -29.27 -8.74 15.58
N GLN A 243 -28.17 -8.04 15.34
CA GLN A 243 -27.65 -7.87 13.99
C GLN A 243 -27.00 -9.17 13.54
N SER A 244 -27.31 -9.60 12.31
CA SER A 244 -26.76 -10.84 11.79
C SER A 244 -25.32 -10.62 11.33
N ARG A 245 -24.40 -10.50 12.28
CA ARG A 245 -22.99 -10.24 11.98
C ARG A 245 -22.24 -11.56 11.75
N SER A 246 -22.73 -12.30 10.75
CA SER A 246 -22.05 -13.53 10.31
C SER A 246 -20.88 -13.13 9.43
N THR A 247 -19.78 -12.78 10.09
CA THR A 247 -18.59 -12.33 9.38
C THR A 247 -18.07 -13.41 8.45
N THR A 248 -17.83 -13.05 7.19
CA THR A 248 -17.34 -14.00 6.21
C THR A 248 -15.98 -14.53 6.61
N TRP A 249 -15.81 -15.84 6.59
CA TRP A 249 -14.54 -16.45 6.93
C TRP A 249 -13.47 -16.04 5.94
N LYS A 250 -12.26 -15.78 6.45
CA LYS A 250 -11.11 -15.43 5.63
C LYS A 250 -9.91 -16.26 6.06
N LEU A 251 -9.06 -16.59 5.09
CA LEU A 251 -7.87 -17.40 5.34
C LEU A 251 -6.68 -16.46 5.53
N ASN A 252 -6.27 -16.27 6.77
CA ASN A 252 -5.12 -15.44 7.07
C ASN A 252 -3.83 -16.14 6.64
N ASN A 253 -2.83 -15.34 6.28
CA ASN A 253 -1.56 -15.90 5.82
C ASN A 253 -0.79 -16.59 6.94
N LEU A 254 -1.03 -16.18 8.19
CA LEU A 254 -0.30 -16.78 9.31
C LEU A 254 -0.61 -18.28 9.44
N LEU A 255 -1.87 -18.66 9.25
CA LEU A 255 -2.23 -20.07 9.32
C LEU A 255 -1.57 -20.87 8.21
N LEU A 256 -1.42 -20.26 7.03
CA LEU A 256 -0.85 -20.98 5.90
C LEU A 256 0.63 -21.28 6.10
N ASN A 257 1.36 -20.41 6.80
CA ASN A 257 2.80 -20.56 6.93
C ASN A 257 3.23 -21.72 7.82
N ASP A 258 2.31 -22.31 8.58
CA ASP A 258 2.67 -23.39 9.50
C ASP A 258 2.83 -24.69 8.72
N TYR A 259 3.97 -25.35 8.94
CA TYR A 259 4.32 -26.53 8.15
C TYR A 259 3.34 -27.68 8.39
N TRP A 260 2.94 -27.89 9.65
CA TRP A 260 1.99 -28.95 9.96
C TRP A 260 0.66 -28.69 9.25
N VAL A 261 0.23 -27.42 9.25
CA VAL A 261 -0.99 -27.03 8.56
C VAL A 261 -0.86 -27.32 7.08
N HIS A 262 0.30 -27.01 6.50
CA HIS A 262 0.53 -27.29 5.09
C HIS A 262 0.38 -28.79 4.79
N ASN A 263 1.02 -29.63 5.61
CA ASN A 263 0.96 -31.07 5.39
C ASN A 263 -0.47 -31.59 5.49
N GLU A 264 -1.18 -31.21 6.56
CA GLU A 264 -2.54 -31.71 6.74
C GLU A 264 -3.47 -31.17 5.66
N MET A 265 -3.28 -29.93 5.24
CA MET A 265 -4.15 -29.34 4.24
C MET A 265 -3.96 -30.01 2.88
N LYS A 266 -2.71 -30.27 2.50
CA LYS A 266 -2.46 -30.96 1.24
C LYS A 266 -2.97 -32.39 1.31
N ALA A 267 -2.84 -33.04 2.47
CA ALA A 267 -3.38 -34.38 2.62
C ALA A 267 -4.90 -34.38 2.48
N GLU A 268 -5.57 -33.39 3.07
CA GLU A 268 -7.02 -33.29 2.95
C GLU A 268 -7.44 -33.04 1.51
N ILE A 269 -6.72 -32.17 0.80
CA ILE A 269 -7.03 -31.93 -0.61
C ILE A 269 -6.90 -33.22 -1.41
N LYS A 270 -5.80 -33.95 -1.20
CA LYS A 270 -5.58 -35.20 -1.93
C LYS A 270 -6.68 -36.22 -1.61
N MET A 271 -7.02 -36.35 -0.32
CA MET A 271 -8.05 -37.32 0.06
C MET A 271 -9.40 -36.95 -0.53
N PHE A 272 -9.77 -35.68 -0.47
CA PHE A 272 -11.04 -35.26 -1.06
C PHE A 272 -11.06 -35.55 -2.54
N PHE A 273 -9.98 -35.26 -3.25
CA PHE A 273 -9.97 -35.46 -4.68
C PHE A 273 -9.81 -36.92 -5.08
N GLU A 274 -9.40 -37.78 -4.15
CA GLU A 274 -9.38 -39.22 -4.44
C GLU A 274 -10.68 -39.92 -4.10
N THR A 275 -11.47 -39.39 -3.16
CA THR A 275 -12.73 -40.06 -2.82
C THR A 275 -13.97 -39.43 -3.47
N ASN A 276 -14.00 -38.11 -3.67
CA ASN A 276 -15.22 -37.43 -4.08
C ASN A 276 -15.27 -37.12 -5.58
N GLU A 277 -14.42 -37.74 -6.38
CA GLU A 277 -14.51 -37.61 -7.84
C GLU A 277 -15.18 -38.87 -8.40
N ASN A 278 -16.03 -38.67 -9.40
CA ASN A 278 -16.79 -39.78 -9.99
C ASN A 278 -17.45 -39.29 -11.27
N LYS A 279 -18.11 -40.21 -11.96
CA LYS A 279 -18.82 -39.88 -13.20
C LYS A 279 -20.19 -39.28 -12.95
N ASP A 280 -20.72 -39.38 -11.74
CA ASP A 280 -22.07 -38.95 -11.43
C ASP A 280 -22.18 -37.46 -11.12
N THR A 281 -21.06 -36.77 -10.93
CA THR A 281 -21.07 -35.35 -10.60
C THR A 281 -20.16 -34.61 -11.56
N THR A 282 -20.51 -33.36 -11.86
CA THR A 282 -19.67 -32.53 -12.71
C THR A 282 -18.54 -31.91 -11.90
N TYR A 283 -17.55 -31.38 -12.61
CA TYR A 283 -16.40 -30.78 -11.95
C TYR A 283 -16.74 -29.45 -11.29
N GLN A 284 -17.80 -28.77 -11.72
CA GLN A 284 -18.17 -27.51 -11.11
C GLN A 284 -18.74 -27.72 -9.72
N ASN A 285 -19.71 -28.64 -9.59
CA ASN A 285 -20.27 -28.95 -8.28
C ASN A 285 -19.21 -29.59 -7.38
N LEU A 286 -18.36 -30.43 -7.96
CA LEU A 286 -17.27 -31.02 -7.19
C LEU A 286 -16.31 -29.94 -6.69
N TRP A 287 -16.07 -28.90 -7.50
CA TRP A 287 -15.21 -27.82 -7.07
C TRP A 287 -15.86 -27.00 -5.95
N ASP A 288 -17.17 -26.77 -6.05
CA ASP A 288 -17.87 -26.09 -4.97
C ASP A 288 -17.78 -26.88 -3.67
N ALA A 289 -17.97 -28.20 -3.75
CA ALA A 289 -17.81 -29.05 -2.58
C ALA A 289 -16.38 -29.03 -2.07
N PHE A 290 -15.39 -28.97 -2.97
CA PHE A 290 -14.00 -28.85 -2.57
C PHE A 290 -13.76 -27.57 -1.78
N LYS A 291 -14.32 -26.45 -2.25
CA LYS A 291 -14.16 -25.19 -1.53
C LYS A 291 -14.81 -25.26 -0.16
N ALA A 292 -16.01 -25.84 -0.07
CA ALA A 292 -16.69 -25.93 1.22
C ALA A 292 -15.90 -26.81 2.19
N VAL A 293 -15.41 -27.96 1.71
CA VAL A 293 -14.67 -28.87 2.57
C VAL A 293 -13.34 -28.24 2.99
N CYS A 294 -12.70 -27.50 2.08
CA CYS A 294 -11.48 -26.80 2.42
C CYS A 294 -11.71 -25.76 3.50
N ARG A 295 -12.81 -25.02 3.39
CA ARG A 295 -13.15 -24.03 4.42
C ARG A 295 -13.37 -24.71 5.77
N GLY A 296 -14.10 -25.83 5.78
CA GLY A 296 -14.32 -26.55 7.02
C GLY A 296 -13.03 -27.06 7.64
N LYS A 297 -12.15 -27.64 6.81
CA LYS A 297 -10.88 -28.15 7.32
C LYS A 297 -9.99 -27.02 7.83
N PHE A 298 -9.99 -25.88 7.15
CA PHE A 298 -9.22 -24.74 7.62
C PHE A 298 -9.74 -24.24 8.95
N ILE A 299 -11.07 -24.20 9.11
CA ILE A 299 -11.65 -23.77 10.38
C ILE A 299 -11.26 -24.75 11.49
N ALA A 300 -11.31 -26.05 11.21
CA ALA A 300 -10.94 -27.04 12.21
C ALA A 300 -9.47 -26.92 12.60
N LEU A 301 -8.59 -26.71 11.61
CA LEU A 301 -7.17 -26.56 11.91
C LEU A 301 -6.91 -25.29 12.72
N ASN A 302 -7.57 -24.20 12.38
CA ASN A 302 -7.42 -22.96 13.15
C ASN A 302 -7.90 -23.17 14.59
N ALA A 303 -9.02 -23.87 14.78
CA ALA A 303 -9.52 -24.11 16.12
C ALA A 303 -8.56 -24.95 16.93
N TYR A 304 -7.99 -26.00 16.33
CA TYR A 304 -7.09 -26.85 17.09
C TYR A 304 -5.78 -26.13 17.36
N LYS A 305 -5.35 -25.26 16.43
CA LYS A 305 -4.18 -24.42 16.70
C LYS A 305 -4.42 -23.50 17.88
N ARG A 306 -5.61 -22.89 17.93
CA ARG A 306 -5.93 -22.02 19.06
C ARG A 306 -5.99 -22.80 20.36
N LYS A 307 -6.47 -24.04 20.31
CA LYS A 307 -6.53 -24.87 21.51
C LYS A 307 -5.13 -25.28 21.97
N GLN A 308 -4.27 -25.69 21.02
CA GLN A 308 -2.94 -26.18 21.37
C GLN A 308 -2.04 -25.05 21.85
N GLU A 309 -2.12 -23.88 21.20
CA GLU A 309 -1.30 -22.75 21.62
C GLU A 309 -1.69 -22.29 23.02
N ARG A 310 -2.90 -22.61 23.45
CA ARG A 310 -3.38 -22.32 24.80
C ARG A 310 -3.43 -23.56 25.68
N SER A 311 -2.72 -24.63 25.31
CA SER A 311 -2.80 -25.88 26.07
C SER A 311 -2.26 -25.71 27.48
N LYS A 312 -1.02 -25.18 27.60
CA LYS A 312 -0.45 -24.97 28.93
C LYS A 312 -1.23 -23.92 29.70
N ILE A 313 -1.67 -22.87 29.01
CA ILE A 313 -2.47 -21.83 29.66
C ILE A 313 -3.76 -22.44 30.22
N ASP A 314 -4.43 -23.27 29.42
CA ASP A 314 -5.67 -23.89 29.88
C ASP A 314 -5.42 -24.86 31.03
N THR A 315 -4.32 -25.62 30.98
CA THR A 315 -4.02 -26.54 32.07
C THR A 315 -3.79 -25.79 33.38
N LEU A 316 -2.93 -24.77 33.34
CA LEU A 316 -2.69 -23.97 34.54
C LEU A 316 -3.94 -23.25 35.00
N THR A 317 -4.80 -22.84 34.05
CA THR A 317 -6.08 -22.22 34.40
C THR A 317 -6.97 -23.20 35.14
N SER A 318 -7.04 -24.45 34.68
CA SER A 318 -7.85 -25.45 35.37
C SER A 318 -7.32 -25.72 36.77
N GLN A 319 -6.00 -25.85 36.91
CA GLN A 319 -5.42 -26.02 38.25
C GLN A 319 -5.74 -24.83 39.14
N LEU A 320 -5.64 -23.61 38.59
CA LEU A 320 -5.96 -22.42 39.36
C LEU A 320 -7.41 -22.43 39.82
N LYS A 321 -8.34 -22.82 38.93
CA LYS A 321 -9.75 -22.86 39.33
C LYS A 321 -10.00 -23.89 40.42
N GLU A 322 -9.40 -25.07 40.29
CA GLU A 322 -9.58 -26.10 41.33
C GLU A 322 -9.05 -25.61 42.67
N LEU A 323 -7.83 -25.07 42.68
CA LEU A 323 -7.25 -24.61 43.94
C LEU A 323 -8.01 -23.42 44.50
N GLU A 324 -8.51 -22.53 43.65
CA GLU A 324 -9.29 -21.39 44.11
C GLU A 324 -10.60 -21.83 44.74
N LYS A 325 -11.28 -22.80 44.11
CA LYS A 325 -12.51 -23.30 44.69
C LYS A 325 -12.26 -23.99 46.03
N GLN A 326 -11.19 -24.77 46.11
CA GLN A 326 -10.85 -25.41 47.38
C GLN A 326 -10.50 -24.38 48.46
N GLU A 327 -9.81 -23.30 48.08
CA GLU A 327 -9.51 -22.24 49.02
C GLU A 327 -10.77 -21.53 49.48
N GLN A 328 -11.70 -21.29 48.56
CA GLN A 328 -12.97 -20.66 48.92
C GLN A 328 -13.77 -21.54 49.87
N THR A 329 -13.73 -22.86 49.67
CA THR A 329 -14.38 -23.76 50.63
C THR A 329 -13.73 -23.65 52.00
N HIS A 330 -12.40 -23.61 52.04
CA HIS A 330 -11.66 -23.46 53.30
C HIS A 330 -10.25 -22.98 52.97
N SER A 331 -9.80 -21.93 53.66
CA SER A 331 -8.53 -21.30 53.33
C SER A 331 -7.37 -22.02 54.02
N LYS A 332 -6.32 -22.28 53.27
CA LYS A 332 -5.09 -22.89 53.78
C LYS A 332 -3.90 -22.20 53.15
N ALA A 333 -2.78 -22.22 53.88
CA ALA A 333 -1.57 -21.52 53.42
C ALA A 333 -0.88 -22.26 52.29
N SER A 334 -0.86 -23.60 52.35
CA SER A 334 -0.19 -24.37 51.32
C SER A 334 -0.85 -24.18 49.95
N ARG A 335 -2.18 -24.16 49.92
CA ARG A 335 -2.89 -23.91 48.68
C ARG A 335 -2.61 -22.51 48.16
N ARG A 336 -2.49 -21.53 49.07
CA ARG A 336 -2.13 -20.17 48.68
C ARG A 336 -0.75 -20.14 48.04
N GLN A 337 0.21 -20.86 48.63
CA GLN A 337 1.56 -20.92 48.05
C GLN A 337 1.54 -21.56 46.67
N GLU A 338 0.80 -22.67 46.53
CA GLU A 338 0.72 -23.34 45.24
C GLU A 338 0.06 -22.45 44.19
N ILE A 339 -0.99 -21.74 44.58
CA ILE A 339 -1.66 -20.82 43.66
C ILE A 339 -0.71 -19.72 43.23
N THR A 340 0.06 -19.17 44.19
CA THR A 340 1.03 -18.13 43.84
C THR A 340 2.06 -18.65 42.86
N LYS A 341 2.59 -19.86 43.10
CA LYS A 341 3.62 -20.41 42.22
C LYS A 341 3.08 -20.63 40.81
N ILE A 342 1.91 -21.27 40.71
CA ILE A 342 1.36 -21.58 39.40
C ILE A 342 0.94 -20.32 38.67
N ARG A 343 0.38 -19.34 39.41
CA ARG A 343 0.04 -18.06 38.80
C ARG A 343 1.28 -17.35 38.28
N ALA A 344 2.37 -17.38 39.03
CA ALA A 344 3.61 -16.77 38.55
C ALA A 344 4.11 -17.46 37.28
N GLU A 345 4.07 -18.79 37.26
CA GLU A 345 4.52 -19.51 36.07
C GLU A 345 3.65 -19.18 34.86
N LEU A 346 2.33 -19.16 35.05
CA LEU A 346 1.43 -18.84 33.95
C LEU A 346 1.62 -17.41 33.46
N LYS A 347 1.82 -16.47 34.39
CA LYS A 347 2.10 -15.09 34.01
C LYS A 347 3.38 -15.00 33.20
N GLU A 348 4.42 -15.73 33.62
CA GLU A 348 5.67 -15.72 32.88
C GLU A 348 5.50 -16.27 31.47
N ILE A 349 4.79 -17.39 31.32
CA ILE A 349 4.65 -17.98 29.99
C ILE A 349 3.79 -17.11 29.10
N GLU A 350 2.73 -16.50 29.64
CA GLU A 350 1.90 -15.63 28.82
C GLU A 350 2.61 -14.32 28.48
N THR A 351 3.44 -13.80 29.39
CA THR A 351 4.26 -12.64 29.07
C THR A 351 5.26 -12.96 27.97
N GLN A 352 5.82 -14.17 28.00
CA GLN A 352 6.68 -14.60 26.91
C GLN A 352 5.92 -14.67 25.59
N LYS A 353 4.68 -15.16 25.63
CA LYS A 353 3.84 -15.20 24.42
C LYS A 353 3.58 -13.80 23.89
N THR A 354 3.22 -12.87 24.77
CA THR A 354 2.97 -11.49 24.37
C THR A 354 4.23 -10.85 23.80
N LEU A 355 5.38 -11.13 24.42
CA LEU A 355 6.65 -10.66 23.87
C LEU A 355 6.90 -11.23 22.49
N GLN A 356 6.60 -12.51 22.28
CA GLN A 356 6.77 -13.11 20.96
C GLN A 356 5.93 -12.39 19.92
N LYS A 357 4.66 -12.14 20.23
CA LYS A 357 3.78 -11.46 19.27
C LYS A 357 4.25 -10.03 19.01
N ILE A 358 4.52 -9.27 20.08
CA ILE A 358 4.92 -7.88 19.91
C ILE A 358 6.26 -7.78 19.22
N ASN A 359 7.14 -8.77 19.40
CA ASN A 359 8.44 -8.75 18.75
C ASN A 359 8.32 -9.12 17.29
N GLU A 360 7.39 -10.03 16.95
CA GLU A 360 7.07 -10.27 15.55
C GLU A 360 6.62 -8.97 14.87
N SER A 361 5.69 -8.26 15.51
CA SER A 361 5.19 -7.01 14.93
C SER A 361 6.30 -5.97 14.82
N ARG A 362 7.11 -5.82 15.87
CA ARG A 362 8.18 -4.83 15.85
C ARG A 362 9.25 -5.17 14.83
N SER A 363 9.57 -6.45 14.65
CA SER A 363 10.52 -6.84 13.61
C SER A 363 9.96 -6.56 12.22
N TRP A 364 8.67 -6.84 12.01
CA TRP A 364 8.08 -6.52 10.72
C TRP A 364 8.15 -5.02 10.44
N PHE A 365 7.89 -4.21 11.46
CA PHE A 365 8.00 -2.76 11.27
C PHE A 365 9.46 -2.34 11.09
N PHE A 366 10.39 -3.03 11.74
CA PHE A 366 11.78 -2.62 11.75
C PHE A 366 12.49 -2.95 10.45
N GLU A 367 12.14 -4.08 9.83
CA GLU A 367 12.70 -4.39 8.51
C GLU A 367 12.32 -3.35 7.47
N ARG A 368 11.20 -2.67 7.67
CA ARG A 368 10.73 -1.60 6.79
C ARG A 368 10.58 -0.31 7.58
N ILE A 369 11.56 -0.01 8.44
CA ILE A 369 11.45 1.14 9.32
C ILE A 369 11.47 2.44 8.53
N ASN A 370 12.29 2.49 7.47
CA ASN A 370 12.40 3.70 6.67
C ASN A 370 12.40 3.40 5.17
N LYS A 371 12.25 2.13 4.79
CA LYS A 371 12.23 1.76 3.38
C LYS A 371 10.91 2.15 2.74
N ILE A 372 10.84 1.95 1.42
CA ILE A 372 9.63 2.23 0.66
C ILE A 372 8.67 1.06 0.84
N ASP A 373 7.76 1.18 1.80
CA ASP A 373 6.86 0.09 2.15
C ASP A 373 5.63 0.67 2.85
N ARG A 374 4.79 -0.23 3.37
CA ARG A 374 3.57 0.20 4.05
C ARG A 374 3.82 1.09 5.26
N PRO A 375 4.78 0.79 6.16
CA PRO A 375 4.93 1.65 7.35
C PRO A 375 5.20 3.11 7.03
N LEU A 376 5.84 3.39 5.90
CA LEU A 376 6.10 4.76 5.49
C LEU A 376 4.94 5.35 4.69
N ALA A 377 4.38 4.55 3.77
CA ALA A 377 3.29 5.03 2.94
C ALA A 377 2.06 5.39 3.78
N ARG A 378 1.69 4.51 4.72
CA ARG A 378 0.59 4.84 5.62
C ARG A 378 0.98 5.92 6.62
N LEU A 379 2.28 6.11 6.87
CA LEU A 379 2.71 7.20 7.73
C LEU A 379 2.43 8.55 7.09
N ILE A 380 2.84 8.74 5.83
CA ILE A 380 2.56 10.00 5.16
C ILE A 380 1.08 10.12 4.84
N LYS A 381 0.45 9.01 4.45
CA LYS A 381 -0.95 9.05 4.07
C LYS A 381 -1.84 9.38 5.26
N LYS A 382 -2.96 10.05 4.96
CA LYS A 382 -3.92 10.39 5.99
C LYS A 382 -4.56 9.12 6.56
N LYS A 383 -5.03 9.21 7.80
CA LYS A 383 -5.71 8.09 8.43
C LYS A 383 -6.89 7.65 7.58
N ARG A 384 -6.91 6.37 7.21
CA ARG A 384 -7.95 5.85 6.34
C ARG A 384 -9.31 5.96 7.01
N GLU A 385 -10.28 6.53 6.29
CA GLU A 385 -11.61 6.68 6.83
C GLU A 385 -12.27 5.33 7.07
N LYS A 386 -12.99 5.22 8.18
CA LYS A 386 -13.67 3.97 8.50
C LYS A 386 -14.73 3.66 7.44
N ASN A 387 -14.83 2.37 7.09
CA ASN A 387 -15.81 1.93 6.11
C ASN A 387 -17.20 1.76 6.70
N GLN A 388 -17.34 1.86 8.02
CA GLN A 388 -18.66 1.77 8.63
C GLN A 388 -19.49 2.99 8.27
N ILE A 389 -20.76 2.76 7.99
CA ILE A 389 -21.70 3.80 7.58
C ILE A 389 -22.82 3.86 8.61
N ASP A 390 -23.03 5.04 9.19
CA ASP A 390 -24.03 5.22 10.23
C ASP A 390 -25.16 6.17 9.85
N THR A 391 -25.04 6.90 8.75
CA THR A 391 -26.04 7.89 8.37
C THR A 391 -26.10 7.99 6.85
N ILE A 392 -27.29 7.75 6.28
CA ILE A 392 -27.50 7.82 4.84
C ILE A 392 -28.88 8.43 4.58
N LYS A 393 -28.93 9.36 3.64
CA LYS A 393 -30.21 9.92 3.21
C LYS A 393 -31.05 8.85 2.52
N ASN A 394 -32.27 8.65 3.01
CA ASN A 394 -33.14 7.61 2.46
C ASN A 394 -33.83 8.12 1.19
N ASP A 395 -34.71 7.27 0.64
CA ASP A 395 -35.40 7.62 -0.60
C ASP A 395 -36.40 8.76 -0.41
N LYS A 396 -37.00 8.89 0.77
CA LYS A 396 -37.98 9.94 1.02
C LYS A 396 -37.35 11.32 1.05
N GLY A 397 -36.08 11.42 1.42
CA GLY A 397 -35.41 12.69 1.57
C GLY A 397 -35.02 13.07 2.98
N ASP A 398 -35.28 12.20 3.95
CA ASP A 398 -34.96 12.43 5.35
C ASP A 398 -33.62 11.81 5.69
N ILE A 399 -32.92 12.44 6.63
CA ILE A 399 -31.65 11.92 7.14
C ILE A 399 -31.95 10.92 8.25
N THR A 400 -31.57 9.67 8.04
CA THR A 400 -31.91 8.59 8.94
C THR A 400 -30.65 7.89 9.44
N THR A 401 -30.80 7.23 10.60
CA THR A 401 -29.71 6.51 11.26
C THR A 401 -30.00 5.03 11.42
N ASP A 402 -31.28 4.64 11.37
CA ASP A 402 -31.70 3.25 11.57
C ASP A 402 -30.90 2.31 10.66
N PRO A 403 -30.12 1.37 11.21
CA PRO A 403 -29.27 0.54 10.34
C PRO A 403 -30.03 -0.27 9.31
N THR A 404 -31.21 -0.80 9.65
CA THR A 404 -31.96 -1.60 8.68
C THR A 404 -32.46 -0.73 7.53
N GLU A 405 -32.86 0.51 7.83
CA GLU A 405 -33.27 1.42 6.76
C GLU A 405 -32.09 1.77 5.86
N ILE A 406 -30.92 2.01 6.46
CA ILE A 406 -29.73 2.32 5.67
C ILE A 406 -29.38 1.16 4.75
N GLN A 407 -29.38 -0.05 5.30
CA GLN A 407 -29.05 -1.22 4.50
C GLN A 407 -30.05 -1.42 3.37
N THR A 408 -31.35 -1.29 3.68
CA THR A 408 -32.37 -1.46 2.65
C THR A 408 -32.23 -0.41 1.56
N THR A 409 -31.99 0.84 1.95
CA THR A 409 -31.87 1.90 0.95
C THR A 409 -30.66 1.69 0.06
N ILE A 410 -29.50 1.37 0.66
CA ILE A 410 -28.29 1.20 -0.14
C ILE A 410 -28.41 -0.03 -1.05
N ARG A 411 -29.03 -1.10 -0.55
CA ARG A 411 -29.18 -2.30 -1.36
C ARG A 411 -30.16 -2.05 -2.51
N GLU A 412 -31.26 -1.35 -2.25
CA GLU A 412 -32.18 -1.01 -3.32
C GLU A 412 -31.53 -0.12 -4.37
N TYR A 413 -30.72 0.83 -3.92
CA TYR A 413 -30.02 1.70 -4.87
C TYR A 413 -29.08 0.90 -5.75
N TYR A 414 -28.23 0.07 -5.15
CA TYR A 414 -27.27 -0.70 -5.94
C TYR A 414 -27.93 -1.80 -6.76
N LYS A 415 -29.13 -2.24 -6.36
CA LYS A 415 -29.87 -3.19 -7.17
C LYS A 415 -30.49 -2.52 -8.39
N HIS A 416 -31.06 -1.33 -8.19
CA HIS A 416 -31.61 -0.58 -9.32
C HIS A 416 -30.52 -0.10 -10.26
N LEU A 417 -29.30 0.06 -9.75
CA LEU A 417 -28.19 0.46 -10.62
C LEU A 417 -27.88 -0.61 -11.65
N TYR A 418 -27.92 -1.88 -11.24
CA TYR A 418 -27.54 -2.98 -12.11
C TYR A 418 -28.73 -3.73 -12.70
N ALA A 419 -29.95 -3.23 -12.52
CA ALA A 419 -31.13 -3.93 -13.00
C ALA A 419 -31.65 -3.42 -14.34
N ASN A 420 -31.17 -2.26 -14.80
CA ASN A 420 -31.66 -1.68 -16.06
C ASN A 420 -31.00 -2.42 -17.23
N LYS A 421 -31.70 -3.45 -17.69
CA LYS A 421 -31.24 -4.26 -18.81
C LYS A 421 -32.14 -4.05 -20.02
N LEU A 422 -31.52 -3.88 -21.18
CA LEU A 422 -32.25 -3.70 -22.44
C LEU A 422 -32.32 -5.01 -23.19
N GLU A 423 -33.47 -5.25 -23.84
CA GLU A 423 -33.71 -6.49 -24.57
C GLU A 423 -33.82 -6.25 -26.08
N ASN A 424 -33.59 -5.02 -26.54
CA ASN A 424 -33.73 -4.69 -27.97
C ASN A 424 -32.47 -5.16 -28.71
N LEU A 425 -32.45 -6.46 -29.00
CA LEU A 425 -31.32 -7.02 -29.73
C LEU A 425 -31.31 -6.59 -31.20
N GLU A 426 -32.48 -6.32 -31.77
CA GLU A 426 -32.55 -5.89 -33.16
C GLU A 426 -31.83 -4.55 -33.35
N GLU A 427 -32.06 -3.61 -32.43
CA GLU A 427 -31.36 -2.33 -32.50
C GLU A 427 -29.86 -2.51 -32.31
N MET A 428 -29.46 -3.42 -31.42
CA MET A 428 -28.05 -3.72 -31.22
C MET A 428 -27.41 -4.20 -32.50
N ASP A 429 -28.05 -5.16 -33.17
CA ASP A 429 -27.53 -5.70 -34.42
C ASP A 429 -27.50 -4.64 -35.51
N THR A 430 -28.53 -3.80 -35.58
CA THR A 430 -28.55 -2.74 -36.58
C THR A 430 -27.40 -1.76 -36.37
N PHE A 431 -27.17 -1.35 -35.13
CA PHE A 431 -26.08 -0.42 -34.85
C PHE A 431 -24.73 -1.06 -35.16
N LEU A 432 -24.54 -2.33 -34.79
CA LEU A 432 -23.28 -2.99 -35.07
C LEU A 432 -23.07 -3.19 -36.57
N ASP A 433 -24.15 -3.36 -37.32
CA ASP A 433 -24.04 -3.52 -38.77
C ASP A 433 -23.78 -2.20 -39.48
N THR A 434 -24.28 -1.09 -38.94
CA THR A 434 -24.17 0.19 -39.66
C THR A 434 -22.72 0.60 -39.85
N TYR A 435 -21.89 0.46 -38.81
CA TYR A 435 -20.51 0.90 -38.87
C TYR A 435 -19.56 -0.30 -38.91
N THR A 436 -18.55 -0.21 -39.77
CA THR A 436 -17.61 -1.30 -39.95
C THR A 436 -16.75 -1.50 -38.71
N LEU A 437 -16.52 -2.76 -38.34
CA LEU A 437 -15.68 -3.12 -37.21
C LEU A 437 -14.65 -4.15 -37.66
N PRO A 438 -13.46 -4.14 -37.06
CA PRO A 438 -12.43 -5.10 -37.46
C PRO A 438 -12.80 -6.52 -37.10
N ARG A 439 -12.28 -7.46 -37.88
CA ARG A 439 -12.55 -8.87 -37.67
C ARG A 439 -11.24 -9.64 -37.58
N LEU A 440 -11.19 -10.59 -36.64
CA LEU A 440 -10.02 -11.44 -36.49
C LEU A 440 -10.04 -12.54 -37.55
N ASN A 441 -8.84 -12.96 -37.95
CA ASN A 441 -8.70 -14.01 -38.95
C ASN A 441 -8.79 -15.39 -38.28
N GLN A 442 -8.61 -16.43 -39.10
CA GLN A 442 -8.70 -17.79 -38.59
C GLN A 442 -7.60 -18.09 -37.58
N GLU A 443 -6.38 -17.60 -37.85
CA GLU A 443 -5.26 -17.90 -36.95
C GLU A 443 -5.48 -17.32 -35.57
N GLU A 444 -5.94 -16.07 -35.49
CA GLU A 444 -6.16 -15.46 -34.19
C GLU A 444 -7.33 -16.10 -33.46
N VAL A 445 -8.39 -16.44 -34.18
CA VAL A 445 -9.54 -17.06 -33.53
C VAL A 445 -9.19 -18.47 -33.04
N GLU A 446 -8.24 -19.14 -33.72
CA GLU A 446 -7.77 -20.43 -33.22
C GLU A 446 -6.83 -20.24 -32.03
N SER A 447 -6.09 -19.12 -32.02
CA SER A 447 -5.27 -18.79 -30.85
C SER A 447 -6.14 -18.56 -29.63
N LEU A 448 -7.28 -17.88 -29.81
CA LEU A 448 -8.20 -17.67 -28.69
C LEU A 448 -8.79 -18.99 -28.21
N ASN A 449 -9.13 -19.89 -29.13
CA ASN A 449 -9.84 -21.12 -28.81
C ASN A 449 -8.91 -22.27 -28.47
N ARG A 450 -7.61 -22.03 -28.35
CA ARG A 450 -6.69 -23.10 -28.01
C ARG A 450 -6.97 -23.59 -26.58
N PRO A 451 -6.74 -24.87 -26.32
CA PRO A 451 -7.03 -25.41 -24.98
C PRO A 451 -6.11 -24.82 -23.92
N ILE A 452 -6.65 -24.72 -22.71
CA ILE A 452 -5.87 -24.23 -21.58
C ILE A 452 -4.89 -25.30 -21.13
N THR A 453 -3.65 -24.88 -20.85
CA THR A 453 -2.59 -25.79 -20.45
C THR A 453 -2.18 -25.52 -19.01
N GLY A 454 -1.52 -26.50 -18.39
CA GLY A 454 -1.09 -26.37 -17.01
C GLY A 454 -0.05 -25.29 -16.80
N SER A 455 0.85 -25.11 -17.78
CA SER A 455 1.87 -24.07 -17.66
C SER A 455 1.24 -22.68 -17.60
N GLU A 456 0.17 -22.47 -18.39
CA GLU A 456 -0.54 -21.20 -18.32
C GLU A 456 -1.13 -20.98 -16.93
N ILE A 457 -1.69 -22.03 -16.33
CA ILE A 457 -2.25 -21.91 -14.99
C ILE A 457 -1.15 -21.57 -13.98
N VAL A 458 0.01 -22.24 -14.10
CA VAL A 458 1.11 -21.96 -13.18
C VAL A 458 1.57 -20.52 -13.32
N ALA A 459 1.70 -20.04 -14.55
CA ALA A 459 2.12 -18.65 -14.77
C ALA A 459 1.09 -17.68 -14.21
N ILE A 460 -0.21 -17.98 -14.40
CA ILE A 460 -1.25 -17.08 -13.92
C ILE A 460 -1.26 -17.02 -12.40
N ILE A 461 -1.14 -18.19 -11.75
CA ILE A 461 -1.14 -18.22 -10.29
C ILE A 461 0.09 -17.50 -9.75
N ASN A 462 1.25 -17.74 -10.36
CA ASN A 462 2.47 -17.07 -9.91
C ASN A 462 2.41 -15.56 -10.07
N SER A 463 1.57 -15.07 -10.97
CA SER A 463 1.43 -13.64 -11.20
C SER A 463 0.35 -12.99 -10.33
N LEU A 464 -0.40 -13.78 -9.58
CA LEU A 464 -1.49 -13.24 -8.78
C LEU A 464 -0.95 -12.34 -7.68
N PRO A 465 -1.43 -11.10 -7.55
CA PRO A 465 -0.96 -10.23 -6.47
C PRO A 465 -1.31 -10.81 -5.10
N THR A 466 -0.42 -10.60 -4.14
CA THR A 466 -0.62 -11.09 -2.79
C THR A 466 -1.12 -9.96 -1.90
N LYS A 467 -1.46 -10.30 -0.66
CA LYS A 467 -1.95 -9.39 0.36
C LYS A 467 -3.27 -8.73 -0.03
N LYS A 468 -3.96 -9.28 -1.03
CA LYS A 468 -5.23 -8.73 -1.48
C LYS A 468 -6.38 -9.47 -0.81
N SER A 469 -7.43 -8.72 -0.49
CA SER A 469 -8.58 -9.30 0.21
C SER A 469 -9.25 -10.36 -0.68
N PRO A 470 -9.72 -11.47 -0.10
CA PRO A 470 -10.34 -12.51 -0.93
C PRO A 470 -11.78 -12.19 -1.28
N GLY A 471 -12.42 -13.07 -2.05
CA GLY A 471 -13.81 -12.91 -2.40
C GLY A 471 -14.72 -13.45 -1.32
N PRO A 472 -15.96 -13.81 -1.70
CA PRO A 472 -16.89 -14.38 -0.71
C PRO A 472 -16.40 -15.66 -0.07
N ASP A 473 -15.64 -16.49 -0.78
CA ASP A 473 -15.19 -17.76 -0.24
C ASP A 473 -14.11 -17.60 0.81
N GLY A 474 -13.47 -16.43 0.89
CA GLY A 474 -12.40 -16.21 1.83
C GLY A 474 -11.07 -16.82 1.46
N PHE A 475 -10.94 -17.38 0.27
CA PHE A 475 -9.71 -17.99 -0.19
C PHE A 475 -8.85 -16.94 -0.88
N THR A 476 -7.61 -16.79 -0.41
CA THR A 476 -6.69 -15.77 -0.90
C THR A 476 -5.80 -16.34 -1.99
N ALA A 477 -5.03 -15.45 -2.63
CA ALA A 477 -4.12 -15.86 -3.68
C ALA A 477 -2.98 -16.71 -3.13
N GLU A 478 -2.59 -16.48 -1.87
CA GLU A 478 -1.55 -17.31 -1.27
C GLU A 478 -1.99 -18.77 -1.15
N PHE A 479 -3.29 -19.00 -0.99
CA PHE A 479 -3.79 -20.37 -0.93
C PHE A 479 -3.49 -21.12 -2.22
N TYR A 480 -3.71 -20.47 -3.36
CA TYR A 480 -3.42 -21.11 -4.64
C TYR A 480 -1.93 -21.14 -4.93
N GLN A 481 -1.19 -20.11 -4.50
CA GLN A 481 0.25 -20.07 -4.78
C GLN A 481 0.99 -21.16 -4.01
N ARG A 482 0.67 -21.33 -2.73
CA ARG A 482 1.37 -22.33 -1.92
C ARG A 482 1.03 -23.75 -2.36
N TYR A 483 -0.24 -24.01 -2.65
CA TYR A 483 -0.71 -25.33 -3.04
C TYR A 483 -0.80 -25.48 -4.56
N LYS A 484 -0.02 -24.71 -5.32
CA LYS A 484 -0.14 -24.76 -6.76
C LYS A 484 0.25 -26.13 -7.30
N GLU A 485 1.33 -26.73 -6.78
CA GLU A 485 1.84 -27.97 -7.34
C GLU A 485 0.85 -29.12 -7.22
N GLU A 486 -0.19 -28.99 -6.38
CA GLU A 486 -1.31 -29.92 -6.40
C GLU A 486 -2.54 -29.35 -7.07
N LEU A 487 -2.66 -28.03 -7.15
CA LEU A 487 -3.88 -27.40 -7.66
C LEU A 487 -3.93 -27.28 -9.18
N VAL A 488 -2.79 -27.23 -9.87
CA VAL A 488 -2.80 -27.18 -11.33
C VAL A 488 -3.61 -28.32 -11.96
N PRO A 489 -3.44 -29.58 -11.55
CA PRO A 489 -4.18 -30.66 -12.25
C PRO A 489 -5.68 -30.48 -12.20
N PHE A 490 -6.24 -30.25 -11.00
CA PHE A 490 -7.69 -30.20 -10.89
C PHE A 490 -8.27 -28.88 -11.36
N LEU A 491 -7.54 -27.76 -11.23
CA LEU A 491 -7.97 -26.54 -11.89
C LEU A 491 -8.01 -26.71 -13.40
N LEU A 492 -7.00 -27.39 -13.95
CA LEU A 492 -6.99 -27.69 -15.38
C LEU A 492 -8.17 -28.57 -15.77
N LYS A 493 -8.48 -29.57 -14.95
CA LYS A 493 -9.63 -30.41 -15.21
C LYS A 493 -10.92 -29.60 -15.21
N LEU A 494 -11.06 -28.70 -14.24
CA LEU A 494 -12.22 -27.82 -14.19
C LEU A 494 -12.32 -26.95 -15.43
N PHE A 495 -11.17 -26.44 -15.90
CA PHE A 495 -11.20 -25.56 -17.06
C PHE A 495 -11.53 -26.32 -18.33
N GLN A 496 -11.04 -27.56 -18.45
CA GLN A 496 -11.48 -28.40 -19.56
C GLN A 496 -12.97 -28.67 -19.49
N SER A 497 -13.49 -28.91 -18.27
CA SER A 497 -14.93 -29.14 -18.12
C SER A 497 -15.74 -27.92 -18.55
N ILE A 498 -15.30 -26.72 -18.15
CA ILE A 498 -16.06 -25.53 -18.52
C ILE A 498 -15.89 -25.21 -19.99
N GLU A 499 -14.76 -25.58 -20.60
CA GLU A 499 -14.63 -25.45 -22.05
C GLU A 499 -15.59 -26.37 -22.77
N LYS A 500 -15.73 -27.60 -22.29
CA LYS A 500 -16.62 -28.56 -22.95
C LYS A 500 -18.08 -28.20 -22.77
N GLU A 501 -18.49 -27.87 -21.54
CA GLU A 501 -19.90 -27.65 -21.22
C GLU A 501 -20.34 -26.20 -21.35
N GLY A 502 -19.47 -25.25 -20.99
CA GLY A 502 -19.88 -23.86 -20.96
C GLY A 502 -20.64 -23.45 -19.73
N ILE A 503 -20.46 -24.16 -18.62
CA ILE A 503 -21.13 -23.86 -17.36
C ILE A 503 -20.07 -23.66 -16.29
N LEU A 504 -20.20 -22.58 -15.54
CA LEU A 504 -19.25 -22.24 -14.49
C LEU A 504 -19.79 -22.62 -13.12
N PRO A 505 -18.90 -22.89 -12.16
CA PRO A 505 -19.36 -23.14 -10.79
C PRO A 505 -20.04 -21.91 -10.21
N ASN A 506 -20.94 -22.16 -9.27
CA ASN A 506 -21.71 -21.08 -8.66
C ASN A 506 -20.82 -20.10 -7.90
N SER A 507 -19.60 -20.50 -7.53
CA SER A 507 -18.68 -19.58 -6.88
C SER A 507 -18.13 -18.54 -7.84
N PHE A 508 -18.13 -18.82 -9.14
CA PHE A 508 -17.61 -17.89 -10.13
C PHE A 508 -18.58 -16.76 -10.42
N TYR A 509 -19.81 -16.82 -9.91
CA TYR A 509 -20.82 -15.81 -10.17
C TYR A 509 -21.00 -14.82 -9.03
N GLU A 510 -20.52 -15.14 -7.84
CA GLU A 510 -20.76 -14.33 -6.65
C GLU A 510 -19.58 -13.41 -6.40
N ALA A 511 -19.87 -12.15 -6.10
CA ALA A 511 -18.85 -11.15 -5.80
C ALA A 511 -19.25 -10.36 -4.56
N SER A 512 -18.26 -9.81 -3.87
CA SER A 512 -18.48 -9.03 -2.66
C SER A 512 -18.15 -7.57 -2.94
N ILE A 513 -19.17 -6.72 -2.86
CA ILE A 513 -19.01 -5.29 -3.08
C ILE A 513 -18.82 -4.61 -1.73
N ILE A 514 -17.76 -3.83 -1.60
CA ILE A 514 -17.47 -3.06 -0.40
C ILE A 514 -17.54 -1.59 -0.75
N LEU A 515 -18.21 -0.80 0.08
CA LEU A 515 -18.43 0.61 -0.18
C LEU A 515 -17.34 1.43 0.50
N ILE A 516 -16.71 2.31 -0.25
CA ILE A 516 -15.63 3.17 0.23
C ILE A 516 -16.08 4.62 0.11
N PRO A 517 -15.96 5.42 1.17
CA PRO A 517 -16.33 6.83 1.05
C PRO A 517 -15.40 7.58 0.11
N LYS A 518 -15.99 8.44 -0.72
CA LYS A 518 -15.21 9.26 -1.64
C LYS A 518 -14.61 10.44 -0.89
N PRO A 519 -13.29 10.59 -0.88
CA PRO A 519 -12.69 11.76 -0.19
C PRO A 519 -13.17 13.06 -0.81
N GLY A 520 -13.41 14.04 0.04
CA GLY A 520 -13.88 15.34 -0.40
C GLY A 520 -15.36 15.40 -0.74
N ARG A 521 -16.11 14.32 -0.52
CA ARG A 521 -17.53 14.28 -0.82
C ARG A 521 -18.32 14.00 0.45
N ASP A 522 -19.63 14.19 0.36
CA ASP A 522 -20.50 13.98 1.52
C ASP A 522 -20.69 12.48 1.76
N THR A 523 -20.38 12.04 2.97
CA THR A 523 -20.53 10.63 3.33
C THR A 523 -21.95 10.26 3.71
N THR A 524 -22.86 11.23 3.78
CA THR A 524 -24.25 10.97 4.12
C THR A 524 -25.12 10.73 2.89
N LYS A 525 -24.54 10.77 1.70
CA LYS A 525 -25.27 10.53 0.45
C LYS A 525 -24.81 9.22 -0.16
N LYS A 526 -25.78 8.41 -0.62
CA LYS A 526 -25.46 7.12 -1.19
C LYS A 526 -24.74 7.23 -2.53
N GLU A 527 -24.91 8.34 -3.25
CA GLU A 527 -24.32 8.50 -4.57
C GLU A 527 -22.87 8.97 -4.52
N ASN A 528 -22.34 9.27 -3.34
CA ASN A 528 -20.93 9.61 -3.17
C ASN A 528 -20.13 8.45 -2.59
N PHE A 529 -20.46 7.22 -2.98
CA PHE A 529 -19.82 6.03 -2.46
C PHE A 529 -19.28 5.21 -3.61
N ARG A 530 -17.99 4.86 -3.54
CA ARG A 530 -17.34 4.14 -4.62
C ARG A 530 -17.56 2.65 -4.46
N PRO A 531 -18.23 1.98 -5.39
CA PRO A 531 -18.41 0.53 -5.28
C PRO A 531 -17.18 -0.23 -5.74
N ILE A 532 -16.64 -1.08 -4.88
CA ILE A 532 -15.46 -1.87 -5.16
C ILE A 532 -15.86 -3.34 -5.09
N SER A 533 -15.66 -4.05 -6.20
CA SER A 533 -16.09 -5.44 -6.32
C SER A 533 -14.91 -6.37 -6.13
N LEU A 534 -15.09 -7.38 -5.29
CA LEU A 534 -14.09 -8.40 -5.03
C LEU A 534 -14.56 -9.72 -5.62
N MET A 535 -13.63 -10.48 -6.19
CA MET A 535 -13.94 -11.73 -6.85
C MET A 535 -13.15 -12.88 -6.21
N ASN A 536 -13.69 -14.08 -6.34
CA ASN A 536 -12.99 -15.26 -5.90
C ASN A 536 -11.75 -15.49 -6.75
N ILE A 537 -10.71 -16.05 -6.12
CA ILE A 537 -9.40 -16.12 -6.78
C ILE A 537 -9.47 -17.03 -8.01
N ASP A 538 -10.25 -18.11 -7.95
CA ASP A 538 -10.40 -18.96 -9.12
C ASP A 538 -11.10 -18.22 -10.27
N ALA A 539 -12.12 -17.43 -9.95
CA ALA A 539 -12.78 -16.63 -10.98
C ALA A 539 -11.83 -15.62 -11.57
N LYS A 540 -11.02 -14.98 -10.73
CA LYS A 540 -10.00 -14.06 -11.23
C LYS A 540 -8.98 -14.78 -12.10
N ILE A 541 -8.64 -16.03 -11.76
CA ILE A 541 -7.68 -16.79 -12.56
C ILE A 541 -8.24 -17.05 -13.95
N LEU A 542 -9.49 -17.52 -14.02
CA LEU A 542 -10.12 -17.76 -15.32
C LEU A 542 -10.24 -16.47 -16.12
N ASN A 543 -10.69 -15.40 -15.46
CA ASN A 543 -10.86 -14.13 -16.15
C ASN A 543 -9.53 -13.57 -16.64
N LYS A 544 -8.46 -13.77 -15.86
CA LYS A 544 -7.16 -13.27 -16.28
C LYS A 544 -6.58 -14.11 -17.42
N ILE A 545 -6.87 -15.41 -17.45
CA ILE A 545 -6.48 -16.22 -18.60
C ILE A 545 -7.15 -15.70 -19.85
N LEU A 546 -8.45 -15.46 -19.78
CA LEU A 546 -9.17 -14.93 -20.94
C LEU A 546 -8.66 -13.53 -21.30
N ALA A 547 -8.34 -12.73 -20.28
CA ALA A 547 -7.82 -11.39 -20.54
C ALA A 547 -6.48 -11.42 -21.24
N ASN A 548 -5.60 -12.34 -20.84
CA ASN A 548 -4.32 -12.49 -21.55
C ASN A 548 -4.55 -12.95 -22.99
N ARG A 549 -5.46 -13.90 -23.18
CA ARG A 549 -5.70 -14.41 -24.53
C ARG A 549 -6.23 -13.31 -25.44
N ILE A 550 -7.16 -12.49 -24.95
CA ILE A 550 -7.66 -11.39 -25.76
C ILE A 550 -6.68 -10.23 -25.82
N GLN A 551 -5.75 -10.13 -24.87
CA GLN A 551 -4.76 -9.08 -24.87
C GLN A 551 -3.68 -9.34 -25.90
N GLN A 552 -3.44 -10.61 -26.22
CA GLN A 552 -2.52 -10.93 -27.31
C GLN A 552 -2.97 -10.33 -28.65
N HIS A 553 -4.26 -10.02 -28.80
CA HIS A 553 -4.78 -9.46 -30.04
C HIS A 553 -5.48 -8.12 -29.85
N ILE A 554 -5.51 -7.59 -28.63
CA ILE A 554 -6.15 -6.30 -28.38
C ILE A 554 -5.51 -5.17 -29.17
N LYS A 555 -4.27 -5.32 -29.62
CA LYS A 555 -3.67 -4.32 -30.49
C LYS A 555 -4.40 -4.24 -31.83
N LYS A 556 -4.77 -5.39 -32.39
CA LYS A 556 -5.57 -5.41 -33.61
C LYS A 556 -7.01 -5.03 -33.33
N LEU A 557 -7.56 -5.48 -32.21
CA LEU A 557 -8.97 -5.22 -31.91
C LEU A 557 -9.21 -3.75 -31.56
N ILE A 558 -8.23 -3.08 -30.98
CA ILE A 558 -8.40 -1.71 -30.48
C ILE A 558 -7.49 -0.79 -31.28
N HIS A 559 -8.06 0.28 -31.82
CA HIS A 559 -7.29 1.30 -32.51
C HIS A 559 -6.40 2.04 -31.51
N HIS A 560 -5.31 2.62 -32.02
CA HIS A 560 -4.31 3.22 -31.14
C HIS A 560 -4.80 4.50 -30.47
N ASP A 561 -5.96 5.03 -30.86
CA ASP A 561 -6.50 6.21 -30.18
C ASP A 561 -6.85 5.89 -28.73
N GLN A 562 -7.26 4.67 -28.44
CA GLN A 562 -7.56 4.25 -27.08
C GLN A 562 -6.28 3.70 -26.46
N VAL A 563 -5.85 4.30 -25.34
CA VAL A 563 -4.60 3.94 -24.70
C VAL A 563 -4.80 3.30 -23.33
N GLY A 564 -6.00 3.34 -22.78
CA GLY A 564 -6.26 2.70 -21.50
C GLY A 564 -6.20 1.19 -21.57
N PHE A 565 -5.51 0.57 -20.62
CA PHE A 565 -5.40 -0.88 -20.50
C PHE A 565 -4.76 -1.54 -21.71
N ILE A 566 -4.15 -0.77 -22.60
CA ILE A 566 -3.50 -1.29 -23.80
C ILE A 566 -2.01 -1.45 -23.46
N PRO A 567 -1.46 -2.67 -23.49
CA PRO A 567 -0.05 -2.85 -23.14
C PRO A 567 0.86 -2.08 -24.09
N GLY A 568 1.93 -1.53 -23.53
CA GLY A 568 2.86 -0.73 -24.30
C GLY A 568 2.34 0.65 -24.67
N MET A 569 1.13 0.99 -24.26
CA MET A 569 0.54 2.30 -24.54
C MET A 569 0.45 3.07 -23.24
N GLN A 570 0.98 4.28 -23.22
CA GLN A 570 1.08 5.09 -22.03
C GLN A 570 0.07 6.23 -22.05
N GLY A 571 -0.31 6.69 -20.86
CA GLY A 571 -1.40 7.64 -20.75
C GLY A 571 -1.11 8.98 -21.39
N TRP A 572 0.14 9.43 -21.33
CA TRP A 572 0.48 10.78 -21.76
C TRP A 572 0.43 10.92 -23.27
N PHE A 573 0.27 9.80 -24.00
CA PHE A 573 0.05 9.88 -25.43
C PHE A 573 -1.13 10.79 -25.74
N ASN A 574 -2.22 10.65 -24.97
CA ASN A 574 -3.39 11.50 -25.16
C ASN A 574 -3.17 12.92 -24.68
N ILE A 575 -2.44 13.10 -23.57
CA ILE A 575 -2.21 14.44 -23.04
C ILE A 575 -1.41 15.28 -24.04
N ARG A 576 -0.32 14.72 -24.56
CA ARG A 576 0.49 15.45 -25.52
C ARG A 576 -0.30 15.73 -26.80
N LYS A 577 -1.09 14.75 -27.24
CA LYS A 577 -1.90 14.92 -28.44
C LYS A 577 -2.93 16.04 -28.26
N SER A 578 -3.59 16.06 -27.10
CA SER A 578 -4.57 17.11 -26.83
C SER A 578 -3.90 18.47 -26.76
N ILE A 579 -2.74 18.55 -26.13
CA ILE A 579 -2.03 19.83 -26.05
C ILE A 579 -1.61 20.30 -27.43
N ASN A 580 -1.18 19.37 -28.30
CA ASN A 580 -0.81 19.74 -29.66
C ASN A 580 -2.01 20.26 -30.43
N VAL A 581 -3.17 19.61 -30.24
CA VAL A 581 -4.39 20.07 -30.90
C VAL A 581 -4.76 21.47 -30.41
N ILE A 582 -4.64 21.71 -29.11
CA ILE A 582 -4.92 23.03 -28.56
C ILE A 582 -3.99 24.07 -29.17
N GLN A 583 -2.70 23.72 -29.30
CA GLN A 583 -1.75 24.64 -29.90
C GLN A 583 -2.12 24.95 -31.34
N HIS A 584 -2.50 23.92 -32.11
CA HIS A 584 -2.90 24.15 -33.49
C HIS A 584 -4.12 25.06 -33.58
N ILE A 585 -5.11 24.83 -32.72
CA ILE A 585 -6.29 25.69 -32.72
C ILE A 585 -5.90 27.12 -32.36
N ASN A 586 -4.97 27.30 -31.42
CA ASN A 586 -4.49 28.63 -31.09
C ASN A 586 -3.80 29.31 -32.25
N ARG A 587 -3.02 28.57 -33.05
CA ARG A 587 -2.31 29.15 -34.17
C ARG A 587 -3.21 29.45 -35.37
N ALA A 588 -4.40 28.85 -35.43
CA ALA A 588 -5.27 29.07 -36.58
C ALA A 588 -5.74 30.51 -36.63
N LYS A 589 -5.73 31.10 -37.84
CA LYS A 589 -6.14 32.49 -38.00
C LYS A 589 -7.64 32.65 -37.72
N ASP A 590 -8.44 31.63 -38.02
CA ASP A 590 -9.86 31.62 -37.69
C ASP A 590 -10.13 30.43 -36.79
N LYS A 591 -10.77 30.67 -35.66
CA LYS A 591 -11.05 29.64 -34.68
C LYS A 591 -12.50 29.20 -34.81
N ASN A 592 -12.71 27.94 -35.15
CA ASN A 592 -14.04 27.33 -35.20
C ASN A 592 -13.96 25.91 -34.67
N HIS A 593 -13.27 25.73 -33.55
CA HIS A 593 -12.97 24.40 -33.04
C HIS A 593 -13.54 24.22 -31.64
N MET A 594 -13.72 22.96 -31.28
CA MET A 594 -14.21 22.54 -29.97
C MET A 594 -13.44 21.32 -29.51
N ILE A 595 -13.12 21.28 -28.22
CA ILE A 595 -12.51 20.12 -27.59
C ILE A 595 -13.38 19.75 -26.39
N ILE A 596 -13.89 18.52 -26.38
CA ILE A 596 -14.83 18.05 -25.37
C ILE A 596 -14.13 17.02 -24.49
N SER A 597 -14.38 17.08 -23.19
CA SER A 597 -13.98 16.04 -22.26
C SER A 597 -15.26 15.35 -21.76
N ILE A 598 -15.62 14.24 -22.39
CA ILE A 598 -16.87 13.56 -22.10
C ILE A 598 -16.77 12.89 -20.73
N ASP A 599 -17.74 13.17 -19.87
CA ASP A 599 -17.82 12.61 -18.53
C ASP A 599 -18.86 11.50 -18.53
N ALA A 600 -18.41 10.25 -18.58
CA ALA A 600 -19.33 9.12 -18.56
C ALA A 600 -19.83 8.87 -17.14
N GLU A 601 -21.12 8.58 -17.02
CA GLU A 601 -21.75 8.33 -15.71
C GLU A 601 -21.68 6.83 -15.45
N LYS A 602 -20.61 6.42 -14.78
CA LYS A 602 -20.39 5.01 -14.41
C LYS A 602 -20.48 4.11 -15.63
N ALA A 603 -19.55 4.34 -16.57
CA ALA A 603 -19.55 3.56 -17.80
C ALA A 603 -19.26 2.09 -17.53
N PHE A 604 -18.40 1.81 -16.55
CA PHE A 604 -18.07 0.42 -16.24
C PHE A 604 -19.30 -0.37 -15.79
N ASP A 605 -20.27 0.30 -15.17
CA ASP A 605 -21.46 -0.35 -14.64
C ASP A 605 -22.69 -0.16 -15.50
N LYS A 606 -22.57 0.48 -16.66
CA LYS A 606 -23.71 0.74 -17.53
C LYS A 606 -23.56 0.14 -18.91
N ILE A 607 -22.58 -0.72 -19.14
CA ILE A 607 -22.44 -1.40 -20.42
C ILE A 607 -23.30 -2.65 -20.42
N GLN A 608 -24.22 -2.75 -21.38
CA GLN A 608 -25.12 -3.88 -21.44
C GLN A 608 -24.35 -5.14 -21.83
N GLN A 609 -24.57 -6.22 -21.06
CA GLN A 609 -23.95 -7.50 -21.41
C GLN A 609 -24.38 -8.03 -22.76
N PRO A 610 -25.67 -8.00 -23.14
CA PRO A 610 -26.02 -8.45 -24.50
C PRO A 610 -25.32 -7.66 -25.60
N PHE A 611 -25.15 -6.35 -25.43
CA PHE A 611 -24.40 -5.59 -26.42
C PHE A 611 -22.95 -6.03 -26.47
N MET A 612 -22.37 -6.33 -25.31
CA MET A 612 -20.99 -6.82 -25.28
C MET A 612 -20.86 -8.13 -26.04
N LEU A 613 -21.79 -9.06 -25.81
CA LEU A 613 -21.74 -10.34 -26.51
C LEU A 613 -21.95 -10.17 -28.00
N LYS A 614 -22.89 -9.31 -28.40
CA LYS A 614 -23.13 -9.08 -29.82
C LYS A 614 -21.91 -8.43 -30.49
N THR A 615 -21.26 -7.49 -29.80
CA THR A 615 -20.05 -6.89 -30.33
C THR A 615 -18.94 -7.92 -30.48
N LEU A 616 -18.75 -8.78 -29.48
CA LEU A 616 -17.74 -9.82 -29.58
C LEU A 616 -18.03 -10.76 -30.75
N ASN A 617 -19.31 -11.08 -30.97
CA ASN A 617 -19.68 -11.87 -32.13
C ASN A 617 -19.36 -11.14 -33.43
N LYS A 618 -19.63 -9.84 -33.48
CA LYS A 618 -19.38 -9.06 -34.68
C LYS A 618 -17.90 -8.84 -34.95
N LEU A 619 -17.04 -9.03 -33.94
CA LEU A 619 -15.61 -8.93 -34.16
C LEU A 619 -14.98 -10.25 -34.58
N GLY A 620 -15.77 -11.30 -34.76
CA GLY A 620 -15.25 -12.58 -35.19
C GLY A 620 -14.83 -13.51 -34.09
N ILE A 621 -15.17 -13.21 -32.84
CA ILE A 621 -14.81 -14.05 -31.71
C ILE A 621 -15.90 -15.10 -31.51
N ASP A 622 -15.53 -16.37 -31.57
CA ASP A 622 -16.47 -17.46 -31.41
C ASP A 622 -15.72 -18.68 -30.90
N GLY A 623 -16.45 -19.75 -30.66
CA GLY A 623 -15.85 -20.99 -30.18
C GLY A 623 -15.87 -21.10 -28.67
N THR A 624 -14.82 -21.70 -28.12
CA THR A 624 -14.77 -21.89 -26.67
C THR A 624 -14.68 -20.56 -25.93
N TYR A 625 -13.91 -19.61 -26.47
CA TYR A 625 -13.69 -18.36 -25.76
C TYR A 625 -14.98 -17.58 -25.59
N PHE A 626 -15.76 -17.42 -26.67
CA PHE A 626 -17.01 -16.70 -26.57
C PHE A 626 -18.02 -17.44 -25.70
N LYS A 627 -17.99 -18.78 -25.74
CA LYS A 627 -18.87 -19.55 -24.87
C LYS A 627 -18.54 -19.30 -23.40
N ILE A 628 -17.25 -19.25 -23.06
CA ILE A 628 -16.86 -18.96 -21.68
C ILE A 628 -17.25 -17.54 -21.31
N ILE A 629 -17.07 -16.59 -22.23
CA ILE A 629 -17.46 -15.20 -21.95
C ILE A 629 -18.95 -15.11 -21.67
N ARG A 630 -19.77 -15.79 -22.48
CA ARG A 630 -21.21 -15.82 -22.24
C ARG A 630 -21.53 -16.49 -20.91
N ALA A 631 -20.81 -17.55 -20.56
CA ALA A 631 -21.06 -18.24 -19.30
C ALA A 631 -20.74 -17.34 -18.11
N ILE A 632 -19.73 -16.50 -18.24
CA ILE A 632 -19.36 -15.59 -17.15
C ILE A 632 -20.51 -14.64 -16.85
N TYR A 633 -21.11 -14.06 -17.89
CA TYR A 633 -22.17 -13.08 -17.74
C TYR A 633 -23.56 -13.70 -17.90
N ASP A 634 -23.70 -14.98 -17.53
CA ASP A 634 -25.02 -15.62 -17.60
C ASP A 634 -25.87 -15.26 -16.39
N LYS A 635 -25.40 -15.59 -15.19
CA LYS A 635 -26.11 -15.26 -13.95
C LYS A 635 -25.15 -14.65 -12.94
N PRO A 636 -24.58 -13.49 -13.24
CA PRO A 636 -23.71 -12.83 -12.26
C PRO A 636 -24.54 -12.21 -11.15
N THR A 637 -23.93 -12.10 -9.97
CA THR A 637 -24.59 -11.52 -8.82
C THR A 637 -23.54 -11.03 -7.84
N ALA A 638 -23.96 -10.14 -6.95
CA ALA A 638 -23.05 -9.60 -5.95
C ALA A 638 -23.86 -9.20 -4.72
N ASN A 639 -23.17 -9.15 -3.57
CA ASN A 639 -23.77 -8.76 -2.31
C ASN A 639 -22.90 -7.70 -1.65
N ILE A 640 -23.54 -6.72 -1.04
CA ILE A 640 -22.83 -5.59 -0.43
C ILE A 640 -22.43 -5.97 1.00
N ILE A 641 -21.14 -5.86 1.30
CA ILE A 641 -20.63 -6.05 2.64
C ILE A 641 -20.65 -4.69 3.32
N LEU A 642 -21.73 -4.41 4.06
CA LEU A 642 -21.93 -3.13 4.70
C LEU A 642 -21.84 -3.32 6.21
N ASN A 643 -20.94 -2.54 6.84
CA ASN A 643 -20.74 -2.60 8.29
C ASN A 643 -20.35 -4.00 8.75
N GLY A 644 -19.66 -4.73 7.88
CA GLY A 644 -19.26 -6.08 8.19
C GLY A 644 -20.35 -7.12 8.07
N GLN A 645 -21.54 -6.74 7.62
CA GLN A 645 -22.67 -7.65 7.49
C GLN A 645 -22.95 -7.91 6.02
N LYS A 646 -23.10 -9.18 5.66
CA LYS A 646 -23.38 -9.56 4.29
C LYS A 646 -24.85 -9.34 3.98
N LEU A 647 -25.14 -8.44 3.05
CA LEU A 647 -26.51 -8.18 2.64
C LEU A 647 -26.98 -9.23 1.63
N GLU A 648 -28.27 -9.17 1.31
CA GLU A 648 -28.84 -10.10 0.35
C GLU A 648 -28.27 -9.85 -1.04
N ALA A 649 -27.90 -10.93 -1.73
CA ALA A 649 -27.32 -10.81 -3.06
C ALA A 649 -28.35 -10.32 -4.06
N PHE A 650 -27.90 -9.45 -4.97
CA PHE A 650 -28.74 -8.91 -6.02
C PHE A 650 -28.09 -9.16 -7.37
N PRO A 651 -28.88 -9.47 -8.39
CA PRO A 651 -28.29 -9.86 -9.68
C PRO A 651 -27.65 -8.67 -10.40
N LEU A 652 -26.60 -8.97 -11.15
CA LEU A 652 -25.95 -7.99 -12.02
C LEU A 652 -26.47 -8.19 -13.45
N LYS A 653 -27.73 -7.78 -13.65
CA LYS A 653 -28.36 -7.94 -14.96
C LYS A 653 -27.63 -7.15 -16.03
N THR A 654 -27.20 -5.93 -15.70
CA THR A 654 -26.46 -5.09 -16.62
C THR A 654 -25.12 -4.70 -15.99
N GLY A 655 -24.27 -4.06 -16.78
CA GLY A 655 -22.99 -3.61 -16.30
C GLY A 655 -21.93 -4.69 -16.37
N THR A 656 -20.68 -4.24 -16.43
CA THR A 656 -19.53 -5.13 -16.47
C THR A 656 -18.99 -5.30 -15.05
N ARG A 657 -18.77 -6.55 -14.66
CA ARG A 657 -18.40 -6.85 -13.27
C ARG A 657 -17.01 -6.28 -12.97
N GLN A 658 -16.96 -5.29 -12.09
CA GLN A 658 -15.69 -4.71 -11.69
C GLN A 658 -14.92 -5.69 -10.82
N GLY A 659 -13.65 -5.37 -10.57
CA GLY A 659 -12.78 -6.27 -9.84
C GLY A 659 -12.38 -7.50 -10.62
N CYS A 660 -12.74 -7.57 -11.88
CA CYS A 660 -12.44 -8.67 -12.79
C CYS A 660 -11.30 -8.29 -13.71
N PRO A 661 -10.24 -9.10 -13.78
CA PRO A 661 -9.11 -8.74 -14.65
C PRO A 661 -9.48 -8.66 -16.12
N LEU A 662 -10.59 -9.29 -16.51
CA LEU A 662 -10.97 -9.33 -17.94
C LEU A 662 -11.91 -8.16 -18.26
N SER A 663 -12.55 -7.59 -17.24
CA SER A 663 -13.54 -6.54 -17.46
C SER A 663 -13.01 -5.34 -18.24
N PRO A 664 -11.85 -4.76 -17.90
CA PRO A 664 -11.40 -3.58 -18.66
C PRO A 664 -11.23 -3.83 -20.14
N LEU A 665 -10.75 -5.00 -20.53
CA LEU A 665 -10.58 -5.30 -21.95
C LEU A 665 -11.93 -5.37 -22.66
N LEU A 666 -12.92 -6.01 -22.03
CA LEU A 666 -14.25 -6.06 -22.62
C LEU A 666 -14.86 -4.68 -22.74
N PHE A 667 -14.68 -3.84 -21.71
CA PHE A 667 -15.21 -2.48 -21.80
C PHE A 667 -14.52 -1.70 -22.91
N ASN A 668 -13.21 -1.87 -23.07
CA ASN A 668 -12.50 -1.21 -24.16
C ASN A 668 -13.02 -1.67 -25.50
N ILE A 669 -13.27 -2.97 -25.64
CA ILE A 669 -13.81 -3.50 -26.90
C ILE A 669 -15.18 -2.91 -27.19
N VAL A 670 -16.04 -2.83 -26.18
CA VAL A 670 -17.37 -2.28 -26.38
C VAL A 670 -17.29 -0.80 -26.75
N LEU A 671 -16.46 -0.04 -26.06
CA LEU A 671 -16.31 1.38 -26.36
C LEU A 671 -15.64 1.61 -27.70
N GLU A 672 -14.88 0.65 -28.21
CA GLU A 672 -14.26 0.83 -29.51
C GLU A 672 -15.28 0.85 -30.62
N VAL A 673 -16.45 0.24 -30.41
CA VAL A 673 -17.53 0.36 -31.39
C VAL A 673 -17.95 1.81 -31.52
N LEU A 674 -18.14 2.50 -30.39
CA LEU A 674 -18.46 3.92 -30.41
C LEU A 674 -17.33 4.73 -31.01
N ALA A 675 -16.09 4.40 -30.66
CA ALA A 675 -14.94 5.13 -31.18
C ALA A 675 -14.89 5.06 -32.71
N ARG A 676 -14.99 3.84 -33.25
CA ARG A 676 -14.97 3.67 -34.70
C ARG A 676 -16.22 4.26 -35.35
N ALA A 677 -17.35 4.28 -34.64
CA ALA A 677 -18.52 4.95 -35.17
C ALA A 677 -18.29 6.44 -35.32
N ILE A 678 -17.63 7.07 -34.33
CA ILE A 678 -17.34 8.48 -34.43
C ILE A 678 -16.33 8.75 -35.53
N ARG A 679 -15.27 7.94 -35.60
CA ARG A 679 -14.24 8.17 -36.62
C ARG A 679 -14.78 7.95 -38.03
N GLN A 680 -15.59 6.91 -38.22
CA GLN A 680 -16.10 6.59 -39.54
C GLN A 680 -17.27 7.48 -39.96
N GLU A 681 -17.78 8.32 -39.06
CA GLU A 681 -18.89 9.20 -39.38
C GLU A 681 -18.34 10.46 -40.03
N LYS A 682 -18.57 10.61 -41.34
CA LYS A 682 -18.07 11.78 -42.06
C LYS A 682 -18.74 13.07 -41.61
N GLU A 683 -19.98 13.00 -41.11
CA GLU A 683 -20.68 14.20 -40.66
C GLU A 683 -20.09 14.78 -39.38
N ILE A 684 -19.31 14.02 -38.64
CA ILE A 684 -18.56 14.52 -37.49
C ILE A 684 -17.21 14.97 -38.02
N LYS A 685 -16.94 16.27 -37.98
CA LYS A 685 -15.73 16.82 -38.55
C LYS A 685 -14.65 16.94 -37.47
N GLY A 686 -13.52 16.30 -37.72
CA GLY A 686 -12.38 16.37 -36.83
C GLY A 686 -11.51 17.57 -37.13
N ILE A 687 -10.31 17.55 -36.57
CA ILE A 687 -9.32 18.61 -36.77
C ILE A 687 -8.18 18.06 -37.59
N GLN A 688 -7.94 18.66 -38.75
CA GLN A 688 -6.95 18.17 -39.71
C GLN A 688 -5.63 18.90 -39.48
N LEU A 689 -4.63 18.15 -39.01
CA LEU A 689 -3.29 18.68 -38.78
C LEU A 689 -2.39 18.16 -39.89
N GLY A 690 -2.39 18.85 -41.03
CA GLY A 690 -1.62 18.40 -42.16
C GLY A 690 -2.20 17.12 -42.72
N LYS A 691 -1.44 16.03 -42.63
CA LYS A 691 -1.89 14.72 -43.10
C LYS A 691 -2.51 13.88 -41.99
N GLU A 692 -2.57 14.39 -40.77
CA GLU A 692 -3.12 13.66 -39.64
C GLU A 692 -4.53 14.16 -39.34
N GLU A 693 -5.49 13.25 -39.32
CA GLU A 693 -6.86 13.57 -38.95
C GLU A 693 -7.10 13.14 -37.51
N VAL A 694 -7.39 14.11 -36.64
CA VAL A 694 -7.55 13.87 -35.21
C VAL A 694 -9.01 14.13 -34.86
N LYS A 695 -9.72 13.09 -34.46
CA LYS A 695 -11.13 13.19 -34.11
C LYS A 695 -11.40 12.94 -32.64
N LEU A 696 -10.78 11.93 -32.04
CA LEU A 696 -11.06 11.60 -30.65
C LEU A 696 -9.88 10.83 -30.07
N SER A 697 -9.81 10.81 -28.74
CA SER A 697 -8.79 10.08 -28.01
C SER A 697 -9.39 9.52 -26.74
N LEU A 698 -8.98 8.31 -26.38
CA LEU A 698 -9.62 7.56 -25.29
C LEU A 698 -8.61 7.18 -24.23
N PHE A 699 -9.07 7.17 -22.98
CA PHE A 699 -8.35 6.56 -21.86
C PHE A 699 -9.42 5.94 -20.97
N ALA A 700 -9.57 4.62 -21.05
CA ALA A 700 -10.61 3.87 -20.34
C ALA A 700 -11.96 4.43 -20.81
N ASP A 701 -12.81 4.92 -19.91
CA ASP A 701 -14.06 5.55 -20.31
C ASP A 701 -13.93 7.06 -20.52
N ASP A 702 -12.80 7.65 -20.13
CA ASP A 702 -12.60 9.08 -20.31
C ASP A 702 -12.32 9.36 -21.78
N MET A 703 -13.17 10.15 -22.42
CA MET A 703 -13.10 10.41 -23.84
C MET A 703 -12.90 11.90 -24.09
N ILE A 704 -12.02 12.22 -25.03
CA ILE A 704 -11.87 13.58 -25.52
C ILE A 704 -12.19 13.58 -27.01
N VAL A 705 -13.07 14.49 -27.42
CA VAL A 705 -13.48 14.60 -28.81
C VAL A 705 -13.10 15.99 -29.32
N TYR A 706 -12.33 16.03 -30.39
CA TYR A 706 -11.95 17.28 -31.05
C TYR A 706 -12.84 17.46 -32.27
N LEU A 707 -13.36 18.67 -32.46
CA LEU A 707 -14.31 18.95 -33.52
C LEU A 707 -13.97 20.24 -34.24
N GLU A 708 -14.38 20.32 -35.50
CA GLU A 708 -14.35 21.56 -36.26
C GLU A 708 -15.76 21.88 -36.73
N ASN A 709 -16.09 23.17 -36.78
CA ASN A 709 -17.46 23.63 -37.01
C ASN A 709 -18.37 22.99 -35.97
N PRO A 710 -18.27 23.40 -34.71
CA PRO A 710 -19.01 22.71 -33.64
C PRO A 710 -20.51 22.77 -33.78
N ILE A 711 -21.04 23.76 -34.51
CA ILE A 711 -22.49 23.95 -34.57
C ILE A 711 -23.19 22.68 -35.07
N VAL A 712 -22.62 22.04 -36.08
CA VAL A 712 -23.16 20.81 -36.62
C VAL A 712 -22.46 19.58 -36.04
N SER A 713 -21.14 19.67 -35.87
CA SER A 713 -20.37 18.52 -35.43
C SER A 713 -20.75 18.07 -34.02
N ALA A 714 -20.94 19.01 -33.12
CA ALA A 714 -21.30 18.64 -31.74
C ALA A 714 -22.68 18.00 -31.69
N GLN A 715 -23.64 18.53 -32.45
CA GLN A 715 -24.96 17.92 -32.51
C GLN A 715 -24.90 16.53 -33.11
N ASN A 716 -24.10 16.34 -34.16
CA ASN A 716 -23.94 15.01 -34.73
C ASN A 716 -23.31 14.05 -33.74
N LEU A 717 -22.31 14.52 -32.99
CA LEU A 717 -21.67 13.68 -31.97
C LEU A 717 -22.66 13.29 -30.89
N LEU A 718 -23.50 14.24 -30.45
CA LEU A 718 -24.48 13.93 -29.42
C LEU A 718 -25.54 12.95 -29.94
N LYS A 719 -25.96 13.11 -31.21
CA LYS A 719 -26.91 12.18 -31.78
C LYS A 719 -26.34 10.77 -31.86
N LEU A 720 -25.07 10.66 -32.29
CA LEU A 720 -24.45 9.34 -32.35
C LEU A 720 -24.24 8.77 -30.95
N ILE A 721 -23.94 9.62 -29.97
CA ILE A 721 -23.80 9.16 -28.59
C ILE A 721 -25.13 8.61 -28.08
N SER A 722 -26.23 9.31 -28.37
CA SER A 722 -27.54 8.82 -27.95
C SER A 722 -27.89 7.52 -28.66
N ASN A 723 -27.58 7.41 -29.94
CA ASN A 723 -27.84 6.17 -30.66
C ASN A 723 -27.03 5.03 -30.07
N PHE A 724 -25.77 5.28 -29.70
CA PHE A 724 -24.95 4.26 -29.07
C PHE A 724 -25.52 3.85 -27.71
N SER A 725 -25.94 4.84 -26.92
CA SER A 725 -26.46 4.55 -25.58
C SER A 725 -27.80 3.85 -25.63
N LYS A 726 -28.58 4.03 -26.70
CA LYS A 726 -29.84 3.32 -26.82
C LYS A 726 -29.65 1.83 -27.00
N VAL A 727 -28.45 1.38 -27.37
CA VAL A 727 -28.19 -0.03 -27.57
C VAL A 727 -27.09 -0.58 -26.67
N SER A 728 -26.31 0.27 -25.99
CA SER A 728 -25.24 -0.19 -25.13
C SER A 728 -25.33 0.31 -23.70
N GLY A 729 -26.14 1.34 -23.44
CA GLY A 729 -26.25 1.89 -22.10
C GLY A 729 -25.12 2.82 -21.71
N TYR A 730 -24.28 3.22 -22.65
CA TYR A 730 -23.18 4.15 -22.35
C TYR A 730 -23.72 5.56 -22.17
N LYS A 731 -24.25 5.85 -20.99
CA LYS A 731 -24.83 7.16 -20.72
C LYS A 731 -23.75 8.14 -20.32
N ILE A 732 -23.83 9.35 -20.89
CA ILE A 732 -22.88 10.41 -20.58
C ILE A 732 -23.65 11.54 -19.90
N ASN A 733 -22.94 12.30 -19.07
CA ASN A 733 -23.49 13.44 -18.36
C ASN A 733 -23.15 14.68 -19.18
N VAL A 734 -23.95 14.94 -20.21
CA VAL A 734 -23.63 15.98 -21.18
C VAL A 734 -23.67 17.36 -20.53
N GLN A 735 -24.49 17.54 -19.49
CA GLN A 735 -24.54 18.84 -18.82
C GLN A 735 -23.33 19.08 -17.93
N LYS A 736 -22.59 18.02 -17.59
CA LYS A 736 -21.39 18.15 -16.76
C LYS A 736 -20.11 18.12 -17.58
N SER A 737 -20.13 17.53 -18.77
CA SER A 737 -18.94 17.39 -19.59
C SER A 737 -18.36 18.76 -19.93
N GLN A 738 -17.09 18.95 -19.59
CA GLN A 738 -16.40 20.22 -19.81
C GLN A 738 -15.84 20.27 -21.23
N ALA A 739 -15.78 21.48 -21.78
CA ALA A 739 -15.34 21.63 -23.16
C ALA A 739 -14.80 23.03 -23.36
N PHE A 740 -13.94 23.17 -24.38
CA PHE A 740 -13.45 24.46 -24.81
C PHE A 740 -14.22 24.91 -26.05
N LEU A 741 -14.35 26.22 -26.21
CA LEU A 741 -14.83 26.82 -27.44
C LEU A 741 -13.81 27.82 -27.97
N TYR A 742 -13.50 27.72 -29.25
CA TYR A 742 -12.62 28.67 -29.92
C TYR A 742 -13.39 29.26 -31.08
N THR A 743 -13.87 30.49 -30.91
CA THR A 743 -14.66 31.18 -31.91
C THR A 743 -14.08 32.55 -32.18
N ASN A 744 -14.19 32.99 -33.44
CA ASN A 744 -13.67 34.28 -33.87
C ASN A 744 -14.70 35.39 -33.77
N ASN A 745 -15.90 35.09 -33.27
CA ASN A 745 -16.96 36.09 -33.16
C ASN A 745 -17.83 35.70 -31.98
N ARG A 746 -18.10 36.67 -31.10
CA ARG A 746 -18.73 36.36 -29.81
C ARG A 746 -20.17 35.91 -30.00
N GLN A 747 -20.87 36.42 -31.00
CA GLN A 747 -22.25 35.99 -31.24
C GLN A 747 -22.30 34.52 -31.60
N THR A 748 -21.32 34.04 -32.38
CA THR A 748 -21.25 32.62 -32.69
C THR A 748 -21.03 31.80 -31.44
N GLU A 749 -20.17 32.27 -30.52
CA GLU A 749 -19.96 31.57 -29.26
C GLU A 749 -21.24 31.52 -28.44
N SER A 750 -21.98 32.63 -28.41
CA SER A 750 -23.25 32.65 -27.69
C SER A 750 -24.25 31.67 -28.29
N GLN A 751 -24.32 31.61 -29.63
CA GLN A 751 -25.22 30.67 -30.28
C GLN A 751 -24.83 29.23 -29.97
N ILE A 752 -23.53 28.93 -29.97
CA ILE A 752 -23.07 27.59 -29.67
C ILE A 752 -23.39 27.23 -28.21
N MET A 753 -23.22 28.19 -27.29
CA MET A 753 -23.64 27.98 -25.92
C MET A 753 -25.13 27.66 -25.83
N GLY A 754 -25.94 28.42 -26.56
CA GLY A 754 -27.38 28.20 -26.50
C GLY A 754 -27.80 26.85 -27.04
N GLU A 755 -27.23 26.44 -28.18
CA GLU A 755 -27.64 25.18 -28.79
C GLU A 755 -27.07 23.98 -28.06
N LEU A 756 -25.82 24.07 -27.57
CA LEU A 756 -25.24 22.88 -26.97
C LEU A 756 -25.52 22.83 -25.47
N PRO A 757 -25.68 21.63 -24.93
CA PRO A 757 -25.83 21.47 -23.48
C PRO A 757 -24.53 21.30 -22.71
N PHE A 758 -23.38 21.43 -23.35
CA PHE A 758 -22.10 21.31 -22.68
C PHE A 758 -21.82 22.56 -21.83
N THR A 759 -20.99 22.37 -20.80
CA THR A 759 -20.48 23.48 -20.02
C THR A 759 -19.05 23.78 -20.46
N ILE A 760 -18.76 25.05 -20.69
CA ILE A 760 -17.49 25.47 -21.27
C ILE A 760 -16.64 26.11 -20.18
N ALA A 761 -15.42 25.61 -20.01
CA ALA A 761 -14.48 26.16 -19.04
C ALA A 761 -13.68 27.28 -19.68
N SER A 762 -13.52 28.39 -18.95
CA SER A 762 -12.84 29.55 -19.50
C SER A 762 -11.33 29.34 -19.54
N LYS A 763 -10.77 28.68 -18.52
CA LYS A 763 -9.32 28.60 -18.39
C LYS A 763 -8.79 27.18 -18.54
N ARG A 764 -9.27 26.23 -17.75
CA ARG A 764 -8.67 24.90 -17.71
C ARG A 764 -9.75 23.83 -17.58
N ILE A 765 -9.42 22.63 -18.06
CA ILE A 765 -10.20 21.43 -17.78
C ILE A 765 -9.24 20.35 -17.28
N LYS A 766 -9.69 19.56 -16.33
CA LYS A 766 -8.88 18.47 -15.80
C LYS A 766 -9.00 17.26 -16.72
N TYR A 767 -7.88 16.61 -16.97
CA TYR A 767 -7.85 15.45 -17.87
C TYR A 767 -6.64 14.60 -17.55
N LEU A 768 -6.88 13.40 -17.04
CA LEU A 768 -5.82 12.50 -16.60
C LEU A 768 -4.87 13.20 -15.62
N GLY A 769 -5.45 13.91 -14.66
CA GLY A 769 -4.67 14.61 -13.67
C GLY A 769 -3.89 15.79 -14.19
N ILE A 770 -4.08 16.17 -15.45
CA ILE A 770 -3.33 17.23 -16.10
C ILE A 770 -4.30 18.35 -16.46
N GLN A 771 -3.96 19.56 -16.07
CA GLN A 771 -4.83 20.72 -16.32
C GLN A 771 -4.54 21.26 -17.71
N LEU A 772 -5.24 20.73 -18.70
CA LEU A 772 -5.13 21.26 -20.06
C LEU A 772 -5.61 22.71 -20.07
N THR A 773 -4.92 23.54 -20.84
CA THR A 773 -5.18 24.98 -20.84
C THR A 773 -5.73 25.41 -22.19
N ARG A 774 -6.63 26.39 -22.15
CA ARG A 774 -7.20 26.95 -23.38
C ARG A 774 -6.12 27.54 -24.26
N ASP A 775 -5.16 28.24 -23.66
CA ASP A 775 -4.00 28.77 -24.35
C ASP A 775 -2.75 28.06 -23.83
N VAL A 776 -2.07 27.33 -24.72
CA VAL A 776 -0.95 26.50 -24.29
C VAL A 776 0.20 27.33 -23.73
N LYS A 777 0.18 28.64 -23.93
CA LYS A 777 1.20 29.49 -23.33
C LYS A 777 1.10 29.54 -21.81
N ASP A 778 -0.03 29.09 -21.24
CA ASP A 778 -0.23 29.06 -19.81
C ASP A 778 -0.13 27.65 -19.23
N LEU A 779 0.51 26.73 -19.96
CA LEU A 779 0.65 25.36 -19.46
C LEU A 779 1.48 25.33 -18.18
N PHE A 780 2.59 26.06 -18.16
CA PHE A 780 3.41 26.12 -16.96
C PHE A 780 2.65 26.73 -15.80
N LYS A 781 1.90 27.81 -16.07
CA LYS A 781 1.17 28.48 -15.01
C LYS A 781 0.07 27.60 -14.42
N GLU A 782 -0.64 26.86 -15.27
CA GLU A 782 -1.75 26.03 -14.82
C GLU A 782 -1.37 24.61 -14.46
N ASN A 783 -0.11 24.23 -14.63
CA ASN A 783 0.23 22.84 -14.34
C ASN A 783 1.39 22.68 -13.38
N TYR A 784 2.38 23.57 -13.43
CA TYR A 784 3.58 23.42 -12.61
C TYR A 784 3.58 24.33 -11.38
N LYS A 785 3.09 25.56 -11.50
CA LYS A 785 2.93 26.39 -10.31
C LYS A 785 2.00 25.75 -9.29
N PRO A 786 0.81 25.25 -9.64
CA PRO A 786 0.02 24.49 -8.66
C PRO A 786 0.74 23.23 -8.19
N LEU A 787 1.60 22.65 -9.02
CA LEU A 787 2.39 21.50 -8.59
C LEU A 787 3.32 21.90 -7.44
N LEU A 788 4.01 23.03 -7.57
CA LEU A 788 4.86 23.51 -6.49
C LEU A 788 4.04 23.87 -5.25
N LYS A 789 2.87 24.47 -5.46
CA LYS A 789 2.01 24.79 -4.32
C LYS A 789 1.61 23.53 -3.56
N GLU A 790 1.21 22.49 -4.29
CA GLU A 790 0.83 21.23 -3.66
C GLU A 790 2.02 20.59 -2.96
N ILE A 791 3.20 20.64 -3.57
CA ILE A 791 4.38 20.04 -2.96
C ILE A 791 4.73 20.76 -1.66
N LYS A 792 4.67 22.10 -1.67
CA LYS A 792 4.91 22.85 -0.45
C LYS A 792 3.85 22.53 0.60
N GLU A 793 2.59 22.36 0.19
CA GLU A 793 1.54 22.04 1.14
C GLU A 793 1.79 20.68 1.79
N GLU A 794 2.17 19.68 1.02
CA GLU A 794 2.48 18.38 1.61
C GLU A 794 3.72 18.44 2.48
N THR A 795 4.71 19.24 2.09
CA THR A 795 5.89 19.42 2.94
C THR A 795 5.50 20.01 4.29
N ASN A 796 4.64 21.03 4.28
CA ASN A 796 4.19 21.62 5.53
C ASN A 796 3.35 20.63 6.34
N LYS A 797 2.57 19.79 5.65
CA LYS A 797 1.81 18.76 6.36
C LYS A 797 2.73 17.78 7.05
N TRP A 798 3.83 17.40 6.39
CA TRP A 798 4.83 16.50 6.97
C TRP A 798 6.00 17.28 7.56
N LYS A 799 5.75 18.48 8.08
CA LYS A 799 6.82 19.27 8.67
C LYS A 799 7.41 18.59 9.90
N ASN A 800 6.56 18.02 10.75
CA ASN A 800 6.98 17.37 11.99
C ASN A 800 6.72 15.87 11.95
N ILE A 801 6.84 15.27 10.78
CA ILE A 801 6.58 13.83 10.64
C ILE A 801 7.66 13.05 11.41
N PRO A 802 7.31 12.03 12.19
CA PRO A 802 8.30 11.30 12.99
C PRO A 802 9.13 10.29 12.20
N CYS A 803 10.15 10.80 11.50
CA CYS A 803 11.07 9.95 10.78
C CYS A 803 12.41 10.67 10.65
N SER A 804 13.45 9.90 10.33
CA SER A 804 14.78 10.45 10.14
C SER A 804 14.90 11.02 8.72
N TRP A 805 16.12 11.38 8.32
CA TRP A 805 16.29 11.99 7.01
C TRP A 805 16.22 10.96 5.89
N VAL A 806 16.66 9.72 6.13
CA VAL A 806 16.54 8.69 5.10
C VAL A 806 15.07 8.33 4.88
N GLY A 807 14.28 8.31 5.94
CA GLY A 807 12.86 8.09 5.79
C GLY A 807 12.21 9.16 4.94
N ARG A 808 12.64 10.41 5.10
CA ARG A 808 12.07 11.49 4.30
C ARG A 808 12.61 11.45 2.87
N ILE A 809 13.84 10.96 2.67
CA ILE A 809 14.34 10.76 1.31
C ILE A 809 13.48 9.74 0.58
N ASN A 810 13.16 8.63 1.26
CA ASN A 810 12.30 7.63 0.65
C ASN A 810 10.87 8.14 0.50
N ILE A 811 10.43 9.03 1.38
CA ILE A 811 9.12 9.67 1.22
C ILE A 811 9.11 10.51 -0.06
N VAL A 812 10.18 11.27 -0.28
CA VAL A 812 10.28 12.07 -1.51
C VAL A 812 10.28 11.16 -2.74
N LYS A 813 11.01 10.05 -2.67
CA LYS A 813 11.00 9.10 -3.78
C LYS A 813 9.62 8.48 -4.00
N MET A 814 8.87 8.29 -2.92
CA MET A 814 7.66 7.46 -2.96
C MET A 814 6.38 8.26 -3.21
N ALA A 815 6.33 9.54 -2.84
CA ALA A 815 5.12 10.33 -2.96
C ALA A 815 5.28 11.56 -3.83
N ILE A 816 6.41 12.26 -3.75
CA ILE A 816 6.60 13.46 -4.54
C ILE A 816 7.17 13.12 -5.91
N LEU A 817 8.11 12.18 -5.97
CA LEU A 817 8.75 11.84 -7.23
C LEU A 817 7.79 11.29 -8.28
N PRO A 818 6.91 10.34 -7.98
CA PRO A 818 6.01 9.85 -9.04
C PRO A 818 5.12 10.93 -9.63
N LYS A 819 4.61 11.85 -8.81
CA LYS A 819 3.78 12.92 -9.32
C LYS A 819 4.57 13.84 -10.24
N VAL A 820 5.79 14.19 -9.84
CA VAL A 820 6.61 15.07 -10.66
C VAL A 820 6.99 14.37 -11.96
N ILE A 821 7.29 13.08 -11.90
CA ILE A 821 7.62 12.32 -13.11
C ILE A 821 6.43 12.28 -14.07
N TYR A 822 5.23 12.04 -13.55
CA TYR A 822 4.05 12.02 -14.39
C TYR A 822 3.79 13.39 -15.01
N ARG A 823 3.96 14.45 -14.22
CA ARG A 823 3.74 15.79 -14.76
C ARG A 823 4.78 16.12 -15.83
N PHE A 824 6.01 15.68 -15.64
CA PHE A 824 7.03 15.88 -16.66
C PHE A 824 6.68 15.13 -17.94
N ASN A 825 6.23 13.87 -17.80
CA ASN A 825 5.88 13.07 -18.96
C ASN A 825 4.73 13.71 -19.73
N ALA A 826 3.71 14.20 -19.02
CA ALA A 826 2.56 14.77 -19.68
C ALA A 826 2.92 16.06 -20.41
N ILE A 827 3.63 16.96 -19.74
CA ILE A 827 3.95 18.27 -20.31
C ILE A 827 5.43 18.56 -20.18
N PRO A 828 6.28 17.96 -21.01
CA PRO A 828 7.72 18.30 -20.97
C PRO A 828 8.04 19.54 -21.79
N ILE A 829 7.61 20.69 -21.28
CA ILE A 829 7.90 21.97 -21.91
C ILE A 829 9.11 22.59 -21.21
N LYS A 830 9.72 23.58 -21.86
CA LYS A 830 10.89 24.24 -21.30
C LYS A 830 10.56 24.88 -19.96
N LEU A 831 11.14 24.35 -18.89
CA LEU A 831 10.88 24.81 -17.53
C LEU A 831 12.00 25.73 -17.07
N PRO A 832 11.69 26.93 -16.60
CA PRO A 832 12.74 27.83 -16.11
C PRO A 832 13.41 27.28 -14.87
N MET A 833 14.66 27.71 -14.66
CA MET A 833 15.43 27.26 -13.51
C MET A 833 14.81 27.69 -12.19
N THR A 834 13.94 28.69 -12.19
CA THR A 834 13.27 29.10 -10.96
C THR A 834 12.42 27.97 -10.38
N PHE A 835 11.68 27.27 -11.25
CA PHE A 835 10.86 26.16 -10.79
C PHE A 835 11.70 25.08 -10.14
N PHE A 836 12.81 24.72 -10.78
CA PHE A 836 13.65 23.64 -10.26
C PHE A 836 14.36 24.05 -8.97
N THR A 837 14.81 25.30 -8.90
CA THR A 837 15.46 25.74 -7.67
C THR A 837 14.46 25.80 -6.52
N GLU A 838 13.22 26.21 -6.80
CA GLU A 838 12.20 26.23 -5.75
C GLU A 838 11.84 24.81 -5.31
N LEU A 839 11.71 23.89 -6.27
CA LEU A 839 11.41 22.50 -5.92
C LEU A 839 12.54 21.90 -5.09
N GLU A 840 13.79 22.15 -5.48
CA GLU A 840 14.92 21.62 -4.74
C GLU A 840 14.99 22.23 -3.34
N LYS A 841 14.76 23.53 -3.20
CA LYS A 841 14.76 24.15 -1.88
C LYS A 841 13.66 23.58 -1.00
N THR A 842 12.45 23.44 -1.54
CA THR A 842 11.34 22.88 -0.75
C THR A 842 11.63 21.45 -0.33
N THR A 843 12.09 20.61 -1.27
CA THR A 843 12.38 19.23 -0.93
C THR A 843 13.50 19.13 0.10
N LEU A 844 14.57 19.92 -0.06
CA LEU A 844 15.70 19.86 0.86
C LEU A 844 15.30 20.36 2.25
N LYS A 845 14.48 21.42 2.32
CA LYS A 845 13.98 21.88 3.60
C LYS A 845 13.13 20.81 4.26
N PHE A 846 12.35 20.08 3.46
CA PHE A 846 11.58 18.97 4.01
C PHE A 846 12.51 17.87 4.54
N ILE A 847 13.57 17.56 3.80
CA ILE A 847 14.37 16.37 4.09
C ILE A 847 15.08 16.51 5.43
N TRP A 848 15.72 17.64 5.65
CA TRP A 848 16.54 17.85 6.84
C TRP A 848 15.73 18.45 8.00
N ASN A 849 14.42 18.58 7.84
CA ASN A 849 13.54 19.11 8.88
C ASN A 849 13.97 20.52 9.29
N GLN A 850 14.02 21.40 8.28
CA GLN A 850 14.34 22.82 8.42
C GLN A 850 15.79 23.06 8.87
N LYS A 851 16.57 22.00 9.07
CA LYS A 851 17.96 22.15 9.46
C LYS A 851 18.82 22.39 8.22
N ARG A 852 20.08 22.75 8.43
CA ARG A 852 21.01 22.82 7.32
C ARG A 852 21.35 21.40 6.85
N ALA A 853 21.74 21.29 5.59
CA ALA A 853 22.07 19.99 5.01
C ALA A 853 23.32 19.46 5.68
N ARG A 854 23.15 18.48 6.57
CA ARG A 854 24.29 17.89 7.26
C ARG A 854 25.21 17.16 6.29
N ILE A 855 24.64 16.40 5.36
CA ILE A 855 25.39 15.75 4.29
C ILE A 855 25.06 16.46 2.99
N ALA A 856 26.09 16.86 2.24
CA ALA A 856 25.88 17.67 1.05
C ALA A 856 24.99 16.96 0.06
N LYS A 857 24.06 17.71 -0.54
CA LYS A 857 23.20 17.16 -1.57
C LYS A 857 23.98 16.70 -2.80
N SER A 858 25.20 17.20 -2.97
CA SER A 858 26.04 16.71 -4.06
C SER A 858 26.53 15.29 -3.79
N ILE A 859 26.84 14.96 -2.54
CA ILE A 859 27.24 13.60 -2.19
C ILE A 859 26.07 12.64 -2.39
N LEU A 860 24.90 12.99 -1.86
CA LEU A 860 23.73 12.14 -1.99
C LEU A 860 23.22 12.05 -3.42
N SER A 861 23.54 13.05 -4.25
CA SER A 861 23.16 13.00 -5.66
C SER A 861 23.86 11.85 -6.39
N GLN A 862 24.97 11.36 -5.86
CA GLN A 862 25.74 10.30 -6.50
C GLN A 862 24.97 8.98 -6.40
N LYS A 863 25.54 7.94 -6.99
CA LYS A 863 24.91 6.62 -7.02
C LYS A 863 25.09 5.94 -5.67
N ASN A 864 24.85 4.63 -5.65
CA ASN A 864 24.96 3.81 -4.44
C ASN A 864 26.33 3.94 -3.77
N LYS A 865 27.32 4.50 -4.48
CA LYS A 865 28.61 4.76 -3.86
C LYS A 865 28.51 5.77 -2.73
N ALA A 866 27.41 6.51 -2.65
CA ALA A 866 27.19 7.42 -1.53
C ALA A 866 26.61 6.71 -0.31
N GLY A 867 26.35 5.41 -0.40
CA GLY A 867 25.87 4.65 0.74
C GLY A 867 24.58 3.91 0.48
N GLY A 868 24.21 3.74 -0.78
CA GLY A 868 22.95 3.12 -1.10
C GLY A 868 21.74 3.97 -0.84
N ILE A 869 21.94 5.25 -0.51
CA ILE A 869 20.85 6.18 -0.23
C ILE A 869 20.98 7.31 -1.23
N THR A 870 20.04 7.41 -2.14
CA THR A 870 20.11 8.35 -3.25
C THR A 870 19.13 9.50 -3.06
N LEU A 871 19.65 10.72 -3.19
CA LEU A 871 18.67 11.79 -3.23
C LEU A 871 18.19 12.00 -4.65
N PRO A 872 16.88 12.07 -4.87
CA PRO A 872 16.36 12.24 -6.23
C PRO A 872 16.87 13.52 -6.88
N ASP A 873 17.16 13.45 -8.17
CA ASP A 873 17.64 14.58 -8.95
C ASP A 873 16.53 14.96 -9.93
N PHE A 874 15.81 16.03 -9.63
CA PHE A 874 14.65 16.39 -10.44
C PHE A 874 15.06 16.98 -11.79
N LYS A 875 16.21 17.68 -11.84
CA LYS A 875 16.71 18.15 -13.12
C LYS A 875 17.06 16.99 -14.04
N LEU A 876 17.70 15.95 -13.50
CA LEU A 876 18.06 14.80 -14.31
C LEU A 876 16.82 14.03 -14.76
N TYR A 877 15.82 13.91 -13.88
CA TYR A 877 14.56 13.29 -14.28
C TYR A 877 13.88 14.10 -15.39
N TYR A 878 13.92 15.43 -15.27
CA TYR A 878 13.36 16.28 -16.32
C TYR A 878 14.08 16.07 -17.64
N LYS A 879 15.42 16.01 -17.61
CA LYS A 879 16.17 15.78 -18.84
C LYS A 879 15.86 14.41 -19.43
N ALA A 880 15.74 13.39 -18.58
CA ALA A 880 15.40 12.05 -19.06
C ALA A 880 14.02 12.03 -19.70
N THR A 881 13.05 12.69 -19.06
CA THR A 881 11.70 12.75 -19.62
C THR A 881 11.70 13.48 -20.96
N VAL A 882 12.45 14.57 -21.06
CA VAL A 882 12.51 15.33 -22.30
C VAL A 882 13.15 14.50 -23.40
N THR A 883 14.25 13.79 -23.08
CA THR A 883 14.95 13.01 -24.10
C THR A 883 14.22 11.72 -24.44
N LYS A 884 13.27 11.28 -23.62
CA LYS A 884 12.54 10.04 -23.93
C LYS A 884 11.86 10.10 -25.29
N THR A 885 11.39 11.28 -25.71
CA THR A 885 10.69 11.40 -26.98
C THR A 885 11.57 11.00 -28.16
N ALA A 886 12.89 11.13 -28.00
CA ALA A 886 13.78 10.75 -29.08
C ALA A 886 13.74 9.26 -29.37
N TRP A 887 13.42 8.45 -28.36
CA TRP A 887 13.24 7.01 -28.60
C TRP A 887 12.08 6.76 -29.54
N TYR A 888 10.95 7.43 -29.32
CA TYR A 888 9.82 7.30 -30.24
C TYR A 888 10.12 7.93 -31.58
N TRP A 889 11.00 8.93 -31.62
CA TRP A 889 11.46 9.46 -32.90
C TRP A 889 12.19 8.39 -33.70
N TYR A 890 13.11 7.67 -33.04
CA TYR A 890 13.90 6.66 -33.73
C TYR A 890 13.05 5.47 -34.13
N GLN A 891 12.19 4.99 -33.24
CA GLN A 891 11.39 3.81 -33.55
C GLN A 891 10.42 4.08 -34.69
N ASN A 892 9.86 5.29 -34.74
CA ASN A 892 8.94 5.71 -35.80
C ASN A 892 7.76 4.74 -35.91
N ARG A 893 7.19 4.38 -34.77
CA ARG A 893 6.03 3.51 -34.75
C ARG A 893 4.84 4.18 -35.43
N ASP A 894 4.06 3.39 -36.17
CA ASP A 894 2.90 3.94 -36.85
C ASP A 894 1.81 4.34 -35.88
N ILE A 895 1.78 3.72 -34.69
CA ILE A 895 0.74 4.01 -33.71
C ILE A 895 0.96 5.32 -32.98
N ASP A 896 2.09 5.97 -33.17
CA ASP A 896 2.41 7.21 -32.45
C ASP A 896 1.90 8.41 -33.23
N GLN A 897 0.58 8.60 -33.16
CA GLN A 897 -0.04 9.78 -33.78
C GLN A 897 0.23 11.04 -32.98
N TRP A 898 0.56 10.91 -31.68
CA TRP A 898 0.86 12.06 -30.85
C TRP A 898 2.10 12.80 -31.35
N ASN A 899 3.10 12.06 -31.82
CA ASN A 899 4.35 12.68 -32.26
C ASN A 899 4.21 13.41 -33.58
N ARG A 900 3.20 13.08 -34.38
CA ARG A 900 3.02 13.69 -35.69
C ARG A 900 2.03 14.85 -35.68
N THR A 901 1.53 15.24 -34.51
CA THR A 901 0.57 16.33 -34.41
C THR A 901 1.19 17.66 -34.01
N GLU A 902 2.51 17.72 -33.91
CA GLU A 902 3.19 18.99 -33.65
C GLU A 902 3.05 19.94 -34.83
N PRO A 903 2.63 21.18 -34.61
CA PRO A 903 2.48 22.13 -35.73
C PRO A 903 3.81 22.37 -36.43
N SER A 904 3.73 22.53 -37.75
CA SER A 904 4.90 22.80 -38.57
C SER A 904 4.44 23.28 -39.93
N GLU A 905 5.03 24.38 -40.40
CA GLU A 905 4.76 24.91 -41.73
C GLU A 905 5.83 24.52 -42.73
N ILE A 906 6.84 23.77 -42.32
CA ILE A 906 7.93 23.33 -43.18
C ILE A 906 8.44 21.98 -42.68
N MET A 907 8.93 21.17 -43.62
CA MET A 907 9.40 19.81 -43.33
C MET A 907 8.33 19.03 -42.60
N PRO A 908 7.25 18.64 -43.29
CA PRO A 908 6.14 17.97 -42.60
C PRO A 908 6.54 16.69 -41.89
N HIS A 909 7.43 15.90 -42.47
CA HIS A 909 7.95 14.68 -41.82
C HIS A 909 9.42 14.92 -41.51
N ILE A 910 9.68 15.44 -40.32
CA ILE A 910 11.03 15.74 -39.88
C ILE A 910 11.35 14.95 -38.62
N TYR A 911 10.36 14.80 -37.73
CA TYR A 911 10.61 14.21 -36.42
C TYR A 911 11.12 12.79 -36.50
N ASN A 912 10.91 12.11 -37.64
CA ASN A 912 11.46 10.77 -37.80
C ASN A 912 12.90 10.79 -38.30
N TYR A 913 13.48 11.96 -38.56
CA TYR A 913 14.77 12.09 -39.21
C TYR A 913 15.76 12.95 -38.44
N LEU A 914 15.59 13.10 -37.12
CA LEU A 914 16.65 13.74 -36.35
C LEU A 914 17.57 12.74 -35.68
N ILE A 915 17.02 11.67 -35.11
CA ILE A 915 17.82 10.72 -34.33
C ILE A 915 18.69 9.92 -35.29
N PHE A 916 20.00 10.05 -35.14
CA PHE A 916 20.97 9.30 -35.93
C PHE A 916 20.75 9.55 -37.43
N ASP A 917 20.90 10.81 -37.82
CA ASP A 917 20.56 11.25 -39.17
C ASP A 917 21.32 12.54 -39.43
N LYS A 918 21.46 12.88 -40.71
CA LYS A 918 22.14 14.11 -41.09
C LYS A 918 21.44 15.31 -40.47
N PRO A 919 22.20 16.34 -40.09
CA PRO A 919 21.57 17.54 -39.54
C PRO A 919 20.72 18.24 -40.59
N GLU A 920 19.80 19.06 -40.09
CA GLU A 920 18.97 19.85 -41.00
C GLU A 920 19.85 20.78 -41.83
N LYS A 921 19.40 21.05 -43.06
CA LYS A 921 20.20 21.81 -44.02
C LYS A 921 20.05 23.30 -43.77
N ASN A 922 20.51 23.73 -42.59
CA ASN A 922 20.40 25.11 -42.14
C ASN A 922 18.97 25.60 -42.22
N LYS A 923 18.03 24.73 -41.88
CA LYS A 923 16.60 25.03 -41.92
C LYS A 923 16.13 25.34 -40.51
N GLN A 924 15.46 26.48 -40.36
CA GLN A 924 14.92 26.87 -39.05
C GLN A 924 13.54 26.24 -38.89
N TRP A 925 13.53 25.13 -38.17
CA TRP A 925 12.36 24.28 -38.07
C TRP A 925 11.86 24.22 -36.62
N GLY A 926 10.58 23.91 -36.48
CA GLY A 926 10.01 23.79 -35.15
C GLY A 926 9.99 25.09 -34.36
N LYS A 927 9.79 26.22 -35.03
CA LYS A 927 9.73 27.50 -34.32
C LYS A 927 8.60 27.50 -33.30
N ASP A 928 7.43 26.98 -33.70
CA ASP A 928 6.27 26.93 -32.83
C ASP A 928 6.15 25.60 -32.10
N SER A 929 7.12 24.71 -32.26
CA SER A 929 7.08 23.43 -31.59
C SER A 929 7.15 23.60 -30.09
N LEU A 930 6.42 22.76 -29.37
CA LEU A 930 6.32 22.83 -27.93
C LEU A 930 7.05 21.71 -27.20
N PHE A 931 7.05 20.51 -27.76
CA PHE A 931 7.71 19.36 -27.16
C PHE A 931 8.87 18.84 -27.97
N ASN A 932 8.77 18.86 -29.30
CA ASN A 932 9.80 18.25 -30.14
C ASN A 932 11.08 19.08 -30.17
N LYS A 933 10.97 20.40 -30.30
CA LYS A 933 12.18 21.21 -30.42
C LYS A 933 13.00 21.16 -29.16
N TRP A 934 12.36 21.23 -27.99
CA TRP A 934 13.10 21.16 -26.74
C TRP A 934 13.75 19.78 -26.58
N CYS A 935 13.04 18.72 -26.98
CA CYS A 935 13.62 17.39 -26.93
C CYS A 935 14.85 17.29 -27.82
N TRP A 936 14.78 17.86 -29.02
CA TRP A 936 15.93 17.86 -29.93
C TRP A 936 17.10 18.63 -29.34
N GLU A 937 16.82 19.79 -28.75
CA GLU A 937 17.88 20.59 -28.14
C GLU A 937 18.54 19.84 -27.00
N ASN A 938 17.75 19.20 -26.15
CA ASN A 938 18.32 18.41 -25.05
C ASN A 938 19.14 17.24 -25.58
N TRP A 939 18.62 16.54 -26.59
CA TRP A 939 19.34 15.41 -27.15
C TRP A 939 20.69 15.85 -27.70
N LEU A 940 20.71 16.98 -28.42
CA LEU A 940 21.97 17.53 -28.88
C LEU A 940 22.88 17.92 -27.72
N ALA A 941 22.30 18.43 -26.63
CA ALA A 941 23.10 18.83 -25.49
C ALA A 941 23.85 17.64 -24.89
N ILE A 942 23.12 16.56 -24.57
CA ILE A 942 23.80 15.39 -24.02
C ILE A 942 24.73 14.74 -25.04
N CYS A 943 24.36 14.76 -26.33
CA CYS A 943 25.24 14.17 -27.33
C CYS A 943 26.56 14.93 -27.43
N ARG A 944 26.51 16.25 -27.37
CA ARG A 944 27.74 17.05 -27.37
C ARG A 944 28.51 16.86 -26.08
N LYS A 945 27.80 16.69 -24.95
CA LYS A 945 28.48 16.48 -23.68
C LYS A 945 29.25 15.17 -23.67
N LEU A 946 28.84 14.20 -24.49
CA LEU A 946 29.51 12.91 -24.56
C LEU A 946 30.65 12.88 -25.56
N LYS A 947 30.93 13.99 -26.24
CA LYS A 947 31.92 14.03 -27.32
C LYS A 947 31.59 12.98 -28.38
N LEU A 948 30.29 12.83 -28.65
CA LEU A 948 29.77 11.80 -29.53
C LEU A 948 29.31 12.43 -30.84
N ASP A 949 29.25 11.60 -31.88
CA ASP A 949 28.74 12.02 -33.18
C ASP A 949 27.26 11.67 -33.28
N PRO A 950 26.35 12.62 -33.05
CA PRO A 950 24.93 12.29 -33.03
C PRO A 950 24.29 12.18 -34.40
N PHE A 951 25.02 12.49 -35.47
CA PHE A 951 24.43 12.53 -36.81
C PHE A 951 24.64 11.26 -37.60
N LEU A 952 25.75 10.56 -37.41
CA LEU A 952 25.98 9.26 -38.04
C LEU A 952 26.45 8.30 -36.96
N THR A 953 25.79 7.16 -36.86
CA THR A 953 26.05 6.18 -35.82
C THR A 953 25.84 4.79 -36.39
N PRO A 954 26.35 3.75 -35.72
CA PRO A 954 26.09 2.38 -36.19
C PRO A 954 24.62 2.01 -36.22
N TYR A 955 23.77 2.76 -35.52
CA TYR A 955 22.34 2.49 -35.49
C TYR A 955 21.55 3.35 -36.47
N THR A 956 22.22 4.06 -37.38
CA THR A 956 21.53 4.86 -38.37
C THR A 956 20.64 3.97 -39.25
N LYS A 957 19.39 4.37 -39.41
CA LYS A 957 18.43 3.56 -40.14
C LYS A 957 18.74 3.57 -41.63
N ILE A 958 18.28 2.52 -42.32
CA ILE A 958 18.32 2.50 -43.77
C ILE A 958 17.44 3.62 -44.33
N ASN A 959 16.30 3.86 -43.69
CA ASN A 959 15.36 4.89 -44.13
C ASN A 959 15.87 6.30 -43.88
N SER A 960 17.00 6.45 -43.19
CA SER A 960 17.54 7.75 -42.84
C SER A 960 17.98 8.51 -44.09
N ARG A 961 18.14 9.82 -43.93
CA ARG A 961 18.59 10.68 -45.03
C ARG A 961 19.96 10.30 -45.56
N TRP A 962 20.76 9.56 -44.78
CA TRP A 962 22.11 9.21 -45.22
C TRP A 962 22.09 8.40 -46.51
N ILE A 963 20.99 7.72 -46.80
CA ILE A 963 20.82 7.01 -48.06
C ILE A 963 19.80 7.70 -48.96
N LYS A 964 18.86 8.44 -48.39
CA LYS A 964 17.85 9.11 -49.20
C LYS A 964 18.38 10.38 -49.86
N ASP A 965 19.59 10.83 -49.50
CA ASP A 965 20.19 11.95 -50.20
C ASP A 965 20.84 11.53 -51.50
N LEU A 966 21.03 10.22 -51.72
CA LEU A 966 21.64 9.69 -52.92
C LEU A 966 20.63 9.48 -54.05
N ASN A 967 19.40 9.98 -53.89
CA ASN A 967 18.34 9.78 -54.87
C ASN A 967 18.08 8.30 -55.13
N VAL A 968 18.17 7.49 -54.08
CA VAL A 968 17.92 6.07 -54.19
C VAL A 968 16.44 5.82 -54.39
N LYS A 969 16.10 4.93 -55.31
CA LYS A 969 14.70 4.63 -55.58
C LYS A 969 14.04 4.01 -54.36
N PRO A 970 12.79 4.39 -54.05
CA PRO A 970 12.10 3.83 -52.88
C PRO A 970 12.11 2.31 -52.83
N LYS A 971 11.80 1.65 -53.96
CA LYS A 971 11.73 0.19 -53.96
C LYS A 971 13.01 -0.43 -53.45
N THR A 972 14.16 0.17 -53.81
CA THR A 972 15.43 -0.32 -53.30
C THR A 972 15.52 -0.21 -51.78
N ILE A 973 15.06 0.90 -51.22
CA ILE A 973 15.21 1.10 -49.78
C ILE A 973 14.27 0.18 -49.02
N LYS A 974 13.06 -0.06 -49.54
CA LYS A 974 12.21 -1.07 -48.93
C LYS A 974 12.82 -2.46 -49.02
N THR A 975 13.46 -2.79 -50.16
CA THR A 975 14.10 -4.09 -50.29
C THR A 975 15.22 -4.25 -49.25
N LEU A 976 16.04 -3.22 -49.09
CA LEU A 976 17.12 -3.27 -48.12
C LEU A 976 16.57 -3.41 -46.70
N GLU A 977 15.51 -2.67 -46.38
CA GLU A 977 14.93 -2.77 -45.04
C GLU A 977 14.34 -4.15 -44.78
N GLU A 978 13.64 -4.70 -45.77
CA GLU A 978 12.93 -5.97 -45.57
C GLU A 978 13.90 -7.13 -45.48
N ASN A 979 14.92 -7.16 -46.33
CA ASN A 979 15.74 -8.36 -46.46
C ASN A 979 16.99 -8.36 -45.57
N LEU A 980 17.59 -7.21 -45.30
CA LEU A 980 18.83 -7.16 -44.52
C LEU A 980 18.59 -6.77 -43.06
N GLY A 981 17.98 -5.61 -42.83
CA GLY A 981 17.77 -5.17 -41.46
C GLY A 981 17.28 -3.74 -41.39
N ILE A 982 17.58 -3.09 -40.27
CA ILE A 982 17.12 -1.74 -39.99
C ILE A 982 18.27 -0.75 -39.96
N THR A 983 19.42 -1.16 -39.42
CA THR A 983 20.56 -0.26 -39.25
C THR A 983 21.56 -0.43 -40.39
N ILE A 984 22.41 0.58 -40.55
CA ILE A 984 23.40 0.59 -41.62
C ILE A 984 24.38 -0.56 -41.44
N GLN A 985 24.69 -0.89 -40.19
CA GLN A 985 25.62 -1.99 -39.92
C GLN A 985 25.15 -3.29 -40.55
N ASP A 986 23.84 -3.49 -40.69
CA ASP A 986 23.33 -4.66 -41.38
C ASP A 986 23.75 -4.66 -42.84
N ILE A 987 23.67 -3.51 -43.50
CA ILE A 987 24.13 -3.41 -44.88
C ILE A 987 25.63 -3.65 -44.97
N GLY A 988 26.39 -3.04 -44.08
CA GLY A 988 27.84 -3.16 -44.08
C GLY A 988 28.50 -1.96 -44.74
N VAL A 989 29.72 -1.66 -44.30
CA VAL A 989 30.49 -0.54 -44.81
C VAL A 989 31.92 -1.00 -45.06
N GLY A 990 32.60 -0.26 -45.94
CA GLY A 990 33.98 -0.58 -46.26
C GLY A 990 34.10 -1.96 -46.88
N LYS A 991 35.06 -2.74 -46.38
CA LYS A 991 35.24 -4.10 -46.88
C LYS A 991 34.08 -5.01 -46.52
N ASP A 992 33.26 -4.62 -45.55
CA ASP A 992 32.08 -5.39 -45.16
C ASP A 992 30.83 -4.99 -45.91
N PHE A 993 30.95 -4.15 -46.95
CA PHE A 993 29.78 -3.70 -47.70
C PHE A 993 29.09 -4.86 -48.39
N MET A 994 27.92 -5.23 -47.89
CA MET A 994 27.06 -6.24 -48.51
C MET A 994 27.81 -7.56 -48.70
N SER A 995 28.58 -7.93 -47.67
CA SER A 995 29.38 -9.16 -47.73
C SER A 995 29.38 -9.94 -46.43
N LYS A 996 28.41 -9.70 -45.55
CA LYS A 996 28.35 -10.40 -44.27
C LYS A 996 27.53 -11.69 -44.32
N THR A 997 26.93 -12.01 -45.46
CA THR A 997 26.10 -13.19 -45.61
C THR A 997 25.85 -13.46 -47.09
N PRO A 998 25.60 -14.72 -47.49
CA PRO A 998 25.17 -14.96 -48.88
C PRO A 998 23.88 -14.22 -49.23
N LYS A 999 23.03 -13.97 -48.23
CA LYS A 999 21.83 -13.17 -48.48
C LYS A 999 22.19 -11.77 -48.94
N ALA A 1000 23.37 -11.27 -48.59
CA ALA A 1000 23.77 -9.94 -49.04
C ALA A 1000 23.90 -9.88 -50.55
N MET A 1001 24.66 -10.81 -51.15
CA MET A 1001 24.74 -10.85 -52.60
C MET A 1001 23.41 -11.26 -53.21
N ALA A 1002 22.63 -12.10 -52.51
CA ALA A 1002 21.30 -12.44 -53.00
C ALA A 1002 20.47 -11.17 -53.21
N THR A 1003 20.41 -10.31 -52.19
CA THR A 1003 19.67 -9.06 -52.32
C THR A 1003 20.32 -8.12 -53.32
N LYS A 1004 21.65 -8.11 -53.40
CA LYS A 1004 22.34 -7.34 -54.43
C LYS A 1004 21.87 -7.74 -55.82
N ASP A 1005 21.48 -9.01 -55.99
CA ASP A 1005 20.99 -9.46 -57.28
C ASP A 1005 19.75 -8.70 -57.73
N LYS A 1006 18.82 -8.42 -56.81
CA LYS A 1006 17.61 -7.67 -57.15
C LYS A 1006 17.69 -6.21 -56.73
N ILE A 1007 18.84 -5.57 -56.90
CA ILE A 1007 19.02 -4.16 -56.63
C ILE A 1007 19.39 -3.46 -57.93
N ASP A 1008 18.75 -2.32 -58.20
CA ASP A 1008 19.06 -1.56 -59.41
C ASP A 1008 20.53 -1.16 -59.43
N LYS A 1009 21.13 -1.21 -60.62
CA LYS A 1009 22.57 -1.01 -60.74
C LYS A 1009 22.98 0.40 -60.32
N TRP A 1010 22.19 1.40 -60.68
CA TRP A 1010 22.52 2.77 -60.27
C TRP A 1010 22.46 2.92 -58.76
N ASP A 1011 21.41 2.40 -58.13
CA ASP A 1011 21.29 2.52 -56.68
C ASP A 1011 22.36 1.70 -55.97
N LEU A 1012 22.72 0.54 -56.53
CA LEU A 1012 23.82 -0.24 -55.96
C LEU A 1012 25.14 0.51 -56.06
N ILE A 1013 25.36 1.20 -57.19
CA ILE A 1013 26.57 2.01 -57.35
C ILE A 1013 26.60 3.12 -56.31
N LYS A 1014 25.46 3.79 -56.10
CA LYS A 1014 25.41 4.85 -55.09
C LYS A 1014 25.67 4.29 -53.70
N LEU A 1015 25.08 3.14 -53.38
CA LEU A 1015 25.27 2.53 -52.06
C LEU A 1015 26.72 2.15 -51.85
N LYS A 1016 27.36 1.57 -52.87
CA LYS A 1016 28.77 1.22 -52.76
C LYS A 1016 29.64 2.46 -52.60
N SER A 1017 29.33 3.53 -53.35
CA SER A 1017 30.11 4.75 -53.24
C SER A 1017 29.99 5.37 -51.85
N PHE A 1018 28.80 5.32 -51.26
CA PHE A 1018 28.61 5.92 -49.94
C PHE A 1018 29.21 5.06 -48.84
N CYS A 1019 28.89 3.77 -48.82
CA CYS A 1019 29.23 2.92 -47.68
C CYS A 1019 30.74 2.67 -47.60
N THR A 1020 31.41 2.47 -48.73
CA THR A 1020 32.82 2.14 -48.71
C THR A 1020 33.72 3.35 -48.51
N ALA A 1021 33.16 4.56 -48.45
CA ALA A 1021 33.97 5.73 -48.15
C ALA A 1021 34.58 5.59 -46.76
N LYS A 1022 35.82 6.07 -46.63
CA LYS A 1022 36.57 5.87 -45.39
C LYS A 1022 35.88 6.53 -44.21
N GLU A 1023 35.40 7.77 -44.39
CA GLU A 1023 34.76 8.48 -43.29
C GLU A 1023 33.51 7.75 -42.82
N THR A 1024 32.67 7.30 -43.76
CA THR A 1024 31.50 6.52 -43.39
C THR A 1024 31.90 5.22 -42.70
N THR A 1025 32.97 4.58 -43.20
CA THR A 1025 33.41 3.32 -42.60
C THR A 1025 33.81 3.50 -41.15
N ILE A 1026 34.58 4.55 -40.85
CA ILE A 1026 35.00 4.74 -39.46
C ILE A 1026 33.81 5.18 -38.60
N ARG A 1027 32.95 6.04 -39.13
CA ARG A 1027 31.83 6.54 -38.33
C ARG A 1027 30.76 5.46 -38.09
N VAL A 1028 30.74 4.41 -38.91
CA VAL A 1028 29.74 3.35 -38.74
C VAL A 1028 30.33 2.22 -37.91
N ASN A 1029 31.52 1.74 -38.31
CA ASN A 1029 32.12 0.56 -37.70
C ASN A 1029 32.91 0.97 -36.44
N ARG A 1030 32.16 1.44 -35.45
CA ARG A 1030 32.73 1.77 -34.15
C ARG A 1030 31.79 1.26 -33.06
N GLN A 1031 32.37 0.97 -31.91
CA GLN A 1031 31.60 0.41 -30.80
C GLN A 1031 30.68 1.48 -30.21
N PRO A 1032 29.37 1.28 -30.22
CA PRO A 1032 28.48 2.28 -29.63
C PRO A 1032 28.47 2.20 -28.11
N THR A 1033 28.36 3.36 -27.48
CA THR A 1033 28.32 3.46 -26.03
C THR A 1033 26.94 3.06 -25.52
N THR A 1034 26.77 3.12 -24.20
CA THR A 1034 25.48 2.76 -23.61
C THR A 1034 24.39 3.74 -24.02
N TRP A 1035 24.75 5.02 -24.19
CA TRP A 1035 23.76 6.03 -24.52
C TRP A 1035 23.09 5.75 -25.86
N GLU A 1036 23.89 5.34 -26.86
CA GLU A 1036 23.30 4.95 -28.14
C GLU A 1036 22.44 3.69 -27.99
N LYS A 1037 22.89 2.74 -27.18
CA LYS A 1037 22.12 1.51 -26.99
C LYS A 1037 20.77 1.79 -26.34
N ILE A 1038 20.68 2.83 -25.52
CA ILE A 1038 19.44 3.11 -24.82
C ILE A 1038 18.33 3.45 -25.81
N PHE A 1039 18.66 4.18 -26.86
CA PHE A 1039 17.66 4.70 -27.80
C PHE A 1039 17.52 3.88 -29.06
N ALA A 1040 18.29 2.83 -29.23
CA ALA A 1040 18.23 2.12 -30.51
C ALA A 1040 18.01 0.62 -30.37
N THR A 1041 18.61 -0.03 -29.37
CA THR A 1041 18.60 -1.48 -29.32
C THR A 1041 17.24 -2.03 -28.91
N TYR A 1042 16.69 -1.54 -27.81
CA TYR A 1042 15.44 -2.07 -27.28
C TYR A 1042 14.26 -1.55 -28.07
N SER A 1043 13.40 -2.46 -28.51
CA SER A 1043 12.17 -2.11 -29.19
C SER A 1043 11.02 -1.86 -28.24
N SER A 1044 11.25 -2.01 -26.93
CA SER A 1044 10.23 -1.78 -25.92
C SER A 1044 10.58 -0.55 -25.10
N ASP A 1045 9.57 0.27 -24.81
CA ASP A 1045 9.74 1.50 -24.04
C ASP A 1045 9.63 1.27 -22.54
N LYS A 1046 9.49 0.02 -22.10
CA LYS A 1046 9.36 -0.26 -20.68
C LYS A 1046 10.67 0.02 -19.96
N GLY A 1047 10.59 0.77 -18.86
CA GLY A 1047 11.78 1.12 -18.11
C GLY A 1047 12.69 2.09 -18.80
N LEU A 1048 12.17 2.89 -19.75
CA LEU A 1048 13.01 3.81 -20.50
C LEU A 1048 13.51 4.95 -19.62
N ILE A 1049 12.62 5.52 -18.80
CA ILE A 1049 12.99 6.64 -17.95
C ILE A 1049 14.08 6.23 -16.98
N SER A 1050 13.99 5.01 -16.43
CA SER A 1050 15.00 4.53 -15.50
C SER A 1050 16.37 4.44 -16.17
N ARG A 1051 16.43 3.87 -17.37
CA ARG A 1051 17.72 3.72 -18.05
C ARG A 1051 18.29 5.08 -18.43
N ILE A 1052 17.45 5.98 -18.95
CA ILE A 1052 17.95 7.30 -19.33
C ILE A 1052 18.43 8.06 -18.11
N TYR A 1053 17.70 7.96 -17.00
CA TYR A 1053 18.10 8.65 -15.78
C TYR A 1053 19.40 8.09 -15.22
N ASN A 1054 19.57 6.76 -15.26
CA ASN A 1054 20.81 6.17 -14.79
C ASN A 1054 21.99 6.61 -15.65
N GLU A 1055 21.80 6.61 -16.97
CA GLU A 1055 22.88 7.04 -17.85
C GLU A 1055 23.20 8.52 -17.65
N LEU A 1056 22.17 9.34 -17.43
CA LEU A 1056 22.40 10.77 -17.22
C LEU A 1056 23.08 11.03 -15.88
N LYS A 1057 22.76 10.23 -14.87
CA LYS A 1057 23.46 10.33 -13.59
C LYS A 1057 24.92 9.95 -13.74
N GLN A 1058 25.20 8.91 -14.53
CA GLN A 1058 26.59 8.55 -14.82
C GLN A 1058 27.30 9.66 -15.60
N ILE A 1059 26.59 10.31 -16.52
CA ILE A 1059 27.19 11.36 -17.33
C ILE A 1059 27.51 12.59 -16.48
N TYR A 1060 26.55 13.02 -15.67
CA TYR A 1060 26.69 14.23 -14.86
C TYR A 1060 27.24 13.89 -13.47
N LYS A 1061 28.41 13.27 -13.46
CA LYS A 1061 29.08 12.92 -12.21
C LYS A 1061 29.88 14.14 -11.75
N LYS A 1062 29.22 15.03 -11.03
CA LYS A 1062 29.88 16.22 -10.51
C LYS A 1062 30.92 15.84 -9.48
N LYS A 1063 32.06 16.56 -9.51
CA LYS A 1063 33.11 16.33 -8.55
C LYS A 1063 32.62 16.62 -7.14
N THR A 1064 32.88 15.70 -6.22
CA THR A 1064 32.40 15.81 -4.84
C THR A 1064 33.53 15.48 -3.88
N ASN A 1065 33.52 16.16 -2.74
CA ASN A 1065 34.46 15.83 -1.68
C ASN A 1065 34.16 14.44 -1.11
N ASN A 1066 35.22 13.73 -0.77
CA ASN A 1066 35.06 12.39 -0.20
C ASN A 1066 35.28 12.47 1.29
N PRO A 1067 34.22 12.39 2.12
CA PRO A 1067 34.40 12.54 3.57
C PRO A 1067 35.15 11.39 4.21
N ILE A 1068 35.25 10.23 3.54
CA ILE A 1068 36.07 9.15 4.09
C ILE A 1068 37.55 9.54 4.03
N LYS A 1069 37.96 10.24 2.98
CA LYS A 1069 39.31 10.79 2.94
C LYS A 1069 39.51 11.85 4.01
N LYS A 1070 38.48 12.64 4.31
CA LYS A 1070 38.56 13.57 5.43
C LYS A 1070 38.74 12.83 6.75
N TRP A 1071 38.03 11.71 6.91
CA TRP A 1071 38.21 10.85 8.08
C TRP A 1071 39.65 10.38 8.17
N ALA A 1072 40.21 9.94 7.04
CA ALA A 1072 41.60 9.53 7.01
C ALA A 1072 42.53 10.66 7.44
N LYS A 1073 42.26 11.87 6.95
CA LYS A 1073 43.06 13.03 7.37
C LYS A 1073 42.94 13.29 8.86
N ASP A 1074 41.78 13.00 9.45
CA ASP A 1074 41.61 13.20 10.88
C ASP A 1074 42.53 12.30 11.70
N MET A 1075 42.67 11.04 11.29
CA MET A 1075 43.48 10.08 12.02
C MET A 1075 44.86 9.89 11.42
N ASN A 1076 45.41 10.96 10.82
CA ASN A 1076 46.75 11.00 10.23
C ASN A 1076 47.10 9.74 9.44
N ARG A 1077 46.13 9.21 8.70
CA ARG A 1077 46.31 8.00 7.91
C ARG A 1077 45.89 8.28 6.48
N HIS A 1078 46.45 7.51 5.55
CA HIS A 1078 46.10 7.58 4.14
C HIS A 1078 45.42 6.29 3.72
N PHE A 1079 44.27 6.43 3.06
CA PHE A 1079 43.50 5.28 2.61
C PHE A 1079 43.71 5.08 1.11
N SER A 1080 43.84 3.82 0.70
CA SER A 1080 43.92 3.50 -0.72
C SER A 1080 42.51 3.38 -1.30
N LYS A 1081 42.47 3.18 -2.62
CA LYS A 1081 41.18 2.99 -3.29
C LYS A 1081 40.49 1.72 -2.82
N GLU A 1082 41.27 0.68 -2.49
CA GLU A 1082 40.70 -0.54 -1.95
C GLU A 1082 40.01 -0.26 -0.61
N ASP A 1083 40.64 0.57 0.23
CA ASP A 1083 40.04 0.90 1.53
C ASP A 1083 38.74 1.68 1.35
N ILE A 1084 38.71 2.64 0.42
CA ILE A 1084 37.48 3.40 0.18
C ILE A 1084 36.39 2.50 -0.37
N TYR A 1085 36.75 1.58 -1.28
CA TYR A 1085 35.76 0.65 -1.81
C TYR A 1085 35.22 -0.24 -0.70
N ALA A 1086 36.09 -0.71 0.20
CA ALA A 1086 35.64 -1.53 1.30
C ALA A 1086 34.71 -0.74 2.23
N ALA A 1087 35.04 0.52 2.49
CA ALA A 1087 34.18 1.35 3.32
C ALA A 1087 32.82 1.55 2.69
N LYS A 1088 32.78 1.83 1.38
CA LYS A 1088 31.52 2.01 0.69
C LYS A 1088 30.69 0.73 0.69
N LYS A 1089 31.34 -0.41 0.46
CA LYS A 1089 30.62 -1.68 0.47
C LYS A 1089 30.09 -2.01 1.85
N HIS A 1090 30.87 -1.71 2.90
CA HIS A 1090 30.40 -1.90 4.26
C HIS A 1090 29.22 -1.00 4.56
N MET A 1091 29.26 0.25 4.07
CA MET A 1091 28.15 1.16 4.25
C MET A 1091 26.89 0.66 3.57
N LYS A 1092 27.03 0.09 2.37
CA LYS A 1092 25.87 -0.43 1.66
C LYS A 1092 25.36 -1.74 2.25
N LYS A 1093 26.26 -2.53 2.83
CA LYS A 1093 25.98 -3.91 3.20
C LYS A 1093 25.93 -4.11 4.71
N CYS A 1094 25.91 -3.02 5.49
CA CYS A 1094 26.05 -3.11 6.94
C CYS A 1094 25.01 -4.05 7.54
N SER A 1095 23.75 -3.90 7.15
CA SER A 1095 22.70 -4.79 7.61
C SER A 1095 21.52 -4.72 6.65
N SER A 1096 20.66 -5.74 6.71
CA SER A 1096 19.47 -5.76 5.87
C SER A 1096 18.49 -4.64 6.20
N SER A 1097 18.30 -4.34 7.48
CA SER A 1097 17.40 -3.27 7.89
C SER A 1097 18.03 -1.91 7.59
N LEU A 1098 17.19 -0.91 7.45
CA LEU A 1098 17.66 0.40 7.03
C LEU A 1098 18.17 1.25 8.19
N ALA A 1099 17.79 0.94 9.43
CA ALA A 1099 18.26 1.74 10.56
C ALA A 1099 19.76 1.54 10.78
N ILE A 1100 20.25 0.30 10.66
CA ILE A 1100 21.66 0.04 10.86
C ILE A 1100 22.49 0.70 9.77
N ARG A 1101 22.03 0.60 8.51
CA ARG A 1101 22.71 1.31 7.43
C ARG A 1101 22.67 2.82 7.66
N GLU A 1102 21.56 3.33 8.20
CA GLU A 1102 21.48 4.76 8.49
C GLU A 1102 22.51 5.17 9.54
N MET A 1103 22.68 4.35 10.58
CA MET A 1103 23.69 4.65 11.60
C MET A 1103 25.08 4.65 10.99
N GLN A 1104 25.39 3.64 10.16
CA GLN A 1104 26.70 3.58 9.53
C GLN A 1104 26.92 4.75 8.59
N ILE A 1105 25.89 5.15 7.85
CA ILE A 1105 25.98 6.31 6.98
C ILE A 1105 26.25 7.56 7.79
N LYS A 1106 25.54 7.71 8.91
CA LYS A 1106 25.70 8.90 9.74
C LYS A 1106 27.11 8.99 10.30
N THR A 1107 27.67 7.87 10.77
CA THR A 1107 29.01 7.95 11.35
C THR A 1107 30.08 8.13 10.30
N THR A 1108 29.96 7.46 9.14
CA THR A 1108 31.00 7.57 8.13
C THR A 1108 30.94 8.90 7.39
N MET A 1109 29.75 9.37 7.03
CA MET A 1109 29.58 10.61 6.30
C MET A 1109 29.77 11.85 7.16
N ARG A 1110 30.22 11.68 8.41
CA ARG A 1110 30.41 12.80 9.33
C ARG A 1110 29.12 13.58 9.55
N TYR A 1111 27.99 12.85 9.58
CA TYR A 1111 26.72 13.49 9.85
C TYR A 1111 26.68 14.09 11.24
N HIS A 1112 27.25 13.39 12.22
CA HIS A 1112 27.22 13.87 13.59
C HIS A 1112 28.02 15.16 13.73
N LEU A 1113 27.57 16.02 14.63
CA LEU A 1113 28.09 17.38 14.74
C LEU A 1113 29.12 17.45 15.88
N THR A 1114 30.26 18.07 15.59
CA THR A 1114 31.41 18.10 16.48
C THR A 1114 31.44 19.39 17.29
N PRO A 1115 32.01 19.36 18.50
CA PRO A 1115 32.11 20.60 19.30
C PRO A 1115 32.92 21.70 18.64
N VAL A 1116 33.99 21.36 17.91
CA VAL A 1116 34.75 22.40 17.23
C VAL A 1116 33.91 23.03 16.13
N ARG A 1117 33.03 22.23 15.51
CA ARG A 1117 32.10 22.78 14.52
C ARG A 1117 31.19 23.82 15.15
N MET A 1118 30.67 23.54 16.35
CA MET A 1118 29.85 24.52 17.05
C MET A 1118 30.66 25.75 17.45
N ALA A 1119 31.90 25.54 17.91
CA ALA A 1119 32.74 26.68 18.27
C ALA A 1119 32.96 27.60 17.07
N ILE A 1120 33.15 27.01 15.89
CA ILE A 1120 33.28 27.82 14.68
C ILE A 1120 31.95 28.47 14.31
N ILE A 1121 30.84 27.75 14.46
CA ILE A 1121 29.54 28.29 14.09
C ILE A 1121 29.22 29.52 14.94
N LYS A 1122 29.41 29.41 16.24
CA LYS A 1122 29.19 30.53 17.16
C LYS A 1122 30.33 31.52 17.17
N LYS A 1123 31.43 31.22 16.48
CA LYS A 1123 32.63 32.06 16.44
C LYS A 1123 33.12 32.36 17.87
N SER A 1124 33.29 31.30 18.65
CA SER A 1124 33.76 31.40 20.02
C SER A 1124 34.82 30.34 20.26
N GLY A 1125 35.57 30.51 21.35
CA GLY A 1125 36.64 29.62 21.71
C GLY A 1125 36.21 28.38 22.47
N ASN A 1126 34.91 28.10 22.54
CA ASN A 1126 34.40 26.94 23.27
C ASN A 1126 34.44 25.69 22.38
N ASN A 1127 35.65 25.35 21.94
CA ASN A 1127 35.90 24.17 21.14
C ASN A 1127 36.29 22.96 21.99
N ARG A 1128 36.22 23.09 23.31
CA ARG A 1128 36.58 21.99 24.19
C ARG A 1128 35.60 20.83 24.02
N CYS A 1129 36.11 19.62 24.24
CA CYS A 1129 35.29 18.42 24.06
C CYS A 1129 34.11 18.42 25.02
N TRP A 1130 32.97 17.96 24.53
CA TRP A 1130 31.80 17.84 25.38
C TRP A 1130 31.99 16.72 26.40
N ARG A 1131 31.09 16.68 27.39
CA ARG A 1131 31.06 15.71 28.47
C ARG A 1131 32.18 15.96 29.48
N GLY A 1132 33.12 16.83 29.14
CA GLY A 1132 34.17 17.25 30.05
C GLY A 1132 35.43 16.44 29.90
N CYS A 1133 36.41 16.96 29.17
CA CYS A 1133 37.69 16.27 29.06
C CYS A 1133 38.88 17.18 29.26
N GLY A 1134 38.82 18.44 28.81
CA GLY A 1134 39.98 19.28 28.71
C GLY A 1134 40.77 19.11 27.43
N GLU A 1135 40.30 18.25 26.51
CA GLU A 1135 40.95 18.05 25.23
C GLU A 1135 40.13 18.67 24.11
N ILE A 1136 40.73 18.72 22.92
CA ILE A 1136 40.04 19.29 21.76
C ILE A 1136 38.96 18.33 21.29
N GLY A 1137 37.80 18.88 20.93
CA GLY A 1137 36.67 18.06 20.55
C GLY A 1137 36.51 17.80 19.07
N THR A 1138 37.48 17.15 18.44
CA THR A 1138 37.34 16.78 17.05
C THR A 1138 36.43 15.55 16.93
N LEU A 1139 36.00 15.28 15.70
CA LEU A 1139 35.07 14.16 15.48
C LEU A 1139 35.69 12.83 15.88
N LEU A 1140 36.96 12.61 15.52
CA LEU A 1140 37.63 11.37 15.90
C LEU A 1140 37.75 11.26 17.42
N HIS A 1141 38.00 12.38 18.10
CA HIS A 1141 37.98 12.38 19.56
C HIS A 1141 36.61 11.99 20.09
N CYS A 1142 35.55 12.55 19.51
CA CYS A 1142 34.20 12.27 19.99
C CYS A 1142 33.81 10.82 19.78
N TRP A 1143 34.33 10.19 18.73
CA TRP A 1143 33.98 8.80 18.46
C TRP A 1143 34.92 7.82 19.17
N TRP A 1144 36.23 8.06 19.09
CA TRP A 1144 37.24 7.09 19.53
C TRP A 1144 38.05 7.57 20.72
N ASP A 1145 38.72 8.72 20.60
CA ASP A 1145 39.76 9.10 21.54
C ASP A 1145 39.23 9.67 22.85
N CYS A 1146 37.91 9.79 23.00
CA CYS A 1146 37.34 10.37 24.21
C CYS A 1146 37.61 9.47 25.40
N LYS A 1147 38.10 10.05 26.50
CA LYS A 1147 38.38 9.27 27.69
C LYS A 1147 37.11 8.70 28.33
N LEU A 1148 35.97 9.34 28.10
CA LEU A 1148 34.70 8.88 28.65
C LEU A 1148 34.01 7.84 27.77
N VAL A 1149 34.49 7.61 26.55
CA VAL A 1149 33.96 6.56 25.69
C VAL A 1149 34.96 5.44 25.47
N GLN A 1150 36.22 5.63 25.85
CA GLN A 1150 37.20 4.56 25.72
C GLN A 1150 36.83 3.29 26.49
N PRO A 1151 36.32 3.35 27.73
CA PRO A 1151 35.97 2.09 28.41
C PRO A 1151 34.99 1.23 27.65
N LEU A 1152 34.01 1.85 26.97
CA LEU A 1152 33.09 1.07 26.14
C LEU A 1152 33.84 0.33 25.05
N TRP A 1153 34.79 1.00 24.39
CA TRP A 1153 35.56 0.36 23.33
C TRP A 1153 36.48 -0.73 23.88
N LYS A 1154 37.02 -0.54 25.08
CA LYS A 1154 37.81 -1.60 25.70
C LYS A 1154 36.94 -2.81 26.00
N SER A 1155 35.71 -2.60 26.47
CA SER A 1155 34.79 -3.71 26.65
C SER A 1155 34.49 -4.41 25.33
N VAL A 1156 34.28 -3.62 24.27
CA VAL A 1156 34.02 -4.19 22.95
C VAL A 1156 35.20 -5.07 22.52
N TRP A 1157 36.42 -4.56 22.67
CA TRP A 1157 37.59 -5.30 22.25
C TRP A 1157 37.83 -6.53 23.12
N ARG A 1158 37.47 -6.46 24.40
CA ARG A 1158 37.47 -7.66 25.23
C ARG A 1158 36.49 -8.70 24.69
N PHE A 1159 35.34 -8.24 24.20
CA PHE A 1159 34.39 -9.16 23.59
C PHE A 1159 34.96 -9.79 22.32
N LEU A 1160 35.63 -9.00 21.48
CA LEU A 1160 36.31 -9.59 20.32
C LEU A 1160 37.38 -10.60 20.75
N ARG A 1161 38.10 -10.30 21.82
CA ARG A 1161 39.09 -11.25 22.33
C ARG A 1161 38.42 -12.55 22.78
N ASP A 1162 37.22 -12.44 23.38
CA ASP A 1162 36.45 -13.63 23.69
C ASP A 1162 35.97 -14.35 22.44
N LEU A 1163 35.90 -13.65 21.31
CA LEU A 1163 35.59 -14.25 20.02
C LEU A 1163 36.82 -14.81 19.32
N GLU A 1164 37.99 -14.76 19.96
CA GLU A 1164 39.25 -15.19 19.38
C GLU A 1164 39.56 -14.41 18.11
N LEU A 1165 39.24 -13.11 18.13
CA LEU A 1165 39.52 -12.20 17.01
C LEU A 1165 40.50 -11.15 17.51
N GLU A 1166 41.71 -11.14 16.94
CA GLU A 1166 42.76 -10.21 17.36
C GLU A 1166 42.71 -8.94 16.51
N ILE A 1167 41.52 -8.34 16.45
CA ILE A 1167 41.33 -7.13 15.67
C ILE A 1167 42.12 -6.00 16.30
N PRO A 1168 42.90 -5.25 15.52
CA PRO A 1168 43.69 -4.15 16.09
C PRO A 1168 42.79 -3.02 16.59
N PHE A 1169 43.30 -2.30 17.58
CA PHE A 1169 42.58 -1.17 18.17
C PHE A 1169 42.76 0.06 17.28
N ASP A 1170 42.08 0.04 16.14
CA ASP A 1170 42.18 1.08 15.15
C ASP A 1170 40.79 1.60 14.84
N PRO A 1171 40.53 2.90 14.99
CA PRO A 1171 39.15 3.40 14.90
C PRO A 1171 38.52 3.22 13.52
N ALA A 1172 39.31 3.02 12.48
CA ALA A 1172 38.75 2.87 11.14
C ALA A 1172 37.84 1.66 11.06
N ILE A 1173 38.22 0.55 11.70
CA ILE A 1173 37.42 -0.68 11.61
C ILE A 1173 36.01 -0.48 12.13
N PRO A 1174 35.78 0.09 13.33
CA PRO A 1174 34.39 0.29 13.76
C PRO A 1174 33.72 1.52 13.17
N LEU A 1175 34.46 2.59 12.92
CA LEU A 1175 33.83 3.82 12.47
C LEU A 1175 33.48 3.81 10.99
N LEU A 1176 34.33 3.22 10.15
CA LEU A 1176 34.13 3.24 8.71
C LEU A 1176 34.04 1.86 8.09
N GLY A 1177 34.38 0.80 8.82
CA GLY A 1177 34.32 -0.54 8.27
C GLY A 1177 35.51 -0.94 7.43
N ILE A 1178 36.61 -0.20 7.51
CA ILE A 1178 37.81 -0.49 6.75
C ILE A 1178 38.67 -1.47 7.54
N TYR A 1179 38.92 -2.62 6.96
CA TYR A 1179 39.73 -3.66 7.60
C TYR A 1179 41.13 -3.69 6.98
N PRO A 1180 42.14 -4.03 7.78
CA PRO A 1180 43.49 -4.21 7.22
C PRO A 1180 43.54 -5.39 6.26
N ASN A 1181 44.52 -5.33 5.36
CA ASN A 1181 44.64 -6.37 4.33
C ASN A 1181 44.93 -7.74 4.92
N GLU A 1182 45.43 -7.80 6.16
CA GLU A 1182 45.70 -9.08 6.81
C GLU A 1182 44.45 -9.73 7.37
N TYR A 1183 43.30 -9.04 7.35
CA TYR A 1183 42.08 -9.57 7.95
C TYR A 1183 40.95 -9.60 6.94
N LYS A 1184 41.23 -10.15 5.75
CA LYS A 1184 40.24 -10.26 4.69
C LYS A 1184 39.22 -11.38 4.95
N SER A 1185 39.43 -12.19 5.99
CA SER A 1185 38.50 -13.29 6.28
C SER A 1185 37.11 -12.75 6.57
N CYS A 1186 36.12 -13.34 5.92
CA CYS A 1186 34.73 -12.90 6.03
C CYS A 1186 33.89 -13.79 6.94
N CYS A 1187 34.52 -14.72 7.66
CA CYS A 1187 33.77 -15.59 8.56
C CYS A 1187 33.31 -14.88 9.82
N TYR A 1188 33.76 -13.64 10.05
CA TYR A 1188 33.41 -12.90 11.25
C TYR A 1188 33.05 -11.45 10.99
N LYS A 1189 32.98 -11.02 9.72
CA LYS A 1189 32.75 -9.61 9.43
C LYS A 1189 31.39 -9.15 9.94
N ASP A 1190 30.36 -9.97 9.76
CA ASP A 1190 29.01 -9.57 10.16
C ASP A 1190 28.91 -9.38 11.67
N THR A 1191 29.52 -10.28 12.44
CA THR A 1191 29.44 -10.18 13.89
C THR A 1191 30.05 -8.88 14.39
N CYS A 1192 31.30 -8.62 14.00
CA CYS A 1192 31.96 -7.40 14.41
C CYS A 1192 31.25 -6.16 13.88
N THR A 1193 30.67 -6.25 12.69
CA THR A 1193 29.88 -5.14 12.17
C THR A 1193 28.72 -4.82 13.10
N ARG A 1194 28.00 -5.84 13.54
CA ARG A 1194 26.87 -5.60 14.44
C ARG A 1194 27.31 -5.04 15.78
N MET A 1195 28.41 -5.59 16.35
CA MET A 1195 28.89 -5.06 17.63
C MET A 1195 29.33 -3.61 17.50
N PHE A 1196 30.05 -3.28 16.43
CA PHE A 1196 30.50 -1.91 16.25
C PHE A 1196 29.33 -0.96 16.03
N ILE A 1197 28.32 -1.38 15.26
CA ILE A 1197 27.18 -0.50 15.05
C ILE A 1197 26.39 -0.31 16.33
N ALA A 1198 26.30 -1.34 17.18
CA ALA A 1198 25.63 -1.16 18.47
C ALA A 1198 26.42 -0.22 19.37
N ALA A 1199 27.75 -0.33 19.35
CA ALA A 1199 28.57 0.60 20.12
C ALA A 1199 28.38 2.03 19.62
N LEU A 1200 28.29 2.21 18.30
CA LEU A 1200 28.05 3.54 17.74
C LEU A 1200 26.69 4.07 18.17
N PHE A 1201 25.67 3.21 18.18
CA PHE A 1201 24.35 3.62 18.67
C PHE A 1201 24.42 4.08 20.12
N THR A 1202 25.10 3.29 20.96
CA THR A 1202 25.21 3.65 22.38
C THR A 1202 25.95 4.97 22.57
N ILE A 1203 27.03 5.17 21.82
CA ILE A 1203 27.76 6.43 21.92
C ILE A 1203 26.92 7.60 21.44
N ALA A 1204 26.17 7.41 20.35
CA ALA A 1204 25.32 8.48 19.84
C ALA A 1204 24.21 8.81 20.82
N LYS A 1205 23.78 7.84 21.63
CA LYS A 1205 22.76 8.14 22.65
C LYS A 1205 23.29 9.13 23.69
N THR A 1206 24.60 9.11 23.96
CA THR A 1206 25.22 9.94 24.98
C THR A 1206 26.22 10.93 24.36
N TRP A 1207 25.81 11.60 23.29
CA TRP A 1207 26.72 12.41 22.51
C TRP A 1207 27.32 13.55 23.33
N ASN A 1208 26.51 14.20 24.16
CA ASN A 1208 27.02 15.28 25.02
C ASN A 1208 26.72 15.05 26.50
N GLN A 1209 26.12 13.91 26.85
CA GLN A 1209 25.82 13.61 28.23
C GLN A 1209 27.12 13.38 28.99
N PRO A 1210 27.36 14.10 30.09
CA PRO A 1210 28.65 13.94 30.81
C PRO A 1210 28.89 12.53 31.31
N LYS A 1211 27.85 11.73 31.50
CA LYS A 1211 28.03 10.36 31.95
C LYS A 1211 28.72 9.53 30.88
N CYS A 1212 29.51 8.56 31.33
CA CYS A 1212 30.18 7.64 30.42
C CYS A 1212 29.16 6.66 29.85
N PRO A 1213 29.17 6.41 28.54
CA PRO A 1213 28.31 5.35 27.99
C PRO A 1213 28.63 4.01 28.63
N THR A 1214 27.59 3.27 28.97
CA THR A 1214 27.74 2.08 29.79
C THR A 1214 27.59 0.82 28.95
N MET A 1215 28.31 -0.22 29.38
CA MET A 1215 28.31 -1.49 28.66
C MET A 1215 26.92 -2.14 28.66
N ILE A 1216 26.13 -1.94 29.73
CA ILE A 1216 24.81 -2.55 29.79
C ILE A 1216 23.89 -1.96 28.72
N ASP A 1217 24.01 -0.66 28.45
CA ASP A 1217 23.25 -0.06 27.36
C ASP A 1217 23.67 -0.66 26.02
N TRP A 1218 24.97 -0.91 25.85
CA TRP A 1218 25.46 -1.52 24.63
C TRP A 1218 24.90 -2.92 24.44
N ILE A 1219 24.85 -3.70 25.52
CA ILE A 1219 24.24 -5.03 25.45
C ILE A 1219 22.76 -4.94 25.19
N LYS A 1220 22.10 -3.92 25.73
CA LYS A 1220 20.68 -3.72 25.46
C LYS A 1220 20.44 -3.46 23.97
N LYS A 1221 21.32 -2.65 23.35
CA LYS A 1221 21.21 -2.44 21.92
C LYS A 1221 21.48 -3.73 21.15
N MET A 1222 22.48 -4.51 21.58
CA MET A 1222 22.68 -5.84 21.03
C MET A 1222 21.41 -6.66 21.05
N TRP A 1223 20.71 -6.69 22.18
CA TRP A 1223 19.54 -7.56 22.26
C TRP A 1223 18.34 -6.99 21.52
N HIS A 1224 18.22 -5.66 21.41
CA HIS A 1224 17.21 -5.10 20.53
C HIS A 1224 17.43 -5.55 19.10
N ILE A 1225 18.67 -5.41 18.60
CA ILE A 1225 18.98 -5.86 17.24
C ILE A 1225 18.83 -7.37 17.14
N TYR A 1226 19.16 -8.09 18.22
CA TYR A 1226 19.01 -9.55 18.25
C TYR A 1226 17.57 -9.95 18.01
N THR A 1227 16.65 -9.39 18.79
CA THR A 1227 15.24 -9.73 18.61
C THR A 1227 14.77 -9.35 17.22
N MET A 1228 15.09 -8.13 16.77
CA MET A 1228 14.65 -7.69 15.46
C MET A 1228 15.13 -8.64 14.36
N GLU A 1229 16.44 -8.92 14.34
CA GLU A 1229 17.00 -9.72 13.26
C GLU A 1229 16.60 -11.18 13.36
N TYR A 1230 16.43 -11.72 14.58
CA TYR A 1230 15.99 -13.10 14.70
C TYR A 1230 14.58 -13.27 14.17
N TYR A 1231 13.68 -12.36 14.52
CA TYR A 1231 12.32 -12.49 14.03
C TYR A 1231 12.24 -12.23 12.53
N ALA A 1232 13.09 -11.33 12.03
CA ALA A 1232 13.18 -11.13 10.58
C ALA A 1232 13.67 -12.39 9.88
N ALA A 1233 14.66 -13.06 10.46
CA ALA A 1233 15.21 -14.27 9.85
C ALA A 1233 14.22 -15.42 9.88
N ILE A 1234 13.51 -15.58 11.01
CA ILE A 1234 12.50 -16.64 11.07
C ILE A 1234 11.36 -16.33 10.12
N LYS A 1235 11.08 -15.04 9.86
CA LYS A 1235 10.08 -14.70 8.85
C LYS A 1235 10.61 -14.86 7.43
N ASN A 1236 11.91 -14.74 7.23
CA ASN A 1236 12.51 -14.77 5.90
C ASN A 1236 13.29 -16.05 5.61
N ASP A 1237 13.15 -17.06 6.46
CA ASP A 1237 13.82 -18.35 6.28
C ASP A 1237 15.34 -18.18 6.15
N GLU A 1238 15.91 -17.32 6.99
CA GLU A 1238 17.35 -17.10 7.05
C GLU A 1238 17.91 -17.54 8.40
N PHE A 1239 17.40 -18.67 8.91
CA PHE A 1239 17.79 -19.13 10.24
C PHE A 1239 19.26 -19.50 10.29
N ILE A 1240 19.74 -20.27 9.31
CA ILE A 1240 21.10 -20.81 9.36
C ILE A 1240 22.12 -19.68 9.41
N SER A 1241 21.96 -18.69 8.53
CA SER A 1241 22.89 -17.57 8.51
C SER A 1241 22.87 -16.81 9.82
N PHE A 1242 21.67 -16.60 10.38
CA PHE A 1242 21.55 -15.83 11.62
C PHE A 1242 22.26 -16.52 12.78
N VAL A 1243 22.08 -17.84 12.91
CA VAL A 1243 22.82 -18.56 13.94
C VAL A 1243 24.32 -18.47 13.66
N GLY A 1244 24.72 -18.73 12.41
CA GLY A 1244 26.13 -18.69 12.07
C GLY A 1244 26.79 -17.36 12.33
N THR A 1245 26.01 -16.27 12.37
CA THR A 1245 26.61 -14.97 12.61
C THR A 1245 26.45 -14.46 14.04
N TRP A 1246 25.50 -14.97 14.84
CA TRP A 1246 25.39 -14.50 16.21
C TRP A 1246 25.46 -15.54 17.32
N MET A 1247 25.74 -16.80 17.03
CA MET A 1247 25.70 -17.81 18.09
C MET A 1247 26.76 -17.53 19.15
N LYS A 1248 28.00 -17.33 18.72
CA LYS A 1248 29.10 -17.08 19.65
C LYS A 1248 28.91 -15.75 20.36
N LEU A 1249 28.42 -14.73 19.66
CA LEU A 1249 28.18 -13.43 20.27
C LEU A 1249 27.14 -13.55 21.38
N GLU A 1250 26.06 -14.29 21.14
CA GLU A 1250 25.06 -14.50 22.18
C GLU A 1250 25.64 -15.26 23.36
N THR A 1251 26.46 -16.29 23.08
CA THR A 1251 27.07 -17.04 24.18
C THR A 1251 27.94 -16.13 25.05
N ILE A 1252 28.77 -15.30 24.41
CA ILE A 1252 29.67 -14.43 25.15
C ILE A 1252 28.88 -13.40 25.95
N ILE A 1253 27.82 -12.83 25.34
CA ILE A 1253 27.03 -11.83 26.04
C ILE A 1253 26.34 -12.44 27.26
N LEU A 1254 25.76 -13.64 27.11
CA LEU A 1254 25.13 -14.28 28.25
C LEU A 1254 26.13 -14.65 29.33
N SER A 1255 27.35 -15.03 28.94
CA SER A 1255 28.36 -15.36 29.93
C SER A 1255 28.83 -14.13 30.71
N LYS A 1256 28.78 -12.95 30.11
CA LYS A 1256 29.26 -11.72 30.73
C LYS A 1256 28.16 -10.94 31.45
N LEU A 1257 26.96 -11.50 31.57
CA LEU A 1257 25.83 -10.80 32.17
C LEU A 1257 25.36 -11.55 33.41
N SER A 1258 25.16 -10.81 34.50
CA SER A 1258 24.68 -11.44 35.73
C SER A 1258 23.18 -11.73 35.63
N GLN A 1259 22.72 -12.59 36.54
CA GLN A 1259 21.34 -13.09 36.46
C GLN A 1259 20.32 -11.98 36.63
N GLU A 1260 20.57 -11.05 37.57
CA GLU A 1260 19.60 -9.99 37.83
C GLU A 1260 19.41 -9.10 36.61
N GLN A 1261 20.51 -8.69 35.98
CA GLN A 1261 20.41 -7.85 34.79
C GLN A 1261 19.77 -8.59 33.63
N LYS A 1262 20.08 -9.89 33.49
CA LYS A 1262 19.44 -10.69 32.44
C LYS A 1262 17.94 -10.75 32.65
N THR A 1263 17.50 -10.98 33.89
CA THR A 1263 16.07 -11.10 34.16
C THR A 1263 15.35 -9.77 33.98
N LYS A 1264 15.97 -8.68 34.47
CA LYS A 1264 15.30 -7.38 34.41
C LYS A 1264 15.29 -6.80 33.00
N HIS A 1265 16.24 -7.18 32.16
CA HIS A 1265 16.30 -6.69 30.78
C HIS A 1265 15.76 -7.70 29.78
N ARG A 1266 15.19 -8.81 30.24
CA ARG A 1266 14.61 -9.84 29.38
C ARG A 1266 15.64 -10.36 28.37
N ILE A 1267 16.85 -10.61 28.87
CA ILE A 1267 17.94 -11.15 28.07
C ILE A 1267 18.14 -12.61 28.47
N PHE A 1268 17.93 -13.52 27.53
CA PHE A 1268 18.04 -14.95 27.81
C PHE A 1268 18.29 -15.69 26.49
N SER A 1269 18.65 -16.96 26.62
CA SER A 1269 18.87 -17.80 25.45
C SER A 1269 17.61 -17.87 24.61
N LEU A 1270 17.77 -17.73 23.30
CA LEU A 1270 16.63 -17.69 22.39
C LEU A 1270 16.79 -18.58 21.16
N ILE A 1271 18.01 -18.92 20.75
CA ILE A 1271 18.24 -19.86 19.66
C ILE A 1271 18.96 -21.08 20.21
N GLY A 1272 19.01 -22.12 19.39
CA GLY A 1272 19.73 -23.34 19.73
C GLY A 1272 20.56 -23.87 18.59
N GLY A 1273 21.14 -25.05 18.76
CA GLY A 1273 21.92 -25.65 17.70
C GLY A 1273 21.06 -26.37 16.68
N ASN A 1274 20.09 -25.67 16.12
CA ASN A 1274 19.17 -26.26 15.15
C ASN A 1274 19.64 -26.03 13.72
ZN ZN F . 36.31 13.89 25.13
#